data_9CXC
#
_entry.id   9CXC
#
_cell.length_a   1.00
_cell.length_b   1.00
_cell.length_c   1.00
_cell.angle_alpha   90.00
_cell.angle_beta   90.00
_cell.angle_gamma   90.00
#
_symmetry.space_group_name_H-M   'P 1'
#
loop_
_entity.id
_entity.type
_entity.pdbx_description
1 polymer 'Gamma-aminobutyric acid receptor subunit beta-3'
2 polymer 'Gamma-aminobutyric acid receptor subunit alpha-1'
3 polymer 'Gamma-aminobutyric acid receptor subunit gamma-2'
4 polymer 'Gamma-aminobutyric acid receptor subunit beta-2'
5 polymer 'Gamma-aminobutyric acid receptor subunit alpha-2'
6 polymer 'IgG2b Fab_1F4 Heavy Chain'
7 polymer 'Kappa Fab_1F4 Light Chain'
8 branched 2-acetamido-2-deoxy-beta-D-glucopyranose-(1-4)-2-acetamido-2-deoxy-beta-D-glucopyranose
9 branched beta-D-mannopyranose-(1-4)-2-acetamido-2-deoxy-beta-D-glucopyranose-(1-4)-2-acetamido-2-deoxy-beta-D-glucopyranose
10 branched alpha-D-mannopyranose-(1-3)-alpha-D-mannopyranose-(1-6)-[alpha-D-mannopyranose-(1-3)]beta-D-mannopyranose-(1-4)-2-acetamido-2-deoxy-beta-D-glucopyranose-(1-4)-2-acetamido-2-deoxy-beta-D-glucopyranose
11 non-polymer 'GAMMA-AMINO-BUTANOIC ACID'
12 non-polymer '[(2R)-2-octanoyloxy-3-[oxidanyl-[(1R,2R,3S,4R,5R,6S)-2,3,6-tris(oxidanyl)-4,5-diphosphonooxy-cyclohexyl]oxy-phosphoryl]oxy-propyl] octanoate'
13 non-polymer 2-acetamido-2-deoxy-beta-D-glucopyranose
#
loop_
_entity_poly.entity_id
_entity_poly.type
_entity_poly.pdbx_seq_one_letter_code
_entity_poly.pdbx_strand_id
1 'polypeptide(L)'
;QSVNDPGNMSFVKETVDKLLKGYDIRLRPDFGGPPVCVGMNIDIASIDMVSEVNMDYTLTMYFQQYWRDKRLAYSGIPLN
LTLDNRVADQLWVPDTYFLNDKKSFVHGVTVKNRMIRLHPDGTVLYGLRITTTAACMMDLRRYPLDEQNCTLEIESYGYT
TDDIEFYWRGGDKAVTGVERIELPQFSIVEHRLVSRNVVFATGAYPRLSLSFRLKRNIGYFILQTYMPSILITILSWVSF
WINYDASAARVALGITTVLTMTTINTHLRETLPKIPYVKAIDMYLMGCFVFVFLALLEYAFVNYIFFGRGPQRQKKLAEK
TAKAKNDRSKSESNRVDAHGNILLTSLEVHNEMNEVSGGIGDTRNSAISFDNSGIQYRKQSMPREGHGRFLGDRSLPHKK
THLRRRSSQLKIKIPDLTDVNAIDRWSRIVFPFTFSLFNLVYWLYYVN
;
A
2 'polypeptide(L)'
;QPSLQDELKDNTTVFTRILDRLLDGYDNRLRPGLGERVTEVKTDIFVTSFGPVSDHDMEYTIDVFFRQSWKDERLKFKGP
MTVLRLNNLMASKIWTPDTFFHNGKKSVAHNMTMPNKLLRITEDGTLLYTMRLTVRAECPMHLEDFPMDAHACPLKFGSY
AYTRAEVVYEWTREPARSVVVAEDGSRLNQYDLLGQTVDSGIVQSSTGEYVVMTTHFHLKRKIGYFVIQTYLPCIMTVIL
SQVSFWLNRESVPARTVFGVTTVLTMTTLSISARNSLPKVAYATAMDWFIAVCYAFVFSALIEFATVNYFTKRGYAWDGK
SVVPEKPKKVKDPLIKKNNTYAPTATSYTPNLARGDPGLATIAKSATIEPKEVKPETKPPEPKKTFNSVSKIDRLSRIAF
PLLFGIFNLVYWATYLNREPQLKAPTPHQ
;
B
3 'polypeptide(L)'
;QKSDDDYEDYASNKTWVLTPKVPEGDVTVILNNLLEGYDNKLRPDIGVKPTLIHTDMYVNSIGPVNAINMEYTIDIFFAQ
TWYDRRLKFNSTIKVLRLNSNMVGKIWIPDTFFRNSKKADAHWITTPNRMLRIWNDGRVLYTLRLTIDAECQLQLHNFPM
DEHSCPLEFSSYGYPREEIVYQWKRSSVEVGDTRSWRLYQFSFVGLRNTTEVVKTTSGDYVVMSVYFDLSRRMGYFTIQT
YIPCTLIVVLSWVSFWINKDAVPARTSLGITTVLTMTTLSTIARKSLPKVSYVTAMDLFVSVCFIFVFSALVEYGTLHYF
VSNRKPSKDKDKKKKNPLLRMFSFKAPTIDIRPRSATIQMNNATHLQERDEEYGYECLDGKDCASFFCCFEDCRTGAWRH
GRIHIRIAKMDSYARIFFPTAFCLFNLVYWVSYLYL
;
C
4 'polypeptide(L)'
;QSVNDPSNMSLVKETVDRLLKGYDIRLRPDFGGPPVAVGMNIDIASIDMVSEVNMDYTLTMYFQQAWRDKRLSYNVIPLN
LTLDNRVADQLWVPDTYFLNDKKSFVHGVTVKNRMIRLHPDGTVLYGLRITTTAACMMDLRRYPLDEQNCTLEIESYGYT
TDDIEFYWRGDDNAVTGVTKIELPQFSIVDYKLITKKVVFSTGSYPRLSLSFKLKRNIGYFILQTYMPSILITILSWVSF
WINYDASAARVALGITTVLTMTTINTHLRETLPKIPYVKAIDMYLMGCFVFVFMALLEYALVNYIFFGRGPQRQKKAAEK
AASANNEKMRLDVNKIFYKDIKQNGTQYRSLWDPTGNLSPTRRTTNYDFSLYTMDPHENILLSTLEIKNEMATSEAVMGL
GDPRSTMLAYDASSIQYRKAGLPRHSFGRNALERHVAQKKSRLRRRASQLKITIPDLTDVNAIDRWSRIFFPVVFSFFNI
VYWLYYVN
;
D
5 'polypeptide(L)'
;NIQEDEAKNNITIFTRILDRLLDGYDNRLRPGLGDSITEVFTNIYVTSFGPVSDTDMEYTIDVFFRQKWKDERLKFKGPM
NILRLNNLMASKIWTPDTFFHNGKKSVAHNMTMPNKLLRIQDDGTLLYTMRLTVQAECPMHLEDFPMDAHSCPLKFGSYA
YTTSEVTYIWTYNASDSVQVAPDGSRLNQYDLLGQSIGKETIKSSTGEYTVMTAHFHLKRKIGYFVIQTYLPCIMTVILS
QVSFWLNRESVPARTVFGVTTVLTMTTLSISARNSLPKVAYATAMDWFIAVCYAFVFSALIEFATVNYFTKRGWAWDGKS
VVNDKKKEKASVMIQNNAYAVAVANYAPNLSKDPVLSTISKSATTPEPNKKPENKPAEAKKTFNSVSKIDRMSRIVFPVL
FGTFNLVYWATYLNREPVLGVSP
;
E
6 'polypeptide(L)'
;EVQLQQSGAELVKPGASVKLSCTASGFNIKDTYMYWVKQRPEQGLEWIGRIDPANGDTKYDPKFQGKATITTDTFSNTAY
LQLSSLTSEDTAVYYCARKGLRWAMDYWGQGTSVTVSTAKTTPPSVYPLAPGCGDTTGSSVTLGCLVKGYFPESVTVTWN
SGSLSSSVHTFPALLQSGLYTMSSSVTVPSSTWPSQTVTCSVAHPASSTTVDKKLEPSGPISTINPCPPCKECHKCPAPN
LEGGPSVFIFPPNIKDVLMISLTPKVTCVVVDVSEDDPDVQISWFVNNVEVHTAQTQTHREDYNSTIRVVSTLPIQHQDW
MSGKEFKCKVNNKDLPSPIERTISKIKGLVRAPQVYILPPPAEQLSRKDVSLTCLVVGFNPGDISVEWTSNGHTEENYKD
TAPVLDSDGSYFIYSKLNMKTSKWEKTDSFSCNVRHEGLKNYYLKKTISRSPGK
;
K
7 'polypeptide(L)'
;NIVMTQSPKSMSMSVGERVTLSCKASEYVGTYVSWYQQKPEQSPKLLIYGASNRYTGVPDRFTGSGSATDFTLTIGSVQA
EDLADYHCGQSYSYPTFGAGTKLELKRADAAPTVSIFPPSSEQLTSGGASVVCFLNNFYPKDINVKWKIDGSERQNGVLN
SWTDQDSKDSTYSMSSTLTLTKDEYERHNSYTCEATHKTSTSPIVKSFNRNEC
;
L
#
loop_
_chem_comp.id
_chem_comp.type
_chem_comp.name
_chem_comp.formula
ABU non-polymer 'GAMMA-AMINO-BUTANOIC ACID' 'C4 H9 N O2'
BMA D-saccharide, beta linking beta-D-mannopyranose 'C6 H12 O6'
MAN D-saccharide, alpha linking alpha-D-mannopyranose 'C6 H12 O6'
NAG D-saccharide, beta linking 2-acetamido-2-deoxy-beta-D-glucopyranose 'C8 H15 N O6'
PIO non-polymer '[(2R)-2-octanoyloxy-3-[oxidanyl-[(1R,2R,3S,4R,5R,6S)-2,3,6-tris(oxidanyl)-4,5-diphosphonooxy-cyclohexyl]oxy-phosphoryl]oxy-propyl] octanoate' 'C25 H49 O19 P3'
#
# COMPACT_ATOMS: atom_id res chain seq x y z
N GLY A 7 -4.72 44.20 -28.92
CA GLY A 7 -6.06 44.72 -29.12
C GLY A 7 -7.14 43.70 -28.81
N ASN A 8 -7.08 42.56 -29.51
CA ASN A 8 -8.05 41.50 -29.25
C ASN A 8 -7.74 40.77 -27.95
N MET A 9 -6.46 40.65 -27.60
CA MET A 9 -6.08 39.95 -26.38
C MET A 9 -6.46 40.75 -25.14
N SER A 10 -6.37 42.09 -25.21
CA SER A 10 -6.80 42.92 -24.10
C SER A 10 -8.32 42.89 -23.94
N PHE A 11 -9.03 42.69 -25.05
CA PHE A 11 -10.48 42.54 -24.99
C PHE A 11 -10.87 41.20 -24.35
N VAL A 12 -10.06 40.16 -24.60
CA VAL A 12 -10.27 38.89 -23.90
C VAL A 12 -9.88 39.02 -22.43
N LYS A 13 -8.82 39.79 -22.15
CA LYS A 13 -8.32 39.95 -20.79
C LYS A 13 -9.34 40.61 -19.87
N GLU A 14 -10.03 41.64 -20.37
CA GLU A 14 -11.04 42.31 -19.55
C GLU A 14 -12.29 41.45 -19.39
N THR A 15 -12.58 40.57 -20.36
CA THR A 15 -13.74 39.70 -20.24
C THR A 15 -13.49 38.57 -19.25
N VAL A 16 -12.29 37.99 -19.28
CA VAL A 16 -11.94 36.91 -18.35
C VAL A 16 -11.88 37.42 -16.93
N ASP A 17 -11.41 38.65 -16.74
CA ASP A 17 -11.46 39.29 -15.42
C ASP A 17 -12.90 39.52 -14.97
N LYS A 18 -13.77 39.96 -15.90
CA LYS A 18 -15.17 40.22 -15.58
C LYS A 18 -15.90 38.95 -15.19
N LEU A 19 -15.47 37.81 -15.74
CA LEU A 19 -16.11 36.54 -15.40
C LEU A 19 -15.73 36.06 -14.01
N LEU A 20 -14.64 36.59 -13.44
CA LEU A 20 -14.11 36.09 -12.19
C LEU A 20 -14.05 37.15 -11.09
N LYS A 21 -14.71 38.29 -11.27
CA LYS A 21 -14.94 39.24 -10.19
C LYS A 21 -16.28 38.91 -9.55
N GLY A 22 -16.24 38.53 -8.28
CA GLY A 22 -17.43 38.14 -7.57
C GLY A 22 -17.88 36.71 -7.78
N TYR A 23 -17.09 35.90 -8.46
CA TYR A 23 -17.43 34.49 -8.65
C TYR A 23 -17.26 33.76 -7.32
N ASP A 24 -18.37 33.28 -6.76
CA ASP A 24 -18.37 32.53 -5.52
C ASP A 24 -18.14 31.06 -5.84
N ILE A 25 -16.94 30.56 -5.55
CA ILE A 25 -16.63 29.16 -5.83
C ILE A 25 -17.34 28.21 -4.87
N ARG A 26 -17.83 28.69 -3.73
CA ARG A 26 -18.49 27.83 -2.78
C ARG A 26 -19.94 27.53 -3.13
N LEU A 27 -20.47 28.17 -4.18
CA LEU A 27 -21.85 27.96 -4.60
C LEU A 27 -21.88 27.34 -5.99
N ARG A 28 -22.64 26.27 -6.14
CA ARG A 28 -22.84 25.66 -7.43
C ARG A 28 -23.75 26.53 -8.29
N PRO A 29 -23.68 26.39 -9.63
CA PRO A 29 -24.63 27.11 -10.49
C PRO A 29 -26.07 26.68 -10.23
N ASP A 30 -26.97 27.67 -10.26
CA ASP A 30 -28.37 27.55 -9.87
C ASP A 30 -28.49 26.96 -8.47
N PHE A 31 -27.96 27.69 -7.50
CA PHE A 31 -27.87 27.17 -6.14
C PHE A 31 -29.22 27.09 -5.47
N GLY A 32 -30.06 28.11 -5.65
CA GLY A 32 -31.38 28.11 -5.08
C GLY A 32 -32.47 27.56 -5.99
N GLY A 33 -32.11 26.97 -7.12
CA GLY A 33 -33.10 26.54 -8.08
C GLY A 33 -32.95 25.08 -8.49
N PRO A 34 -33.10 24.82 -9.79
CA PRO A 34 -33.05 23.44 -10.28
C PRO A 34 -31.64 22.89 -10.22
N PRO A 35 -31.49 21.56 -10.21
CA PRO A 35 -30.14 20.98 -10.23
C PRO A 35 -29.44 21.21 -11.55
N VAL A 36 -28.11 21.26 -11.48
CA VAL A 36 -27.28 21.42 -12.66
C VAL A 36 -27.04 20.05 -13.28
N CYS A 37 -26.98 20.00 -14.61
CA CYS A 37 -26.78 18.76 -15.34
C CYS A 37 -25.33 18.67 -15.78
N VAL A 38 -24.66 17.60 -15.41
CA VAL A 38 -23.24 17.40 -15.69
C VAL A 38 -23.13 16.20 -16.62
N GLY A 39 -22.96 16.47 -17.91
CA GLY A 39 -22.73 15.41 -18.86
C GLY A 39 -21.31 14.87 -18.77
N MET A 40 -21.14 13.62 -19.19
CA MET A 40 -19.86 12.95 -19.03
C MET A 40 -19.57 12.08 -20.25
N ASN A 41 -18.29 12.03 -20.63
CA ASN A 41 -17.80 11.06 -21.59
C ASN A 41 -16.35 10.73 -21.24
N ILE A 42 -15.93 9.52 -21.57
CA ILE A 42 -14.64 8.98 -21.17
C ILE A 42 -13.93 8.48 -22.42
N ASP A 43 -12.68 8.89 -22.63
CA ASP A 43 -11.84 8.33 -23.68
C ASP A 43 -10.77 7.49 -22.99
N ILE A 44 -10.96 6.17 -23.03
CA ILE A 44 -10.07 5.26 -22.31
C ILE A 44 -8.79 5.06 -23.11
N ALA A 45 -7.65 5.40 -22.50
CA ALA A 45 -6.38 5.24 -23.19
C ALA A 45 -5.96 3.77 -23.22
N SER A 46 -5.81 3.18 -22.03
CA SER A 46 -5.42 1.74 -21.95
C SER A 46 -5.53 1.23 -20.51
N ILE A 47 -5.98 -0.01 -20.32
CA ILE A 47 -5.99 -0.61 -18.96
C ILE A 47 -4.55 -1.05 -18.67
N ASP A 48 -3.87 -0.35 -17.75
CA ASP A 48 -2.43 -0.64 -17.50
C ASP A 48 -2.25 -2.12 -17.13
N MET A 49 -3.01 -2.63 -16.16
CA MET A 49 -2.81 -4.03 -15.70
C MET A 49 -4.03 -4.54 -14.94
N VAL A 50 -4.26 -5.85 -14.95
CA VAL A 50 -5.38 -6.46 -14.18
C VAL A 50 -4.81 -7.61 -13.35
N SER A 51 -4.92 -7.54 -12.01
CA SER A 51 -4.30 -8.58 -11.14
C SER A 51 -5.37 -9.30 -10.34
N GLU A 52 -5.24 -10.62 -10.17
CA GLU A 52 -6.19 -11.34 -9.33
C GLU A 52 -5.75 -11.44 -7.90
N VAL A 53 -4.48 -11.16 -7.61
CA VAL A 53 -3.98 -11.22 -6.23
C VAL A 53 -4.52 -10.05 -5.43
N ASN A 54 -4.40 -8.84 -5.97
CA ASN A 54 -4.92 -7.65 -5.30
C ASN A 54 -6.35 -7.33 -5.68
N MET A 55 -6.91 -8.05 -6.67
CA MET A 55 -8.29 -7.95 -7.12
C MET A 55 -8.64 -6.52 -7.56
N ASP A 56 -7.86 -6.02 -8.51
CA ASP A 56 -8.04 -4.67 -9.01
C ASP A 56 -7.54 -4.60 -10.45
N TYR A 57 -7.83 -3.48 -11.10
CA TYR A 57 -7.35 -3.22 -12.45
C TYR A 57 -6.99 -1.75 -12.55
N THR A 58 -5.90 -1.46 -13.25
CA THR A 58 -5.43 -0.09 -13.40
C THR A 58 -5.93 0.47 -14.73
N LEU A 59 -6.71 1.55 -14.66
CA LEU A 59 -7.36 2.12 -15.82
C LEU A 59 -6.87 3.54 -16.03
N THR A 60 -6.49 3.86 -17.27
CA THR A 60 -6.07 5.19 -17.65
C THR A 60 -7.09 5.75 -18.64
N MET A 61 -7.60 6.94 -18.36
CA MET A 61 -8.73 7.46 -19.11
C MET A 61 -8.55 8.96 -19.34
N TYR A 62 -9.38 9.50 -20.23
CA TYR A 62 -9.50 10.94 -20.44
C TYR A 62 -10.87 11.34 -19.91
N PHE A 63 -10.95 11.58 -18.60
CA PHE A 63 -12.22 11.81 -17.93
C PHE A 63 -12.67 13.24 -18.19
N GLN A 64 -13.76 13.41 -18.92
CA GLN A 64 -14.26 14.73 -19.29
C GLN A 64 -15.67 14.94 -18.77
N GLN A 65 -15.96 16.15 -18.32
CA GLN A 65 -17.26 16.54 -17.82
C GLN A 65 -17.80 17.70 -18.65
N TYR A 66 -19.10 17.97 -18.50
CA TYR A 66 -19.78 18.91 -19.38
C TYR A 66 -21.00 19.44 -18.63
N TRP A 67 -20.90 20.64 -18.08
CA TRP A 67 -22.05 21.28 -17.44
C TRP A 67 -22.17 22.70 -17.96
N ARG A 68 -23.22 23.39 -17.53
CA ARG A 68 -23.52 24.73 -18.00
C ARG A 68 -23.63 25.67 -16.80
N ASP A 69 -22.68 26.59 -16.70
CA ASP A 69 -22.67 27.60 -15.65
C ASP A 69 -23.11 28.92 -16.25
N LYS A 70 -24.17 29.51 -15.70
CA LYS A 70 -24.67 30.77 -16.24
C LYS A 70 -23.81 31.96 -15.84
N ARG A 71 -22.94 31.81 -14.85
CA ARG A 71 -22.08 32.91 -14.42
C ARG A 71 -20.88 33.10 -15.32
N LEU A 72 -20.57 32.14 -16.18
CA LEU A 72 -19.40 32.20 -17.06
C LEU A 72 -19.80 32.40 -18.52
N ALA A 73 -20.82 33.21 -18.76
CA ALA A 73 -21.31 33.49 -20.11
C ALA A 73 -20.70 34.81 -20.59
N TYR A 74 -20.26 34.83 -21.84
CA TYR A 74 -19.73 36.03 -22.46
C TYR A 74 -20.28 36.14 -23.88
N SER A 75 -20.41 37.38 -24.35
CA SER A 75 -20.99 37.64 -25.66
C SER A 75 -20.07 38.40 -26.61
N GLY A 76 -18.91 38.85 -26.15
CA GLY A 76 -18.01 39.61 -26.99
C GLY A 76 -17.13 38.74 -27.87
N ILE A 77 -16.55 37.70 -27.30
CA ILE A 77 -15.65 36.82 -28.03
C ILE A 77 -16.49 35.82 -28.82
N PRO A 78 -16.29 35.69 -30.14
CA PRO A 78 -17.03 34.71 -30.93
C PRO A 78 -16.40 33.32 -31.01
N LEU A 79 -15.42 33.00 -30.16
CA LEU A 79 -14.77 31.70 -30.18
C LEU A 79 -14.72 31.11 -28.77
N ASN A 80 -14.47 29.82 -28.72
CA ASN A 80 -14.36 29.13 -27.44
C ASN A 80 -13.03 29.46 -26.78
N LEU A 81 -13.09 29.96 -25.55
CA LEU A 81 -11.89 30.34 -24.82
C LEU A 81 -11.32 29.11 -24.12
N THR A 82 -10.15 28.67 -24.56
CA THR A 82 -9.42 27.60 -23.88
C THR A 82 -8.39 28.27 -22.98
N LEU A 83 -8.71 28.35 -21.69
CA LEU A 83 -7.83 28.99 -20.74
C LEU A 83 -6.74 28.03 -20.29
N ASP A 84 -5.75 28.59 -19.60
CA ASP A 84 -4.72 27.79 -18.97
C ASP A 84 -5.32 26.93 -17.87
N ASN A 85 -4.71 25.79 -17.60
CA ASN A 85 -5.31 24.78 -16.73
C ASN A 85 -5.36 25.18 -15.26
N ARG A 86 -4.75 26.29 -14.88
CA ARG A 86 -4.75 26.73 -13.49
C ARG A 86 -5.96 27.59 -13.11
N VAL A 87 -6.88 27.86 -14.03
CA VAL A 87 -8.08 28.60 -13.66
C VAL A 87 -9.13 27.63 -13.12
N ALA A 88 -8.90 26.32 -13.26
CA ALA A 88 -9.81 25.32 -12.73
C ALA A 88 -9.82 25.27 -11.21
N ASP A 89 -8.88 25.93 -10.55
CA ASP A 89 -8.94 26.13 -9.12
C ASP A 89 -9.72 27.37 -8.73
N GLN A 90 -10.12 28.20 -9.69
CA GLN A 90 -10.91 29.39 -9.42
C GLN A 90 -12.33 29.29 -9.96
N LEU A 91 -12.74 28.11 -10.44
CA LEU A 91 -14.09 27.89 -10.93
C LEU A 91 -14.73 26.76 -10.13
N TRP A 92 -16.05 26.73 -10.13
CA TRP A 92 -16.76 25.62 -9.52
C TRP A 92 -16.63 24.39 -10.40
N VAL A 93 -16.17 23.30 -9.82
CA VAL A 93 -16.15 22.01 -10.50
C VAL A 93 -16.89 21.00 -9.61
N PRO A 94 -17.59 20.02 -10.18
CA PRO A 94 -18.28 19.05 -9.33
C PRO A 94 -17.31 18.12 -8.62
N ASP A 95 -17.76 17.62 -7.47
CA ASP A 95 -16.93 16.76 -6.63
C ASP A 95 -17.16 15.28 -6.98
N THR A 96 -16.87 14.97 -8.24
CA THR A 96 -17.05 13.62 -8.74
C THR A 96 -15.97 12.71 -8.18
N TYR A 97 -16.38 11.59 -7.59
CA TYR A 97 -15.43 10.62 -7.05
C TYR A 97 -15.79 9.23 -7.55
N PHE A 98 -14.81 8.34 -7.52
CA PHE A 98 -15.00 6.95 -7.90
C PHE A 98 -15.09 6.11 -6.63
N LEU A 99 -16.17 5.34 -6.50
CA LEU A 99 -16.45 4.68 -5.22
C LEU A 99 -15.54 3.48 -4.99
N ASN A 100 -15.19 2.75 -6.06
CA ASN A 100 -14.32 1.60 -5.92
C ASN A 100 -12.86 1.93 -6.17
N ASP A 101 -12.50 3.21 -6.06
CA ASP A 101 -11.12 3.64 -6.24
C ASP A 101 -10.25 3.14 -5.10
N LYS A 102 -8.98 2.87 -5.42
CA LYS A 102 -7.98 2.53 -4.42
C LYS A 102 -6.84 3.52 -4.39
N LYS A 103 -6.23 3.81 -5.53
CA LYS A 103 -5.14 4.78 -5.61
C LYS A 103 -5.16 5.39 -7.00
N SER A 104 -5.50 6.68 -7.08
CA SER A 104 -5.62 7.36 -8.36
C SER A 104 -4.88 8.69 -8.30
N PHE A 105 -4.45 9.16 -9.48
CA PHE A 105 -3.70 10.39 -9.59
C PHE A 105 -3.93 11.00 -10.96
N VAL A 106 -3.94 12.32 -11.01
CA VAL A 106 -3.89 13.05 -12.26
C VAL A 106 -2.42 13.24 -12.63
N HIS A 107 -2.11 13.05 -13.91
CA HIS A 107 -0.73 13.12 -14.36
C HIS A 107 -0.22 14.56 -14.28
N GLY A 108 1.02 14.70 -13.81
CA GLY A 108 1.56 16.03 -13.53
C GLY A 108 2.82 16.38 -14.30
N VAL A 109 3.02 15.75 -15.45
CA VAL A 109 4.15 16.04 -16.33
C VAL A 109 3.60 16.36 -17.72
N THR A 110 3.97 17.52 -18.26
CA THR A 110 4.88 18.53 -17.73
C THR A 110 4.18 19.50 -16.79
N VAL A 111 2.87 19.65 -16.98
CA VAL A 111 2.03 20.40 -16.06
C VAL A 111 0.95 19.46 -15.54
N LYS A 112 0.05 19.98 -14.72
CA LYS A 112 -1.11 19.20 -14.28
C LYS A 112 -2.02 18.96 -15.48
N ASN A 113 -2.17 17.69 -15.86
CA ASN A 113 -2.90 17.31 -17.07
C ASN A 113 -4.40 17.49 -16.83
N ARG A 114 -4.87 18.71 -17.03
CA ARG A 114 -6.30 18.96 -17.04
C ARG A 114 -6.60 20.03 -18.07
N MET A 115 -7.85 20.04 -18.52
CA MET A 115 -8.31 20.92 -19.59
C MET A 115 -9.45 21.78 -19.06
N ILE A 116 -9.48 23.04 -19.47
CA ILE A 116 -10.59 23.93 -19.17
C ILE A 116 -10.94 24.66 -20.46
N ARG A 117 -12.24 24.87 -20.70
CA ARG A 117 -12.68 25.46 -21.96
C ARG A 117 -14.03 26.13 -21.74
N LEU A 118 -14.05 27.46 -21.78
CA LEU A 118 -15.26 28.22 -21.57
C LEU A 118 -15.92 28.51 -22.91
N HIS A 119 -17.13 28.02 -23.08
CA HIS A 119 -17.94 28.25 -24.27
C HIS A 119 -18.75 29.54 -24.10
N PRO A 120 -19.15 30.21 -25.19
CA PRO A 120 -19.85 31.49 -25.05
C PRO A 120 -21.26 31.41 -24.47
N ASP A 121 -21.85 30.21 -24.37
CA ASP A 121 -23.11 30.05 -23.66
C ASP A 121 -22.90 29.63 -22.20
N GLY A 122 -21.71 29.86 -21.66
CA GLY A 122 -21.42 29.51 -20.28
C GLY A 122 -21.04 28.07 -20.05
N THR A 123 -20.98 27.28 -21.13
CA THR A 123 -20.70 25.82 -20.98
C THR A 123 -19.25 25.63 -20.53
N VAL A 124 -19.04 24.90 -19.43
CA VAL A 124 -17.67 24.67 -18.90
C VAL A 124 -17.21 23.27 -19.30
N LEU A 125 -16.30 23.17 -20.27
CA LEU A 125 -15.75 21.85 -20.68
C LEU A 125 -14.53 21.55 -19.82
N TYR A 126 -14.68 20.69 -18.81
CA TYR A 126 -13.56 20.37 -17.89
C TYR A 126 -13.16 18.91 -18.06
N GLY A 127 -11.89 18.65 -18.38
CA GLY A 127 -11.43 17.29 -18.60
C GLY A 127 -10.14 17.03 -17.87
N LEU A 128 -9.90 15.76 -17.56
CA LEU A 128 -8.70 15.36 -16.84
C LEU A 128 -8.16 14.07 -17.44
N ARG A 129 -6.88 13.80 -17.19
CA ARG A 129 -6.23 12.55 -17.59
C ARG A 129 -5.93 11.79 -16.32
N ILE A 130 -6.74 10.78 -16.03
CA ILE A 130 -6.78 10.13 -14.73
C ILE A 130 -6.33 8.69 -14.88
N THR A 131 -5.32 8.29 -14.11
CA THR A 131 -4.94 6.89 -13.98
C THR A 131 -5.44 6.39 -12.64
N THR A 132 -6.43 5.51 -12.65
CA THR A 132 -7.06 5.04 -11.45
C THR A 132 -6.89 3.54 -11.30
N THR A 133 -6.93 3.07 -10.07
CA THR A 133 -6.80 1.65 -9.75
C THR A 133 -8.10 1.23 -9.07
N ALA A 134 -9.09 0.88 -9.87
CA ALA A 134 -10.40 0.54 -9.34
C ALA A 134 -10.39 -0.88 -8.79
N ALA A 135 -11.13 -1.08 -7.69
CA ALA A 135 -11.22 -2.40 -7.08
C ALA A 135 -12.29 -3.21 -7.77
N CYS A 136 -11.93 -4.41 -8.22
CA CYS A 136 -12.84 -5.30 -8.94
C CYS A 136 -12.80 -6.66 -8.27
N MET A 137 -13.86 -7.00 -7.55
CA MET A 137 -13.95 -8.31 -6.90
C MET A 137 -14.20 -9.39 -7.95
N MET A 138 -13.44 -10.47 -7.87
CA MET A 138 -13.44 -11.50 -8.90
C MET A 138 -13.88 -12.83 -8.33
N ASP A 139 -14.74 -13.52 -9.06
CA ASP A 139 -15.22 -14.86 -8.70
C ASP A 139 -14.41 -15.86 -9.51
N LEU A 140 -13.47 -16.53 -8.84
CA LEU A 140 -12.54 -17.45 -9.48
C LEU A 140 -13.01 -18.91 -9.38
N ARG A 141 -14.31 -19.15 -9.41
CA ARG A 141 -14.82 -20.51 -9.32
C ARG A 141 -14.58 -21.30 -10.59
N ARG A 142 -14.37 -20.63 -11.73
CA ARG A 142 -14.10 -21.30 -12.99
C ARG A 142 -12.78 -20.85 -13.60
N TYR A 143 -11.85 -20.45 -12.76
CA TYR A 143 -10.52 -20.07 -13.22
C TYR A 143 -9.80 -21.28 -13.78
N PRO A 144 -9.14 -21.17 -14.96
CA PRO A 144 -8.96 -19.99 -15.80
C PRO A 144 -9.93 -19.90 -16.97
N LEU A 145 -11.02 -20.65 -16.99
CA LEU A 145 -12.02 -20.55 -18.03
C LEU A 145 -13.13 -19.56 -17.69
N ASP A 146 -12.84 -18.58 -16.85
CA ASP A 146 -13.84 -17.70 -16.28
C ASP A 146 -13.96 -16.41 -17.08
N GLU A 147 -15.02 -15.66 -16.79
CA GLU A 147 -15.17 -14.30 -17.26
C GLU A 147 -15.46 -13.41 -16.06
N GLN A 148 -15.00 -12.16 -16.13
CA GLN A 148 -15.11 -11.25 -15.01
C GLN A 148 -15.91 -10.02 -15.42
N ASN A 149 -16.44 -9.34 -14.42
CA ASN A 149 -17.23 -8.12 -14.61
C ASN A 149 -16.61 -7.07 -13.72
N CYS A 150 -15.87 -6.15 -14.32
CA CYS A 150 -15.15 -5.11 -13.59
C CYS A 150 -15.79 -3.76 -13.85
N THR A 151 -16.15 -3.05 -12.79
CA THR A 151 -16.91 -1.82 -12.88
C THR A 151 -16.07 -0.64 -12.39
N LEU A 152 -16.47 0.55 -12.82
CA LEU A 152 -15.92 1.81 -12.31
C LEU A 152 -17.09 2.69 -11.90
N GLU A 153 -17.26 2.88 -10.60
CA GLU A 153 -18.48 3.44 -10.04
C GLU A 153 -18.32 4.94 -9.82
N ILE A 154 -18.82 5.73 -10.76
CA ILE A 154 -18.69 7.18 -10.74
C ILE A 154 -19.89 7.77 -10.01
N GLU A 155 -19.63 8.61 -9.00
CA GLU A 155 -20.69 9.16 -8.17
C GLU A 155 -20.32 10.57 -7.73
N SER A 156 -21.31 11.43 -7.56
CA SER A 156 -21.10 12.71 -6.90
C SER A 156 -21.13 12.53 -5.38
N TYR A 157 -20.26 13.25 -4.68
CA TYR A 157 -20.12 13.06 -3.24
C TYR A 157 -21.04 13.99 -2.44
N GLY A 158 -20.87 15.29 -2.58
CA GLY A 158 -21.53 16.22 -1.69
C GLY A 158 -22.89 16.72 -2.12
N TYR A 159 -23.21 16.56 -3.39
CA TYR A 159 -24.44 17.10 -3.95
C TYR A 159 -25.42 15.97 -4.23
N THR A 160 -26.66 16.14 -3.78
CA THR A 160 -27.69 15.12 -3.93
C THR A 160 -28.32 15.23 -5.32
N THR A 161 -29.41 14.50 -5.53
CA THR A 161 -30.15 14.61 -6.79
C THR A 161 -31.04 15.84 -6.85
N ASP A 162 -31.20 16.56 -5.74
CA ASP A 162 -31.80 17.87 -5.73
C ASP A 162 -30.79 18.97 -6.01
N ASP A 163 -29.52 18.63 -6.20
CA ASP A 163 -28.47 19.60 -6.44
C ASP A 163 -27.68 19.35 -7.72
N ILE A 164 -27.71 18.14 -8.29
CA ILE A 164 -26.87 17.80 -9.43
C ILE A 164 -27.55 16.68 -10.20
N GLU A 165 -27.16 16.53 -11.47
CA GLU A 165 -27.67 15.48 -12.33
C GLU A 165 -26.54 14.95 -13.19
N PHE A 166 -26.46 13.63 -13.33
CA PHE A 166 -25.44 12.98 -14.12
C PHE A 166 -26.07 12.27 -15.30
N TYR A 167 -25.41 12.35 -16.46
CA TYR A 167 -25.84 11.59 -17.63
C TYR A 167 -24.64 11.37 -18.53
N TRP A 168 -24.61 10.23 -19.21
CA TRP A 168 -23.60 9.99 -20.23
C TRP A 168 -23.89 10.88 -21.43
N ARG A 169 -22.88 11.61 -21.90
CA ARG A 169 -23.08 12.51 -23.04
C ARG A 169 -22.82 11.75 -24.32
N GLY A 170 -23.83 11.67 -25.18
CA GLY A 170 -23.75 10.91 -26.41
C GLY A 170 -24.41 9.56 -26.38
N GLY A 171 -25.14 9.22 -25.32
CA GLY A 171 -25.81 7.94 -25.23
C GLY A 171 -24.84 6.80 -25.00
N ASP A 172 -24.84 5.84 -25.93
CA ASP A 172 -23.92 4.70 -25.87
C ASP A 172 -22.59 4.97 -26.54
N LYS A 173 -22.40 6.18 -27.08
CA LYS A 173 -21.15 6.58 -27.69
C LYS A 173 -20.31 7.44 -26.77
N ALA A 174 -20.63 7.47 -25.47
CA ALA A 174 -19.87 8.28 -24.53
C ALA A 174 -18.48 7.71 -24.29
N VAL A 175 -18.37 6.39 -24.13
CA VAL A 175 -17.08 5.76 -23.90
C VAL A 175 -16.51 5.32 -25.24
N THR A 176 -15.34 5.85 -25.59
CA THR A 176 -14.65 5.51 -26.82
C THR A 176 -13.25 5.02 -26.48
N GLY A 177 -12.73 4.12 -27.30
CA GLY A 177 -11.38 3.62 -27.13
C GLY A 177 -11.27 2.23 -26.55
N VAL A 178 -12.38 1.55 -26.22
CA VAL A 178 -12.29 0.21 -25.67
C VAL A 178 -12.12 -0.83 -26.78
N GLU A 179 -12.40 -0.47 -28.03
CA GLU A 179 -12.25 -1.38 -29.16
C GLU A 179 -10.81 -1.44 -29.67
N ARG A 180 -9.88 -0.70 -29.06
CA ARG A 180 -8.48 -0.69 -29.47
C ARG A 180 -7.53 -1.22 -28.41
N ILE A 181 -7.99 -1.43 -27.18
CA ILE A 181 -7.08 -1.84 -26.11
C ILE A 181 -6.76 -3.32 -26.25
N GLU A 182 -5.58 -3.69 -25.77
CA GLU A 182 -5.01 -5.02 -25.97
C GLU A 182 -4.51 -5.50 -24.61
N LEU A 183 -5.37 -6.15 -23.85
CA LEU A 183 -4.89 -6.80 -22.64
C LEU A 183 -4.14 -8.08 -23.02
N PRO A 184 -3.07 -8.42 -22.29
CA PRO A 184 -2.31 -9.63 -22.65
C PRO A 184 -3.03 -10.92 -22.31
N GLN A 185 -3.74 -10.98 -21.19
CA GLN A 185 -4.34 -12.22 -20.72
C GLN A 185 -5.84 -12.30 -20.95
N PHE A 186 -6.55 -11.19 -20.83
CA PHE A 186 -7.99 -11.17 -20.98
C PHE A 186 -8.36 -10.69 -22.39
N SER A 187 -9.66 -10.50 -22.61
CA SER A 187 -10.15 -9.92 -23.85
C SER A 187 -11.50 -9.29 -23.56
N ILE A 188 -11.69 -8.05 -24.00
CA ILE A 188 -12.89 -7.29 -23.67
C ILE A 188 -14.03 -7.75 -24.58
N VAL A 189 -15.08 -8.30 -23.98
CA VAL A 189 -16.22 -8.80 -24.73
C VAL A 189 -17.27 -7.72 -24.94
N GLU A 190 -17.67 -7.03 -23.87
CA GLU A 190 -18.73 -6.04 -23.94
C GLU A 190 -18.44 -4.94 -22.93
N HIS A 191 -19.01 -3.77 -23.19
CA HIS A 191 -18.99 -2.66 -22.25
C HIS A 191 -20.40 -2.08 -22.15
N ARG A 192 -20.80 -1.67 -20.95
CA ARG A 192 -22.15 -1.20 -20.71
C ARG A 192 -22.12 0.07 -19.86
N LEU A 193 -23.12 0.92 -20.07
CA LEU A 193 -23.23 2.19 -19.37
C LEU A 193 -24.55 2.26 -18.63
N VAL A 194 -24.49 2.48 -17.33
CA VAL A 194 -25.64 2.44 -16.44
C VAL A 194 -25.74 3.78 -15.71
N SER A 195 -26.93 4.36 -15.65
CA SER A 195 -27.21 5.54 -14.84
C SER A 195 -28.18 5.16 -13.73
N ARG A 196 -27.81 5.47 -12.49
CA ARG A 196 -28.58 5.05 -11.32
C ARG A 196 -28.84 6.23 -10.41
N ASN A 197 -29.55 5.96 -9.32
CA ASN A 197 -29.78 6.92 -8.23
C ASN A 197 -29.71 6.12 -6.94
N VAL A 198 -28.54 6.06 -6.31
CA VAL A 198 -28.38 5.30 -5.08
C VAL A 198 -28.75 6.15 -3.89
N VAL A 199 -29.27 5.51 -2.85
CA VAL A 199 -29.74 6.17 -1.64
C VAL A 199 -28.82 5.79 -0.50
N PHE A 200 -28.26 6.79 0.15
CA PHE A 200 -27.45 6.62 1.35
C PHE A 200 -28.19 7.21 2.55
N ALA A 201 -27.53 7.20 3.70
CA ALA A 201 -28.14 7.74 4.91
C ALA A 201 -28.23 9.25 4.90
N THR A 202 -27.45 9.92 4.04
CA THR A 202 -27.46 11.38 3.97
C THR A 202 -28.26 11.92 2.79
N GLY A 203 -28.86 11.04 1.99
CA GLY A 203 -29.66 11.46 0.86
C GLY A 203 -29.48 10.53 -0.30
N ALA A 204 -30.01 10.94 -1.46
CA ALA A 204 -29.91 10.17 -2.70
C ALA A 204 -28.95 10.85 -3.64
N TYR A 205 -28.01 10.10 -4.19
CA TYR A 205 -26.96 10.66 -5.04
C TYR A 205 -26.98 9.99 -6.40
N PRO A 206 -26.70 10.73 -7.47
CA PRO A 206 -26.65 10.10 -8.80
C PRO A 206 -25.39 9.28 -8.96
N ARG A 207 -25.49 8.26 -9.81
CA ARG A 207 -24.36 7.37 -10.03
C ARG A 207 -24.34 6.92 -11.48
N LEU A 208 -23.17 6.98 -12.09
CA LEU A 208 -22.92 6.42 -13.41
C LEU A 208 -21.92 5.28 -13.27
N SER A 209 -22.17 4.18 -13.97
CA SER A 209 -21.35 2.99 -13.85
C SER A 209 -20.87 2.56 -15.22
N LEU A 210 -19.57 2.35 -15.35
CA LEU A 210 -18.97 1.78 -16.56
C LEU A 210 -18.46 0.40 -16.23
N SER A 211 -18.99 -0.61 -16.91
CA SER A 211 -18.71 -2.00 -16.56
C SER A 211 -18.25 -2.76 -17.79
N PHE A 212 -17.25 -3.61 -17.59
CA PHE A 212 -16.60 -4.34 -18.67
C PHE A 212 -16.81 -5.84 -18.44
N ARG A 213 -16.88 -6.61 -19.51
CA ARG A 213 -16.94 -8.07 -19.37
C ARG A 213 -15.66 -8.65 -19.96
N LEU A 214 -14.88 -9.32 -19.13
CA LEU A 214 -13.51 -9.73 -19.46
C LEU A 214 -13.42 -11.24 -19.42
N LYS A 215 -13.61 -11.90 -20.57
CA LYS A 215 -13.28 -13.31 -20.64
C LYS A 215 -11.76 -13.47 -20.71
N ARG A 216 -11.29 -14.66 -20.36
CA ARG A 216 -9.86 -14.92 -20.28
C ARG A 216 -9.41 -15.72 -21.48
N ASN A 217 -8.32 -15.27 -22.12
CA ASN A 217 -7.73 -16.05 -23.24
C ASN A 217 -6.98 -17.21 -22.58
N ILE A 218 -7.49 -18.44 -22.70
CA ILE A 218 -6.89 -19.58 -21.96
C ILE A 218 -5.67 -20.16 -22.70
N GLY A 219 -5.39 -19.72 -23.93
CA GLY A 219 -4.30 -20.39 -24.63
C GLY A 219 -2.95 -20.31 -23.93
N TYR A 220 -2.80 -19.39 -22.98
CA TYR A 220 -1.61 -19.39 -22.14
C TYR A 220 -1.61 -20.58 -21.18
N PHE A 221 -2.78 -20.95 -20.67
CA PHE A 221 -2.85 -21.94 -19.61
C PHE A 221 -2.67 -23.37 -20.13
N ILE A 222 -3.01 -23.62 -21.39
CA ILE A 222 -2.65 -24.89 -22.01
C ILE A 222 -1.13 -25.02 -22.11
N LEU A 223 -0.45 -23.96 -22.53
CA LEU A 223 1.00 -24.01 -22.66
C LEU A 223 1.72 -24.00 -21.32
N GLN A 224 1.04 -23.63 -20.24
CA GLN A 224 1.68 -23.48 -18.93
C GLN A 224 1.32 -24.60 -17.96
N THR A 225 0.04 -24.93 -17.84
CA THR A 225 -0.40 -25.84 -16.79
C THR A 225 -1.04 -27.12 -17.32
N TYR A 226 -1.94 -27.02 -18.30
CA TYR A 226 -2.78 -28.16 -18.66
C TYR A 226 -1.98 -29.23 -19.41
N MET A 227 -1.17 -28.82 -20.39
CA MET A 227 -0.29 -29.78 -21.07
C MET A 227 0.78 -30.40 -20.17
N PRO A 228 1.48 -29.68 -19.27
CA PRO A 228 2.33 -30.39 -18.29
C PRO A 228 1.56 -31.31 -17.36
N SER A 229 0.33 -30.97 -17.00
CA SER A 229 -0.43 -31.84 -16.11
C SER A 229 -1.00 -33.05 -16.82
N ILE A 230 -1.24 -32.94 -18.13
CA ILE A 230 -1.95 -34.04 -18.84
C ILE A 230 -0.92 -35.00 -19.44
N LEU A 231 0.30 -34.97 -18.93
CA LEU A 231 1.35 -35.89 -19.43
C LEU A 231 1.92 -36.75 -18.29
N ILE A 232 2.09 -36.16 -17.11
CA ILE A 232 2.39 -37.01 -15.92
C ILE A 232 1.25 -38.02 -15.83
N THR A 233 0.15 -37.76 -16.52
CA THR A 233 -0.84 -38.84 -16.54
C THR A 233 -0.51 -39.86 -17.62
N ILE A 234 0.00 -39.40 -18.77
CA ILE A 234 0.55 -40.33 -19.77
C ILE A 234 1.82 -40.99 -19.23
N LEU A 235 2.63 -40.24 -18.49
CA LEU A 235 3.91 -40.75 -17.99
C LEU A 235 3.72 -41.83 -16.93
N SER A 236 2.60 -41.80 -16.21
CA SER A 236 2.35 -42.82 -15.19
C SER A 236 1.94 -44.15 -15.79
N TRP A 237 1.45 -44.16 -17.04
CA TRP A 237 0.99 -45.38 -17.68
C TRP A 237 2.11 -46.16 -18.35
N VAL A 238 3.33 -45.62 -18.36
CA VAL A 238 4.48 -46.38 -18.85
C VAL A 238 4.81 -47.53 -17.89
N SER A 239 4.45 -47.38 -16.61
CA SER A 239 4.70 -48.40 -15.60
C SER A 239 3.91 -49.68 -15.84
N PHE A 240 2.82 -49.61 -16.59
CA PHE A 240 2.09 -50.84 -16.93
C PHE A 240 2.83 -51.68 -17.96
N TRP A 241 3.61 -51.04 -18.83
CA TRP A 241 4.42 -51.79 -19.79
C TRP A 241 5.61 -52.44 -19.11
N ILE A 242 6.09 -51.87 -18.01
CA ILE A 242 7.23 -52.42 -17.27
C ILE A 242 6.79 -53.69 -16.55
N ASN A 243 7.66 -54.70 -16.57
CA ASN A 243 7.39 -55.98 -15.95
C ASN A 243 7.30 -55.85 -14.42
N TYR A 244 6.61 -56.83 -13.81
CA TYR A 244 6.26 -56.74 -12.40
C TYR A 244 7.48 -56.91 -11.49
N ASP A 245 8.47 -57.69 -11.91
CA ASP A 245 9.62 -57.96 -11.05
C ASP A 245 10.60 -56.80 -10.99
N ALA A 246 10.49 -55.82 -11.89
CA ALA A 246 11.31 -54.62 -11.85
C ALA A 246 10.67 -53.67 -10.83
N SER A 247 10.98 -53.90 -9.56
CA SER A 247 10.29 -53.17 -8.49
C SER A 247 10.82 -51.75 -8.35
N ALA A 248 12.12 -51.56 -8.53
CA ALA A 248 12.70 -50.21 -8.35
C ALA A 248 12.33 -49.29 -9.51
N ALA A 249 12.05 -49.86 -10.68
CA ALA A 249 11.66 -49.04 -11.82
C ALA A 249 10.23 -48.54 -11.68
N ARG A 250 9.31 -49.41 -11.25
CA ARG A 250 7.89 -49.05 -11.23
C ARG A 250 7.56 -48.16 -10.06
N VAL A 251 8.25 -48.32 -8.92
CA VAL A 251 8.02 -47.46 -7.77
C VAL A 251 8.55 -46.05 -8.04
N ALA A 252 9.75 -45.96 -8.60
CA ALA A 252 10.34 -44.65 -8.89
C ALA A 252 9.59 -43.93 -10.00
N LEU A 253 9.03 -44.67 -10.95
CA LEU A 253 8.17 -44.05 -11.94
C LEU A 253 6.86 -43.60 -11.31
N GLY A 254 6.35 -44.37 -10.35
CA GLY A 254 5.13 -43.97 -9.66
C GLY A 254 5.31 -42.77 -8.76
N ILE A 255 6.42 -42.73 -8.01
CA ILE A 255 6.63 -41.67 -7.03
C ILE A 255 6.92 -40.34 -7.71
N THR A 256 7.78 -40.33 -8.73
CA THR A 256 8.13 -39.07 -9.38
C THR A 256 6.98 -38.50 -10.20
N THR A 257 5.98 -39.32 -10.55
CA THR A 257 4.76 -38.76 -11.10
C THR A 257 3.86 -38.17 -10.02
N VAL A 258 3.86 -38.76 -8.82
CA VAL A 258 3.12 -38.19 -7.69
C VAL A 258 3.75 -36.87 -7.27
N LEU A 259 5.08 -36.84 -7.16
CA LEU A 259 5.77 -35.65 -6.69
C LEU A 259 5.71 -34.51 -7.69
N THR A 260 5.69 -34.83 -8.99
CA THR A 260 5.54 -33.79 -10.01
C THR A 260 4.12 -33.24 -9.99
N MET A 261 3.13 -34.08 -9.70
CA MET A 261 1.74 -33.63 -9.60
C MET A 261 1.56 -32.66 -8.44
N THR A 262 2.19 -32.94 -7.30
CA THR A 262 1.99 -32.10 -6.14
C THR A 262 2.92 -30.89 -6.13
N THR A 263 3.96 -30.86 -6.97
CA THR A 263 4.76 -29.65 -7.05
C THR A 263 4.28 -28.73 -8.15
N ILE A 264 3.48 -29.24 -9.09
CA ILE A 264 2.75 -28.37 -10.01
C ILE A 264 1.64 -27.64 -9.26
N ASN A 265 0.95 -28.35 -8.37
CA ASN A 265 -0.15 -27.78 -7.59
C ASN A 265 0.33 -26.71 -6.63
N THR A 266 1.46 -26.93 -5.96
CA THR A 266 1.96 -25.93 -5.03
C THR A 266 2.56 -24.72 -5.74
N HIS A 267 3.13 -24.93 -6.94
CA HIS A 267 3.68 -23.81 -7.69
C HIS A 267 2.58 -23.00 -8.38
N LEU A 268 1.46 -23.63 -8.75
CA LEU A 268 0.37 -22.92 -9.39
C LEU A 268 -0.40 -22.06 -8.39
N ARG A 269 -0.68 -22.61 -7.21
CA ARG A 269 -1.51 -21.94 -6.21
C ARG A 269 -0.74 -20.95 -5.34
N GLU A 270 0.50 -20.61 -5.73
CA GLU A 270 1.27 -19.60 -5.02
C GLU A 270 1.13 -18.21 -5.62
N THR A 271 0.59 -18.08 -6.83
CA THR A 271 0.36 -16.80 -7.47
C THR A 271 -1.13 -16.42 -7.47
N LEU A 272 -1.93 -17.06 -6.63
CA LEU A 272 -3.35 -16.81 -6.50
C LEU A 272 -3.67 -16.42 -5.06
N PRO A 273 -4.74 -15.66 -4.82
CA PRO A 273 -5.13 -15.35 -3.44
C PRO A 273 -5.69 -16.58 -2.74
N LYS A 274 -5.74 -16.50 -1.42
CA LYS A 274 -6.13 -17.63 -0.57
C LYS A 274 -7.65 -17.75 -0.50
N ILE A 275 -8.26 -18.01 -1.65
CA ILE A 275 -9.71 -18.18 -1.72
C ILE A 275 -10.08 -19.53 -1.12
N PRO A 276 -11.21 -19.64 -0.39
CA PRO A 276 -11.53 -20.91 0.27
C PRO A 276 -12.21 -21.94 -0.62
N TYR A 277 -12.76 -21.55 -1.76
CA TYR A 277 -13.41 -22.51 -2.63
C TYR A 277 -12.39 -23.15 -3.57
N VAL A 278 -12.85 -24.13 -4.34
CA VAL A 278 -12.00 -24.87 -5.26
C VAL A 278 -12.25 -24.34 -6.67
N LYS A 279 -11.18 -24.11 -7.42
CA LYS A 279 -11.29 -23.56 -8.76
C LYS A 279 -11.43 -24.69 -9.78
N ALA A 280 -11.60 -24.29 -11.03
CA ALA A 280 -11.70 -25.28 -12.11
C ALA A 280 -10.36 -25.91 -12.42
N ILE A 281 -9.27 -25.15 -12.24
CA ILE A 281 -7.95 -25.71 -12.50
C ILE A 281 -7.51 -26.60 -11.34
N ASP A 282 -8.04 -26.36 -10.13
CA ASP A 282 -7.76 -27.25 -9.03
C ASP A 282 -8.58 -28.53 -9.12
N MET A 283 -9.74 -28.47 -9.77
CA MET A 283 -10.52 -29.68 -10.00
C MET A 283 -9.82 -30.59 -11.01
N TYR A 284 -9.11 -30.00 -11.96
CA TYR A 284 -8.34 -30.79 -12.92
C TYR A 284 -7.08 -31.36 -12.29
N LEU A 285 -6.40 -30.56 -11.47
CA LEU A 285 -5.13 -31.01 -10.89
C LEU A 285 -5.36 -32.02 -9.77
N MET A 286 -6.45 -31.88 -9.01
CA MET A 286 -6.79 -32.93 -8.06
C MET A 286 -7.36 -34.16 -8.77
N GLY A 287 -7.99 -33.94 -9.93
CA GLY A 287 -8.45 -35.08 -10.72
C GLY A 287 -7.30 -35.86 -11.32
N CYS A 288 -6.25 -35.17 -11.77
CA CYS A 288 -5.09 -35.85 -12.30
C CYS A 288 -4.26 -36.49 -11.19
N PHE A 289 -4.32 -35.93 -9.98
CA PHE A 289 -3.59 -36.53 -8.86
C PHE A 289 -4.20 -37.85 -8.43
N VAL A 290 -5.52 -37.98 -8.56
CA VAL A 290 -6.20 -39.24 -8.22
C VAL A 290 -5.81 -40.33 -9.21
N PHE A 291 -5.74 -39.99 -10.50
CA PHE A 291 -5.38 -40.95 -11.53
C PHE A 291 -3.94 -41.43 -11.38
N VAL A 292 -3.03 -40.54 -10.98
CA VAL A 292 -1.65 -40.96 -10.71
C VAL A 292 -1.58 -41.80 -9.44
N PHE A 293 -2.34 -41.41 -8.40
CA PHE A 293 -2.34 -42.15 -7.15
C PHE A 293 -3.01 -43.51 -7.31
N LEU A 294 -3.99 -43.62 -8.21
CA LEU A 294 -4.58 -44.92 -8.48
C LEU A 294 -3.63 -45.81 -9.29
N ALA A 295 -2.73 -45.20 -10.06
CA ALA A 295 -1.75 -45.98 -10.80
C ALA A 295 -0.71 -46.59 -9.87
N LEU A 296 -0.26 -45.82 -8.87
CA LEU A 296 0.69 -46.36 -7.89
C LEU A 296 0.01 -47.36 -6.96
N LEU A 297 -1.29 -47.18 -6.71
CA LEU A 297 -2.03 -48.18 -5.97
C LEU A 297 -2.33 -49.40 -6.81
N GLU A 298 -2.27 -49.27 -8.15
CA GLU A 298 -2.46 -50.42 -9.01
C GLU A 298 -1.26 -51.35 -8.96
N TYR A 299 -0.04 -50.79 -8.93
CA TYR A 299 1.16 -51.63 -8.82
C TYR A 299 1.26 -52.26 -7.44
N ALA A 300 0.91 -51.51 -6.39
CA ALA A 300 0.97 -52.05 -5.04
C ALA A 300 -0.08 -53.14 -4.84
N PHE A 301 -1.19 -53.06 -5.56
CA PHE A 301 -2.15 -54.16 -5.57
C PHE A 301 -1.59 -55.35 -6.35
N VAL A 302 -0.82 -55.08 -7.40
CA VAL A 302 -0.15 -56.14 -8.15
C VAL A 302 0.96 -56.77 -7.32
N ASN A 303 1.76 -55.93 -6.65
CA ASN A 303 2.87 -56.41 -5.84
C ASN A 303 2.42 -57.11 -4.58
N TYR A 304 1.17 -56.94 -4.16
CA TYR A 304 0.66 -57.67 -3.00
C TYR A 304 0.06 -59.01 -3.42
N ILE A 305 -0.51 -59.09 -4.62
CA ILE A 305 -1.13 -60.32 -5.08
C ILE A 305 -0.06 -61.37 -5.40
N PHE A 306 0.99 -60.97 -6.10
CA PHE A 306 2.00 -61.94 -6.52
C PHE A 306 2.99 -62.24 -5.41
N PHE A 307 3.60 -61.21 -4.83
CA PHE A 307 4.68 -61.39 -3.86
C PHE A 307 4.18 -61.54 -2.43
N GLY A 308 2.87 -61.46 -2.20
CA GLY A 308 2.35 -61.58 -0.86
C GLY A 308 1.34 -62.70 -0.70
N ARG A 309 1.06 -63.42 -1.78
CA ARG A 309 0.14 -64.55 -1.72
C ARG A 309 0.74 -65.77 -2.42
N VAL A 420 -2.00 -61.38 -12.44
CA VAL A 420 -0.95 -60.38 -12.58
C VAL A 420 -0.94 -59.84 -14.00
N ASN A 421 -0.79 -60.75 -14.97
CA ASN A 421 -0.84 -60.35 -16.37
C ASN A 421 -2.25 -59.93 -16.78
N ALA A 422 -3.28 -60.51 -16.17
CA ALA A 422 -4.65 -60.06 -16.41
C ALA A 422 -4.89 -58.68 -15.84
N ILE A 423 -4.32 -58.40 -14.66
CA ILE A 423 -4.47 -57.09 -14.05
C ILE A 423 -3.69 -56.03 -14.82
N ASP A 424 -2.50 -56.39 -15.30
CA ASP A 424 -1.67 -55.45 -16.04
C ASP A 424 -2.24 -55.14 -17.42
N ARG A 425 -2.87 -56.11 -18.08
CA ARG A 425 -3.51 -55.84 -19.35
C ARG A 425 -4.78 -55.03 -19.19
N TRP A 426 -5.53 -55.27 -18.11
CA TRP A 426 -6.80 -54.56 -17.91
C TRP A 426 -6.58 -53.10 -17.54
N SER A 427 -5.59 -52.83 -16.69
CA SER A 427 -5.30 -51.46 -16.30
C SER A 427 -4.64 -50.67 -17.44
N ARG A 428 -4.06 -51.35 -18.41
CA ARG A 428 -3.52 -50.69 -19.59
C ARG A 428 -4.62 -50.25 -20.55
N ILE A 429 -5.83 -50.78 -20.40
CA ILE A 429 -6.96 -50.42 -21.23
C ILE A 429 -7.89 -49.43 -20.53
N VAL A 430 -8.23 -49.70 -19.27
CA VAL A 430 -9.24 -48.92 -18.55
C VAL A 430 -8.72 -47.52 -18.25
N PHE A 431 -7.46 -47.41 -17.80
CA PHE A 431 -6.91 -46.11 -17.41
C PHE A 431 -6.80 -45.09 -18.55
N PRO A 432 -6.37 -45.40 -19.79
CA PRO A 432 -6.49 -44.39 -20.85
C PRO A 432 -7.93 -44.15 -21.28
N PHE A 433 -8.83 -45.12 -21.09
CA PHE A 433 -10.23 -44.90 -21.42
C PHE A 433 -10.90 -44.01 -20.38
N THR A 434 -10.60 -44.22 -19.09
CA THR A 434 -11.28 -43.48 -18.04
C THR A 434 -10.78 -42.04 -17.96
N PHE A 435 -9.49 -41.82 -18.22
CA PHE A 435 -8.96 -40.46 -18.21
C PHE A 435 -9.47 -39.63 -19.38
N SER A 436 -9.78 -40.28 -20.51
CA SER A 436 -10.44 -39.57 -21.60
C SER A 436 -11.91 -39.33 -21.29
N LEU A 437 -12.52 -40.19 -20.46
CA LEU A 437 -13.88 -39.93 -19.98
C LEU A 437 -13.90 -38.72 -19.05
N PHE A 438 -12.88 -38.57 -18.21
CA PHE A 438 -12.78 -37.42 -17.34
C PHE A 438 -12.54 -36.14 -18.13
N ASN A 439 -11.76 -36.24 -19.21
CA ASN A 439 -11.48 -35.05 -20.02
C ASN A 439 -12.70 -34.62 -20.82
N LEU A 440 -13.57 -35.57 -21.20
CA LEU A 440 -14.79 -35.21 -21.91
C LEU A 440 -15.80 -34.55 -20.98
N VAL A 441 -15.88 -35.00 -19.73
CA VAL A 441 -16.79 -34.39 -18.77
C VAL A 441 -16.32 -32.99 -18.37
N TYR A 442 -15.01 -32.86 -18.12
CA TYR A 442 -14.45 -31.60 -17.64
C TYR A 442 -14.49 -30.51 -18.70
N TRP A 443 -14.19 -30.84 -19.95
CA TRP A 443 -14.11 -29.85 -21.01
C TRP A 443 -15.44 -29.59 -21.70
N LEU A 444 -16.51 -30.31 -21.33
CA LEU A 444 -17.85 -29.99 -21.79
C LEU A 444 -18.73 -29.38 -20.71
N TYR A 445 -18.29 -29.42 -19.45
CA TYR A 445 -19.02 -28.77 -18.37
C TYR A 445 -18.54 -27.34 -18.14
N TYR A 446 -17.24 -27.11 -18.28
CA TYR A 446 -16.68 -25.78 -18.08
C TYR A 446 -16.58 -24.98 -19.36
N VAL A 447 -17.00 -25.54 -20.49
CA VAL A 447 -17.05 -24.78 -21.75
C VAL A 447 -18.40 -25.00 -22.41
N ASP B 10 -27.94 38.58 -9.81
CA ASP B 10 -28.01 39.03 -8.43
C ASP B 10 -28.74 38.02 -7.56
N ASN B 11 -29.12 36.89 -8.16
CA ASN B 11 -29.87 35.87 -7.43
C ASN B 11 -28.97 35.09 -6.48
N THR B 12 -27.69 34.94 -6.82
CA THR B 12 -26.73 34.27 -5.95
C THR B 12 -26.00 35.23 -5.02
N THR B 13 -26.31 36.52 -5.08
CA THR B 13 -25.74 37.47 -4.13
C THR B 13 -26.38 37.35 -2.75
N VAL B 14 -27.55 36.71 -2.65
CA VAL B 14 -28.16 36.47 -1.36
C VAL B 14 -27.36 35.43 -0.58
N PHE B 15 -27.00 34.33 -1.25
CA PHE B 15 -26.22 33.28 -0.58
C PHE B 15 -24.77 33.68 -0.43
N THR B 16 -24.26 34.58 -1.29
CA THR B 16 -22.90 35.08 -1.12
C THR B 16 -22.79 35.94 0.13
N ARG B 17 -23.81 36.75 0.40
CA ARG B 17 -23.77 37.63 1.56
C ARG B 17 -23.96 36.87 2.87
N ILE B 18 -24.57 35.69 2.82
CA ILE B 18 -24.72 34.89 4.04
C ILE B 18 -23.37 34.30 4.47
N LEU B 19 -22.64 33.71 3.53
CA LEU B 19 -21.39 33.04 3.87
C LEU B 19 -20.28 34.05 4.18
N ASP B 20 -20.35 35.24 3.60
CA ASP B 20 -19.40 36.28 4.00
C ASP B 20 -19.72 36.85 5.37
N ARG B 21 -20.97 36.69 5.84
CA ARG B 21 -21.35 37.17 7.15
C ARG B 21 -21.02 36.17 8.24
N LEU B 22 -21.15 34.87 7.94
CA LEU B 22 -20.86 33.83 8.92
C LEU B 22 -19.38 33.78 9.27
N LEU B 23 -18.52 33.89 8.26
CA LEU B 23 -17.07 33.83 8.49
C LEU B 23 -16.50 35.14 8.97
N ASP B 24 -17.29 36.22 9.01
CA ASP B 24 -16.83 37.52 9.47
C ASP B 24 -16.74 37.49 10.99
N GLY B 25 -15.53 37.62 11.52
CA GLY B 25 -15.31 37.50 12.94
C GLY B 25 -15.23 36.08 13.45
N TYR B 26 -15.26 35.09 12.57
CA TYR B 26 -15.15 33.70 12.98
C TYR B 26 -13.70 33.37 13.28
N ASP B 27 -13.47 32.69 14.41
CA ASP B 27 -12.16 32.21 14.79
C ASP B 27 -12.18 30.69 14.72
N ASN B 28 -11.50 30.13 13.74
CA ASN B 28 -11.51 28.70 13.51
C ASN B 28 -10.49 27.94 14.34
N ARG B 29 -9.72 28.62 15.17
CA ARG B 29 -8.75 27.98 16.04
C ARG B 29 -9.33 27.63 17.40
N LEU B 30 -10.61 27.94 17.63
CA LEU B 30 -11.27 27.70 18.90
C LEU B 30 -12.50 26.84 18.70
N ARG B 31 -12.68 25.86 19.58
CA ARG B 31 -13.86 25.01 19.52
C ARG B 31 -15.11 25.80 19.94
N PRO B 32 -16.28 25.41 19.44
CA PRO B 32 -17.51 26.11 19.85
C PRO B 32 -17.87 25.83 21.29
N GLY B 33 -18.30 26.87 21.99
CA GLY B 33 -18.58 26.77 23.41
C GLY B 33 -17.33 26.49 24.21
N LEU B 34 -16.29 27.32 24.01
CA LEU B 34 -15.01 27.10 24.65
C LEU B 34 -15.09 27.33 26.16
N GLY B 35 -15.75 28.40 26.58
CA GLY B 35 -15.91 28.70 27.99
C GLY B 35 -17.27 28.39 28.58
N GLU B 36 -18.14 27.70 27.85
CA GLU B 36 -19.49 27.43 28.32
C GLU B 36 -19.75 25.95 28.56
N ARG B 37 -19.56 25.11 27.55
CA ARG B 37 -19.99 23.72 27.62
C ARG B 37 -18.94 22.81 26.98
N VAL B 38 -19.33 21.57 26.73
CA VAL B 38 -18.48 20.58 26.09
C VAL B 38 -19.00 20.36 24.68
N THR B 39 -18.09 20.34 23.72
CA THR B 39 -18.44 20.18 22.31
C THR B 39 -18.74 18.71 22.04
N GLU B 40 -20.02 18.35 22.07
CA GLU B 40 -20.41 16.98 21.76
C GLU B 40 -20.35 16.75 20.26
N VAL B 41 -19.55 15.78 19.85
CA VAL B 41 -19.40 15.42 18.44
C VAL B 41 -20.08 14.07 18.25
N LYS B 42 -21.15 14.05 17.47
CA LYS B 42 -21.89 12.82 17.22
C LYS B 42 -21.40 12.20 15.92
N THR B 43 -21.01 10.93 15.98
CA THR B 43 -20.33 10.27 14.87
C THR B 43 -20.98 8.93 14.54
N ASP B 44 -20.83 8.51 13.30
CA ASP B 44 -21.18 7.17 12.86
C ASP B 44 -20.35 6.85 11.61
N ILE B 45 -20.24 5.56 11.32
CA ILE B 45 -19.39 5.06 10.25
C ILE B 45 -20.25 4.24 9.31
N PHE B 46 -20.15 4.53 8.01
CA PHE B 46 -20.70 3.68 6.96
C PHE B 46 -19.52 3.03 6.25
N VAL B 47 -19.44 1.70 6.34
CA VAL B 47 -18.32 0.96 5.75
C VAL B 47 -18.74 0.56 4.34
N THR B 48 -18.09 1.15 3.33
CA THR B 48 -18.43 0.82 1.95
C THR B 48 -17.85 -0.53 1.56
N SER B 49 -16.67 -0.87 2.07
CA SER B 49 -16.03 -2.15 1.76
C SER B 49 -15.01 -2.46 2.82
N PHE B 50 -15.15 -3.60 3.48
CA PHE B 50 -14.15 -4.10 4.41
C PHE B 50 -13.06 -4.80 3.62
N GLY B 51 -11.87 -4.21 3.57
CA GLY B 51 -10.82 -4.68 2.71
C GLY B 51 -10.13 -5.92 3.25
N PRO B 52 -9.10 -6.39 2.54
CA PRO B 52 -8.47 -7.65 2.90
C PRO B 52 -7.62 -7.54 4.15
N VAL B 53 -7.67 -8.58 4.97
CA VAL B 53 -6.86 -8.68 6.18
C VAL B 53 -5.53 -9.28 5.80
N SER B 54 -4.44 -8.53 6.02
CA SER B 54 -3.10 -9.04 5.79
C SER B 54 -2.60 -9.64 7.10
N ASP B 55 -2.65 -10.97 7.21
CA ASP B 55 -2.24 -11.63 8.43
C ASP B 55 -0.73 -11.60 8.64
N HIS B 56 0.05 -11.31 7.59
CA HIS B 56 1.49 -11.20 7.74
C HIS B 56 1.87 -9.92 8.49
N ASP B 57 1.09 -8.85 8.33
CA ASP B 57 1.43 -7.55 8.89
C ASP B 57 0.50 -7.13 10.03
N MET B 58 -0.38 -8.03 10.47
CA MET B 58 -1.35 -7.81 11.54
C MET B 58 -2.24 -6.58 11.29
N GLU B 59 -2.67 -6.45 10.05
CA GLU B 59 -3.38 -5.25 9.66
C GLU B 59 -4.56 -5.61 8.78
N TYR B 60 -5.51 -4.69 8.69
CA TYR B 60 -6.64 -4.82 7.80
C TYR B 60 -6.94 -3.45 7.20
N THR B 61 -7.50 -3.45 6.00
CA THR B 61 -7.91 -2.21 5.35
C THR B 61 -9.41 -2.09 5.44
N ILE B 62 -9.90 -0.86 5.57
CA ILE B 62 -11.34 -0.61 5.64
C ILE B 62 -11.63 0.74 5.00
N ASP B 63 -12.64 0.78 4.13
CA ASP B 63 -13.08 2.01 3.47
C ASP B 63 -14.32 2.51 4.18
N VAL B 64 -14.24 3.69 4.78
CA VAL B 64 -15.34 4.19 5.60
C VAL B 64 -15.91 5.47 4.97
N PHE B 65 -17.13 5.77 5.36
CA PHE B 65 -17.73 7.09 5.20
C PHE B 65 -17.80 7.66 6.61
N PHE B 66 -16.71 8.28 7.06
CA PHE B 66 -16.60 8.69 8.45
C PHE B 66 -17.42 9.94 8.67
N ARG B 67 -18.65 9.77 9.17
CA ARG B 67 -19.54 10.89 9.42
C ARG B 67 -19.34 11.44 10.82
N GLN B 68 -19.35 12.77 10.94
CA GLN B 68 -19.29 13.46 12.21
C GLN B 68 -20.32 14.56 12.23
N SER B 69 -20.77 14.93 13.42
CA SER B 69 -21.78 15.98 13.54
C SER B 69 -21.67 16.61 14.93
N TRP B 70 -21.64 17.94 14.96
CA TRP B 70 -21.56 18.68 16.21
C TRP B 70 -22.46 19.89 16.09
N LYS B 71 -22.35 20.81 17.04
CA LYS B 71 -23.19 22.00 17.08
C LYS B 71 -22.34 23.23 17.27
N ASP B 72 -22.54 24.23 16.41
CA ASP B 72 -21.82 25.50 16.49
C ASP B 72 -22.83 26.63 16.44
N GLU B 73 -22.84 27.46 17.48
CA GLU B 73 -23.79 28.56 17.58
C GLU B 73 -23.31 29.83 16.90
N ARG B 74 -22.10 29.83 16.35
CA ARG B 74 -21.63 30.98 15.59
C ARG B 74 -22.00 30.90 14.11
N LEU B 75 -22.52 29.76 13.66
CA LEU B 75 -22.87 29.54 12.26
C LEU B 75 -24.39 29.55 12.06
N LYS B 76 -25.10 30.34 12.85
CA LYS B 76 -26.54 30.48 12.68
C LYS B 76 -26.83 31.46 11.56
N PHE B 77 -27.80 31.13 10.71
CA PHE B 77 -28.18 31.99 9.61
C PHE B 77 -29.68 31.91 9.39
N LYS B 78 -30.21 32.95 8.75
CA LYS B 78 -31.61 33.01 8.35
C LYS B 78 -31.64 33.29 6.85
N GLY B 79 -32.13 32.33 6.07
CA GLY B 79 -32.14 32.46 4.63
C GLY B 79 -33.33 31.80 3.97
N PRO B 80 -33.34 31.79 2.64
CA PRO B 80 -34.46 31.17 1.92
C PRO B 80 -34.51 29.65 2.03
N MET B 81 -33.40 29.00 2.38
CA MET B 81 -33.37 27.55 2.53
C MET B 81 -32.81 27.19 3.90
N THR B 82 -33.26 26.05 4.41
CA THR B 82 -32.89 25.63 5.76
C THR B 82 -31.48 25.06 5.81
N VAL B 83 -31.18 24.11 4.96
CA VAL B 83 -29.88 23.46 4.94
C VAL B 83 -29.02 24.11 3.86
N LEU B 84 -27.71 24.14 4.08
CA LEU B 84 -26.74 24.71 3.17
C LEU B 84 -25.77 23.61 2.75
N ARG B 85 -26.06 22.95 1.64
CA ARG B 85 -25.18 21.91 1.11
C ARG B 85 -24.00 22.60 0.44
N LEU B 86 -23.02 22.98 1.24
CA LEU B 86 -21.94 23.83 0.78
C LEU B 86 -20.85 23.03 0.07
N ASN B 87 -19.88 23.76 -0.49
CA ASN B 87 -18.73 23.16 -1.14
C ASN B 87 -17.76 22.62 -0.10
N ASN B 88 -16.70 21.98 -0.58
CA ASN B 88 -15.75 21.34 0.33
C ASN B 88 -14.80 22.32 0.99
N LEU B 89 -14.43 23.41 0.31
CA LEU B 89 -13.41 24.31 0.84
C LEU B 89 -13.92 25.19 1.97
N MET B 90 -15.23 25.18 2.25
CA MET B 90 -15.73 25.88 3.43
C MET B 90 -15.31 25.17 4.70
N ALA B 91 -15.09 23.85 4.63
CA ALA B 91 -14.76 23.07 5.83
C ALA B 91 -13.40 23.41 6.41
N SER B 92 -12.49 23.96 5.61
CA SER B 92 -11.20 24.40 6.13
C SER B 92 -11.26 25.77 6.77
N LYS B 93 -12.34 26.52 6.56
CA LYS B 93 -12.49 27.85 7.12
C LYS B 93 -13.30 27.86 8.42
N ILE B 94 -13.66 26.68 8.92
CA ILE B 94 -14.45 26.55 10.15
C ILE B 94 -13.76 25.54 11.05
N TRP B 95 -14.25 25.46 12.29
CA TRP B 95 -13.70 24.50 13.24
C TRP B 95 -14.22 23.10 12.93
N THR B 96 -13.30 22.17 12.75
CA THR B 96 -13.61 20.76 12.58
C THR B 96 -12.82 19.96 13.61
N PRO B 97 -13.41 18.89 14.15
CA PRO B 97 -12.71 18.12 15.18
C PRO B 97 -11.50 17.37 14.62
N ASP B 98 -10.48 17.23 15.45
CA ASP B 98 -9.24 16.59 15.06
C ASP B 98 -9.25 15.10 15.42
N THR B 99 -10.24 14.41 14.87
CA THR B 99 -10.42 12.99 15.16
C THR B 99 -9.34 12.18 14.45
N PHE B 100 -8.51 11.49 15.21
CA PHE B 100 -7.49 10.62 14.67
C PHE B 100 -7.80 9.19 15.12
N PHE B 101 -7.15 8.23 14.48
CA PHE B 101 -7.34 6.83 14.79
C PHE B 101 -6.20 6.34 15.66
N HIS B 102 -6.54 5.73 16.80
CA HIS B 102 -5.54 5.32 17.78
C HIS B 102 -4.65 4.21 17.24
N ASN B 103 -5.22 3.25 16.52
CA ASN B 103 -4.48 2.12 16.01
C ASN B 103 -4.36 2.15 14.49
N GLY B 104 -4.49 3.32 13.88
CA GLY B 104 -4.19 3.44 12.47
C GLY B 104 -2.71 3.37 12.21
N LYS B 105 -2.36 2.97 10.99
CA LYS B 105 -0.96 2.91 10.60
C LYS B 105 -0.62 3.80 9.42
N LYS B 106 -1.32 3.67 8.32
CA LYS B 106 -1.14 4.59 7.20
C LYS B 106 -2.46 4.74 6.46
N SER B 107 -3.22 5.76 6.81
CA SER B 107 -4.60 5.89 6.36
C SER B 107 -4.75 7.12 5.49
N VAL B 108 -5.40 6.95 4.34
CA VAL B 108 -5.41 7.94 3.26
C VAL B 108 -6.80 8.51 3.11
N ALA B 109 -6.90 9.83 3.08
CA ALA B 109 -8.12 10.52 2.67
C ALA B 109 -8.06 10.72 1.17
N HIS B 110 -9.09 10.24 0.47
CA HIS B 110 -9.05 10.24 -0.99
C HIS B 110 -9.33 11.63 -1.55
N ASN B 111 -8.63 11.95 -2.65
CA ASN B 111 -8.65 13.29 -3.20
C ASN B 111 -9.13 13.37 -4.64
N MET B 112 -9.59 12.28 -5.22
CA MET B 112 -9.98 12.25 -6.63
C MET B 112 -11.49 12.35 -6.77
N THR B 113 -11.95 13.34 -7.53
CA THR B 113 -11.21 14.36 -8.26
C THR B 113 -11.06 15.61 -7.41
N MET B 114 -12.15 16.01 -6.79
CA MET B 114 -12.13 16.97 -5.70
C MET B 114 -11.86 16.22 -4.39
N PRO B 115 -11.59 16.92 -3.29
CA PRO B 115 -11.57 16.24 -1.99
C PRO B 115 -12.92 15.61 -1.67
N ASN B 116 -12.90 14.37 -1.18
CA ASN B 116 -14.12 13.61 -0.95
C ASN B 116 -14.62 13.85 0.47
N LYS B 117 -15.03 15.09 0.70
CA LYS B 117 -15.66 15.51 1.94
C LYS B 117 -16.86 16.37 1.57
N LEU B 118 -17.85 16.42 2.45
CA LEU B 118 -18.96 17.35 2.29
C LEU B 118 -19.20 18.07 3.60
N LEU B 119 -19.95 19.17 3.50
CA LEU B 119 -20.26 19.95 4.69
C LEU B 119 -21.65 20.54 4.51
N ARG B 120 -22.57 20.20 5.41
CA ARG B 120 -23.93 20.71 5.40
C ARG B 120 -24.18 21.47 6.69
N ILE B 121 -24.68 22.70 6.58
CA ILE B 121 -24.90 23.57 7.73
C ILE B 121 -26.40 23.81 7.85
N THR B 122 -27.01 23.26 8.90
CA THR B 122 -28.43 23.45 9.17
C THR B 122 -28.61 24.82 9.83
N GLU B 123 -29.78 25.43 9.65
CA GLU B 123 -30.01 26.84 9.99
C GLU B 123 -29.93 27.14 11.48
N ASP B 124 -30.08 26.14 12.35
CA ASP B 124 -29.93 26.42 13.77
C ASP B 124 -28.48 26.30 14.23
N GLY B 125 -27.58 25.83 13.37
CA GLY B 125 -26.18 25.68 13.70
C GLY B 125 -25.69 24.26 13.77
N THR B 126 -26.53 23.27 13.48
CA THR B 126 -26.09 21.89 13.45
C THR B 126 -25.30 21.62 12.18
N LEU B 127 -24.15 20.96 12.34
CA LEU B 127 -23.24 20.71 11.23
C LEU B 127 -23.12 19.22 10.95
N LEU B 128 -22.91 18.89 9.68
CA LEU B 128 -22.61 17.53 9.25
C LEU B 128 -21.38 17.60 8.36
N TYR B 129 -20.44 16.68 8.58
CA TYR B 129 -19.15 16.74 7.91
C TYR B 129 -18.63 15.31 7.76
N THR B 130 -18.82 14.73 6.59
CA THR B 130 -18.48 13.34 6.35
C THR B 130 -17.23 13.28 5.49
N MET B 131 -16.40 12.28 5.74
CA MET B 131 -15.18 12.09 4.97
C MET B 131 -15.13 10.67 4.44
N ARG B 132 -14.57 10.51 3.25
CA ARG B 132 -14.30 9.20 2.70
C ARG B 132 -12.83 8.89 2.94
N LEU B 133 -12.57 7.83 3.70
CA LEU B 133 -11.22 7.45 4.07
C LEU B 133 -10.99 5.98 3.74
N THR B 134 -9.74 5.62 3.56
CA THR B 134 -9.30 4.24 3.70
C THR B 134 -8.38 4.19 4.92
N VAL B 135 -8.59 3.20 5.78
CA VAL B 135 -7.88 3.10 7.03
C VAL B 135 -7.15 1.77 7.06
N ARG B 136 -5.84 1.82 7.16
CA ARG B 136 -5.01 0.62 7.29
C ARG B 136 -4.74 0.45 8.78
N ALA B 137 -5.75 -0.02 9.50
CA ALA B 137 -5.68 -0.12 10.95
C ALA B 137 -4.86 -1.34 11.36
N GLU B 138 -4.54 -1.39 12.65
CA GLU B 138 -3.72 -2.44 13.22
C GLU B 138 -4.63 -3.41 13.98
N CYS B 139 -4.56 -4.68 13.64
CA CYS B 139 -5.37 -5.71 14.28
C CYS B 139 -4.46 -6.73 14.94
N PRO B 140 -4.22 -6.64 16.25
CA PRO B 140 -3.41 -7.65 16.93
C PRO B 140 -4.20 -8.95 17.08
N MET B 141 -3.70 -10.00 16.45
CA MET B 141 -4.39 -11.27 16.40
C MET B 141 -3.57 -12.37 17.06
N HIS B 142 -4.28 -13.36 17.60
CA HIS B 142 -3.69 -14.44 18.39
C HIS B 142 -3.75 -15.71 17.54
N LEU B 143 -2.62 -16.06 16.94
CA LEU B 143 -2.58 -17.19 16.01
C LEU B 143 -2.18 -18.50 16.68
N GLU B 144 -2.87 -18.88 17.75
CA GLU B 144 -2.68 -20.20 18.32
C GLU B 144 -3.54 -21.26 17.64
N ASP B 145 -4.74 -20.89 17.21
CA ASP B 145 -5.67 -21.82 16.59
C ASP B 145 -5.68 -21.72 15.07
N PHE B 146 -4.54 -21.45 14.45
CA PHE B 146 -4.47 -21.34 13.00
C PHE B 146 -4.72 -22.70 12.36
N PRO B 147 -5.55 -22.79 11.31
CA PRO B 147 -6.33 -21.74 10.67
C PRO B 147 -7.77 -21.68 11.17
N MET B 148 -8.13 -22.39 12.21
CA MET B 148 -9.50 -22.42 12.73
C MET B 148 -9.70 -21.37 13.81
N ASP B 149 -9.33 -20.13 13.53
CA ASP B 149 -9.28 -19.08 14.53
C ASP B 149 -10.26 -17.96 14.20
N ALA B 150 -10.65 -17.23 15.25
CA ALA B 150 -11.49 -16.05 15.12
C ALA B 150 -10.76 -14.84 15.68
N HIS B 151 -11.00 -13.68 15.06
CA HIS B 151 -10.34 -12.45 15.48
C HIS B 151 -11.36 -11.34 15.56
N ALA B 152 -11.13 -10.40 16.46
CA ALA B 152 -11.96 -9.20 16.60
C ALA B 152 -11.05 -8.01 16.34
N CYS B 153 -10.97 -7.62 15.08
CA CYS B 153 -10.08 -6.53 14.69
C CYS B 153 -10.67 -5.19 15.10
N PRO B 154 -9.98 -4.39 15.91
CA PRO B 154 -10.56 -3.16 16.44
C PRO B 154 -10.29 -1.95 15.55
N LEU B 155 -11.06 -0.88 15.80
CA LEU B 155 -10.87 0.39 15.14
C LEU B 155 -11.19 1.48 16.16
N LYS B 156 -10.16 2.01 16.80
CA LYS B 156 -10.32 2.96 17.90
C LYS B 156 -9.99 4.36 17.41
N PHE B 157 -10.91 5.30 17.63
CA PHE B 157 -10.71 6.68 17.22
C PHE B 157 -11.16 7.61 18.34
N GLY B 158 -10.60 8.82 18.33
CA GLY B 158 -10.94 9.81 19.32
C GLY B 158 -10.23 11.11 19.02
N SER B 159 -10.44 12.08 19.89
CA SER B 159 -9.79 13.38 19.73
C SER B 159 -8.32 13.27 20.06
N TYR B 160 -7.54 14.22 19.52
CA TYR B 160 -6.10 14.26 19.78
C TYR B 160 -5.74 15.31 20.83
N ALA B 161 -6.11 16.56 20.59
CA ALA B 161 -5.67 17.66 21.44
C ALA B 161 -6.72 18.10 22.44
N TYR B 162 -7.92 17.52 22.41
CA TYR B 162 -9.02 17.95 23.27
C TYR B 162 -9.37 16.83 24.23
N THR B 163 -9.33 17.13 25.53
CA THR B 163 -9.58 16.14 26.56
C THR B 163 -11.08 15.87 26.72
N ARG B 164 -11.42 15.11 27.76
CA ARG B 164 -12.80 14.71 27.97
C ARG B 164 -13.61 15.81 28.63
N ALA B 165 -12.94 16.89 29.04
CA ALA B 165 -13.61 18.09 29.52
C ALA B 165 -13.75 19.13 28.41
N GLU B 166 -13.31 18.81 27.19
CA GLU B 166 -13.38 19.76 26.10
C GLU B 166 -14.21 19.23 24.93
N VAL B 167 -13.93 18.01 24.48
CA VAL B 167 -14.68 17.40 23.38
C VAL B 167 -14.98 15.96 23.77
N VAL B 168 -16.26 15.61 23.81
CA VAL B 168 -16.70 14.23 24.04
C VAL B 168 -17.36 13.74 22.77
N TYR B 169 -17.29 12.44 22.53
CA TYR B 169 -17.86 11.83 21.36
C TYR B 169 -19.10 11.03 21.72
N GLU B 170 -19.95 10.79 20.72
CA GLU B 170 -21.17 10.02 20.91
C GLU B 170 -21.58 9.46 19.57
N TRP B 171 -22.46 8.46 19.59
CA TRP B 171 -23.00 7.90 18.37
C TRP B 171 -24.27 8.63 17.97
N THR B 172 -24.48 8.76 16.65
CA THR B 172 -25.62 9.52 16.16
C THR B 172 -26.92 8.77 16.40
N ARG B 173 -27.06 7.60 15.81
CA ARG B 173 -28.20 6.73 16.07
C ARG B 173 -27.88 5.84 17.25
N GLU B 174 -28.67 4.80 17.45
CA GLU B 174 -28.41 3.81 18.49
C GLU B 174 -27.09 3.10 18.20
N PRO B 175 -26.35 2.70 19.24
CA PRO B 175 -25.05 2.05 19.02
C PRO B 175 -25.12 0.72 18.26
N ALA B 176 -26.27 0.05 18.27
CA ALA B 176 -26.44 -1.10 17.38
C ALA B 176 -26.51 -0.66 15.92
N ARG B 177 -27.07 0.52 15.66
CA ARG B 177 -27.28 1.02 14.31
C ARG B 177 -26.37 2.20 13.98
N SER B 178 -25.16 2.23 14.54
CA SER B 178 -24.25 3.33 14.31
C SER B 178 -23.01 2.94 13.53
N VAL B 179 -22.79 1.66 13.26
CA VAL B 179 -21.80 1.21 12.29
C VAL B 179 -22.51 0.28 11.33
N VAL B 180 -22.57 0.68 10.06
CA VAL B 180 -23.29 -0.05 9.03
C VAL B 180 -22.28 -0.52 8.00
N VAL B 181 -22.35 -1.79 7.64
CA VAL B 181 -21.50 -2.37 6.61
C VAL B 181 -22.34 -2.59 5.36
N ALA B 182 -21.84 -2.10 4.22
CA ALA B 182 -22.56 -2.27 2.96
C ALA B 182 -22.56 -3.73 2.54
N GLU B 183 -23.64 -4.14 1.87
CA GLU B 183 -23.81 -5.53 1.50
C GLU B 183 -22.88 -5.94 0.36
N ASP B 184 -22.68 -5.05 -0.62
CA ASP B 184 -21.80 -5.37 -1.74
C ASP B 184 -20.33 -5.31 -1.36
N GLY B 185 -19.98 -4.58 -0.31
CA GLY B 185 -18.59 -4.46 0.07
C GLY B 185 -18.12 -5.56 0.98
N SER B 186 -17.54 -6.60 0.38
CA SER B 186 -17.10 -7.78 1.09
C SER B 186 -15.73 -8.22 0.57
N ARG B 187 -14.77 -7.29 0.53
CA ARG B 187 -13.47 -7.53 -0.09
C ARG B 187 -12.60 -8.54 0.66
N LEU B 188 -13.05 -9.12 1.76
CA LEU B 188 -12.36 -10.25 2.37
C LEU B 188 -12.43 -11.47 1.45
N ASN B 189 -11.29 -12.09 1.20
CA ASN B 189 -11.24 -13.32 0.45
C ASN B 189 -10.96 -14.54 1.31
N GLN B 190 -10.27 -14.36 2.43
CA GLN B 190 -9.89 -15.45 3.32
C GLN B 190 -10.77 -15.53 4.55
N TYR B 191 -11.09 -14.39 5.17
CA TYR B 191 -11.87 -14.36 6.40
C TYR B 191 -13.35 -14.32 6.08
N ASP B 192 -14.17 -14.09 7.11
CA ASP B 192 -15.62 -14.03 6.96
C ASP B 192 -16.15 -13.10 8.04
N LEU B 193 -16.68 -11.96 7.63
CA LEU B 193 -17.15 -10.97 8.59
C LEU B 193 -18.50 -11.39 9.15
N LEU B 194 -18.59 -11.49 10.47
CA LEU B 194 -19.79 -11.95 11.16
C LEU B 194 -20.66 -10.82 11.69
N GLY B 195 -20.05 -9.77 12.21
CA GLY B 195 -20.81 -8.66 12.76
C GLY B 195 -19.87 -7.64 13.35
N GLN B 196 -20.46 -6.57 13.86
CA GLN B 196 -19.71 -5.49 14.47
C GLN B 196 -20.32 -5.09 15.81
N THR B 197 -19.45 -4.76 16.76
CA THR B 197 -19.84 -4.33 18.09
C THR B 197 -19.06 -3.08 18.44
N VAL B 198 -19.75 -2.09 19.02
CA VAL B 198 -19.14 -0.81 19.33
C VAL B 198 -19.12 -0.62 20.83
N ASP B 199 -18.33 0.36 21.26
CA ASP B 199 -18.15 0.67 22.68
C ASP B 199 -17.60 2.08 22.80
N SER B 200 -17.59 2.59 24.03
CA SER B 200 -16.99 3.88 24.32
C SER B 200 -16.32 3.82 25.69
N GLY B 201 -15.29 4.64 25.87
CA GLY B 201 -14.56 4.60 27.12
C GLY B 201 -13.61 5.77 27.23
N ILE B 202 -12.82 5.74 28.29
CA ILE B 202 -11.85 6.78 28.61
C ILE B 202 -10.46 6.16 28.60
N VAL B 203 -9.52 6.82 27.92
CA VAL B 203 -8.11 6.44 27.99
C VAL B 203 -7.40 7.45 28.88
N GLN B 204 -6.27 7.02 29.42
CA GLN B 204 -5.46 7.85 30.29
C GLN B 204 -4.12 8.13 29.62
N SER B 205 -3.80 9.42 29.49
CA SER B 205 -2.52 9.83 28.95
C SER B 205 -1.88 10.80 29.92
N SER B 206 -0.63 11.16 29.64
CA SER B 206 0.06 12.13 30.49
C SER B 206 -0.51 13.53 30.32
N THR B 207 -1.03 13.84 29.14
CA THR B 207 -1.63 15.15 28.92
C THR B 207 -3.01 15.28 29.54
N GLY B 208 -3.78 14.20 29.59
CA GLY B 208 -5.10 14.25 30.18
C GLY B 208 -5.87 12.98 29.89
N GLU B 209 -7.18 13.05 30.11
CA GLU B 209 -8.09 11.94 29.86
C GLU B 209 -8.89 12.22 28.60
N TYR B 210 -8.87 11.28 27.66
CA TYR B 210 -9.51 11.45 26.37
C TYR B 210 -10.63 10.43 26.20
N VAL B 211 -11.69 10.84 25.52
CA VAL B 211 -12.77 9.93 25.18
C VAL B 211 -12.36 9.13 23.95
N VAL B 212 -12.32 7.81 24.10
CA VAL B 212 -11.99 6.92 22.99
C VAL B 212 -13.29 6.28 22.52
N MET B 213 -13.35 5.99 21.22
CA MET B 213 -14.51 5.36 20.61
C MET B 213 -14.05 4.08 19.93
N THR B 214 -14.55 2.95 20.38
CA THR B 214 -14.04 1.65 19.97
C THR B 214 -15.12 0.87 19.24
N THR B 215 -14.76 0.32 18.08
CA THR B 215 -15.59 -0.64 17.40
C THR B 215 -14.75 -1.87 17.04
N HIS B 216 -15.39 -3.03 17.08
CA HIS B 216 -14.74 -4.30 16.79
C HIS B 216 -15.41 -4.94 15.60
N PHE B 217 -14.63 -5.53 14.70
CA PHE B 217 -15.16 -6.25 13.55
C PHE B 217 -14.81 -7.72 13.72
N HIS B 218 -15.81 -8.54 14.02
CA HIS B 218 -15.58 -9.94 14.35
C HIS B 218 -15.43 -10.76 13.07
N LEU B 219 -14.29 -11.42 12.93
CA LEU B 219 -13.96 -12.18 11.73
C LEU B 219 -13.67 -13.63 12.11
N LYS B 220 -14.10 -14.56 11.25
CA LYS B 220 -13.80 -15.97 11.38
C LYS B 220 -13.12 -16.46 10.12
N ARG B 221 -11.98 -17.12 10.26
CA ARG B 221 -11.21 -17.55 9.11
C ARG B 221 -11.83 -18.80 8.49
N LYS B 222 -11.92 -18.81 7.17
CA LYS B 222 -12.43 -19.95 6.41
C LYS B 222 -11.28 -20.89 6.09
N ILE B 223 -11.46 -22.17 6.41
CA ILE B 223 -10.40 -23.16 6.30
C ILE B 223 -10.47 -23.94 5.00
N GLY B 224 -11.29 -23.50 4.04
CA GLY B 224 -11.38 -24.21 2.78
C GLY B 224 -10.15 -24.09 1.91
N TYR B 225 -9.36 -23.02 2.09
CA TYR B 225 -8.11 -22.90 1.37
C TYR B 225 -7.06 -23.85 1.92
N PHE B 226 -6.97 -23.96 3.25
CA PHE B 226 -5.91 -24.73 3.87
C PHE B 226 -6.18 -26.23 3.86
N VAL B 227 -7.42 -26.65 3.60
CA VAL B 227 -7.70 -28.07 3.43
C VAL B 227 -7.07 -28.57 2.13
N ILE B 228 -7.28 -27.84 1.02
CA ILE B 228 -6.78 -28.29 -0.28
C ILE B 228 -5.35 -27.86 -0.54
N GLN B 229 -4.71 -27.16 0.39
CA GLN B 229 -3.31 -26.76 0.26
C GLN B 229 -2.39 -27.51 1.20
N THR B 230 -2.78 -27.68 2.45
CA THR B 230 -1.92 -28.31 3.46
C THR B 230 -2.52 -29.59 4.02
N TYR B 231 -3.81 -29.58 4.37
CA TYR B 231 -4.38 -30.71 5.11
C TYR B 231 -4.60 -31.93 4.23
N LEU B 232 -5.02 -31.73 2.98
CA LEU B 232 -5.14 -32.87 2.07
C LEU B 232 -3.82 -33.35 1.46
N PRO B 233 -2.84 -32.51 1.08
CA PRO B 233 -1.54 -33.07 0.69
C PRO B 233 -0.75 -33.69 1.82
N CYS B 234 -0.99 -33.31 3.08
CA CYS B 234 -0.35 -34.02 4.18
C CYS B 234 -1.02 -35.34 4.48
N ILE B 235 -2.34 -35.43 4.30
CA ILE B 235 -3.04 -36.70 4.48
C ILE B 235 -2.64 -37.68 3.38
N MET B 236 -2.52 -37.20 2.14
CA MET B 236 -2.13 -38.06 1.02
C MET B 236 -0.68 -38.49 1.12
N THR B 237 0.16 -37.74 1.83
CA THR B 237 1.55 -38.16 2.03
C THR B 237 1.64 -39.30 3.04
N VAL B 238 0.82 -39.25 4.09
CA VAL B 238 0.83 -40.31 5.10
C VAL B 238 0.31 -41.62 4.51
N ILE B 239 -0.72 -41.55 3.67
CA ILE B 239 -1.21 -42.75 2.98
C ILE B 239 -0.16 -43.23 1.98
N LEU B 240 0.57 -42.30 1.35
CA LEU B 240 1.67 -42.68 0.47
C LEU B 240 2.83 -43.32 1.25
N SER B 241 2.99 -42.96 2.52
CA SER B 241 3.99 -43.64 3.32
C SER B 241 3.50 -45.00 3.80
N GLN B 242 2.21 -45.16 4.04
CA GLN B 242 1.65 -46.38 4.62
C GLN B 242 1.33 -47.44 3.58
N VAL B 243 1.47 -47.14 2.27
CA VAL B 243 1.32 -48.18 1.27
C VAL B 243 2.61 -48.98 1.14
N SER B 244 3.70 -48.49 1.72
CA SER B 244 4.97 -49.20 1.72
C SER B 244 4.94 -50.50 2.52
N PHE B 245 3.97 -50.65 3.43
CA PHE B 245 3.82 -51.91 4.16
C PHE B 245 3.20 -52.99 3.30
N TRP B 246 2.57 -52.63 2.19
CA TRP B 246 1.91 -53.59 1.31
C TRP B 246 2.85 -54.22 0.30
N LEU B 247 4.12 -53.82 0.30
CA LEU B 247 5.10 -54.37 -0.62
C LEU B 247 5.79 -55.58 0.00
N ASN B 248 6.82 -56.08 -0.66
CA ASN B 248 7.57 -57.24 -0.19
C ASN B 248 8.81 -56.81 0.58
N ARG B 249 9.35 -57.74 1.37
CA ARG B 249 10.53 -57.45 2.18
C ARG B 249 11.79 -57.33 1.32
N GLU B 250 11.84 -58.02 0.18
CA GLU B 250 13.06 -58.09 -0.61
C GLU B 250 13.28 -56.87 -1.49
N SER B 251 12.28 -55.99 -1.64
CA SER B 251 12.41 -54.82 -2.49
C SER B 251 12.97 -53.65 -1.68
N VAL B 252 14.25 -53.80 -1.31
CA VAL B 252 14.98 -52.80 -0.54
C VAL B 252 15.14 -51.47 -1.28
N PRO B 253 15.55 -51.39 -2.57
CA PRO B 253 15.55 -50.07 -3.22
C PRO B 253 14.17 -49.52 -3.51
N ALA B 254 13.15 -50.37 -3.65
CA ALA B 254 11.81 -49.87 -3.96
C ALA B 254 11.16 -49.25 -2.74
N ARG B 255 11.27 -49.89 -1.58
CA ARG B 255 10.62 -49.37 -0.38
C ARG B 255 11.32 -48.16 0.19
N THR B 256 12.61 -47.98 -0.05
CA THR B 256 13.27 -46.78 0.42
C THR B 256 12.97 -45.56 -0.46
N VAL B 257 12.42 -45.77 -1.66
CA VAL B 257 11.88 -44.64 -2.42
C VAL B 257 10.62 -44.13 -1.76
N PHE B 258 9.77 -45.04 -1.27
CA PHE B 258 8.63 -44.65 -0.44
C PHE B 258 9.09 -43.99 0.85
N GLY B 259 10.17 -44.49 1.45
CA GLY B 259 10.62 -43.93 2.72
C GLY B 259 11.24 -42.55 2.58
N VAL B 260 12.09 -42.35 1.57
CA VAL B 260 12.84 -41.11 1.47
C VAL B 260 11.98 -39.99 0.90
N THR B 261 11.25 -40.26 -0.18
CA THR B 261 10.54 -39.20 -0.87
C THR B 261 9.33 -38.70 -0.10
N THR B 262 8.71 -39.54 0.73
CA THR B 262 7.59 -39.07 1.54
C THR B 262 8.06 -38.17 2.67
N VAL B 263 9.18 -38.49 3.30
CA VAL B 263 9.69 -37.63 4.36
C VAL B 263 10.40 -36.42 3.77
N LEU B 264 10.87 -36.50 2.52
CA LEU B 264 11.42 -35.32 1.87
C LEU B 264 10.34 -34.38 1.37
N THR B 265 9.17 -34.91 1.01
CA THR B 265 8.06 -34.03 0.71
C THR B 265 7.25 -33.66 1.94
N MET B 266 7.49 -34.31 3.08
CA MET B 266 6.85 -33.85 4.32
C MET B 266 7.53 -32.59 4.84
N THR B 267 8.86 -32.52 4.72
CA THR B 267 9.59 -31.37 5.22
C THR B 267 9.55 -30.17 4.30
N THR B 268 9.13 -30.34 3.04
CA THR B 268 8.92 -29.18 2.18
C THR B 268 7.58 -28.51 2.48
N LEU B 269 6.55 -29.35 2.67
CA LEU B 269 5.22 -28.79 3.06
C LEU B 269 5.36 -28.14 4.43
N SER B 270 6.11 -28.77 5.33
CA SER B 270 6.34 -28.18 6.68
C SER B 270 6.79 -26.73 6.52
N ILE B 271 7.67 -26.47 5.54
CA ILE B 271 8.17 -25.08 5.29
C ILE B 271 7.20 -24.34 4.37
N SER B 272 6.82 -24.94 3.24
CA SER B 272 5.93 -24.25 2.27
C SER B 272 4.68 -23.77 3.00
N ALA B 273 4.33 -24.44 4.10
CA ALA B 273 3.16 -24.04 4.87
C ALA B 273 3.48 -23.05 5.98
N ARG B 274 4.72 -23.04 6.48
CA ARG B 274 5.01 -22.13 7.59
C ARG B 274 5.29 -20.69 7.13
N ASN B 275 5.28 -20.39 5.84
CA ASN B 275 5.56 -19.04 5.38
C ASN B 275 4.33 -18.13 5.30
N SER B 276 3.14 -18.66 5.56
CA SER B 276 1.92 -17.88 5.38
C SER B 276 1.75 -16.84 6.49
N LEU B 277 1.85 -17.28 7.72
CA LEU B 277 1.66 -16.54 8.95
C LEU B 277 2.98 -15.92 9.37
N PRO B 278 3.04 -14.90 10.26
CA PRO B 278 4.32 -14.22 10.57
C PRO B 278 5.36 -15.05 11.34
N LYS B 279 6.50 -14.45 11.68
CA LYS B 279 7.54 -15.16 12.48
C LYS B 279 6.99 -15.35 13.89
N VAL B 280 6.23 -16.41 14.11
CA VAL B 280 5.55 -16.62 15.39
C VAL B 280 6.43 -17.49 16.27
N ALA B 281 6.59 -17.08 17.54
CA ALA B 281 7.37 -17.87 18.48
C ALA B 281 6.67 -19.17 18.85
N TYR B 282 5.37 -19.11 19.15
CA TYR B 282 4.65 -20.31 19.55
C TYR B 282 4.19 -21.10 18.33
N ALA B 283 3.66 -22.29 18.59
CA ALA B 283 3.28 -23.23 17.55
C ALA B 283 1.78 -23.16 17.31
N THR B 284 1.40 -23.05 16.04
CA THR B 284 0.00 -22.95 15.65
C THR B 284 -0.64 -24.34 15.67
N ALA B 285 -1.96 -24.37 15.42
CA ALA B 285 -2.65 -25.65 15.38
C ALA B 285 -2.41 -26.40 14.07
N MET B 286 -1.95 -25.71 13.03
CA MET B 286 -1.54 -26.41 11.81
C MET B 286 -0.20 -27.09 11.99
N ASP B 287 0.68 -26.51 12.82
CA ASP B 287 1.98 -27.13 13.06
C ASP B 287 1.87 -28.35 13.95
N TRP B 288 0.78 -28.47 14.71
CA TRP B 288 0.56 -29.71 15.45
C TRP B 288 0.08 -30.82 14.53
N PHE B 289 -0.64 -30.49 13.46
CA PHE B 289 -1.05 -31.51 12.51
C PHE B 289 0.11 -31.96 11.64
N ILE B 290 1.00 -31.03 11.28
CA ILE B 290 2.14 -31.38 10.44
C ILE B 290 3.15 -32.22 11.20
N ALA B 291 3.42 -31.84 12.46
CA ALA B 291 4.43 -32.54 13.25
C ALA B 291 4.00 -33.96 13.62
N VAL B 292 2.70 -34.19 13.83
CA VAL B 292 2.23 -35.55 14.02
C VAL B 292 2.31 -36.34 12.72
N CYS B 293 1.95 -35.71 11.59
CA CYS B 293 2.13 -36.34 10.30
C CYS B 293 3.61 -36.51 9.94
N TYR B 294 4.47 -35.64 10.46
CA TYR B 294 5.91 -35.83 10.32
C TYR B 294 6.40 -36.98 11.18
N ALA B 295 5.66 -37.35 12.22
CA ALA B 295 6.02 -38.51 13.03
C ALA B 295 5.53 -39.81 12.42
N PHE B 296 4.45 -39.77 11.64
CA PHE B 296 3.95 -41.00 11.02
C PHE B 296 4.82 -41.46 9.86
N VAL B 297 5.43 -40.54 9.13
CA VAL B 297 6.33 -40.94 8.06
C VAL B 297 7.65 -41.49 8.60
N PHE B 298 8.16 -40.93 9.72
CA PHE B 298 9.31 -41.54 10.37
C PHE B 298 8.96 -42.86 11.04
N SER B 299 7.73 -43.01 11.54
CA SER B 299 7.32 -44.28 12.10
C SER B 299 7.19 -45.35 11.02
N ALA B 300 6.89 -44.95 9.78
CA ALA B 300 6.91 -45.88 8.66
C ALA B 300 8.33 -46.17 8.19
N LEU B 301 9.24 -45.20 8.30
CA LEU B 301 10.59 -45.38 7.80
C LEU B 301 11.41 -46.29 8.73
N ILE B 302 11.26 -46.14 10.04
CA ILE B 302 11.96 -47.02 10.96
C ILE B 302 11.27 -48.37 11.06
N GLU B 303 10.03 -48.49 10.60
CA GLU B 303 9.40 -49.79 10.46
C GLU B 303 10.05 -50.59 9.35
N PHE B 304 10.42 -49.92 8.25
CA PHE B 304 11.09 -50.59 7.15
C PHE B 304 12.51 -50.98 7.54
N ALA B 305 13.20 -50.12 8.31
CA ALA B 305 14.54 -50.45 8.77
C ALA B 305 14.52 -51.60 9.77
N THR B 306 13.41 -51.79 10.48
CA THR B 306 13.27 -52.95 11.35
C THR B 306 13.15 -54.24 10.53
N VAL B 307 12.28 -54.23 9.51
CA VAL B 307 12.05 -55.44 8.73
C VAL B 307 13.20 -55.71 7.75
N ASN B 308 13.97 -54.69 7.37
CA ASN B 308 15.14 -54.91 6.53
C ASN B 308 16.29 -55.51 7.33
N TYR B 309 16.39 -55.18 8.61
CA TYR B 309 17.40 -55.79 9.47
C TYR B 309 17.09 -57.25 9.74
N PHE B 310 15.82 -57.61 9.86
CA PHE B 310 15.42 -58.98 10.10
C PHE B 310 15.20 -59.77 8.82
N THR B 311 15.46 -59.18 7.67
CA THR B 311 15.35 -59.91 6.40
C THR B 311 16.55 -60.81 6.18
N SER B 388 9.46 -65.55 3.91
CA SER B 388 8.05 -65.43 4.23
C SER B 388 7.68 -64.00 4.58
N VAL B 389 6.38 -63.73 4.75
CA VAL B 389 5.94 -62.41 5.14
C VAL B 389 6.25 -62.17 6.61
N SER B 390 6.34 -60.91 6.99
CA SER B 390 6.74 -60.54 8.34
C SER B 390 5.53 -60.21 9.20
N LYS B 391 5.68 -60.42 10.51
CA LYS B 391 4.66 -60.01 11.46
C LYS B 391 4.64 -58.50 11.67
N ILE B 392 5.76 -57.82 11.37
CA ILE B 392 5.81 -56.37 11.49
C ILE B 392 4.95 -55.72 10.40
N ASP B 393 5.07 -56.19 9.16
CA ASP B 393 4.29 -55.61 8.08
C ASP B 393 2.82 -56.04 8.15
N ARG B 394 2.56 -57.22 8.71
CA ARG B 394 1.17 -57.67 8.87
C ARG B 394 0.46 -56.96 10.02
N LEU B 395 1.21 -56.34 10.93
CA LEU B 395 0.63 -55.53 12.00
C LEU B 395 0.59 -54.05 11.67
N SER B 396 1.59 -53.54 10.95
CA SER B 396 1.61 -52.13 10.57
C SER B 396 0.71 -51.84 9.37
N ARG B 397 0.21 -52.87 8.69
CA ARG B 397 -0.79 -52.64 7.65
C ARG B 397 -2.15 -52.29 8.24
N ILE B 398 -2.39 -52.61 9.50
CA ILE B 398 -3.67 -52.37 10.15
C ILE B 398 -3.57 -51.27 11.20
N ALA B 399 -2.49 -51.26 11.99
CA ALA B 399 -2.37 -50.29 13.08
C ALA B 399 -2.09 -48.89 12.56
N PHE B 400 -1.21 -48.77 11.57
CA PHE B 400 -0.89 -47.45 11.01
C PHE B 400 -2.08 -46.74 10.35
N PRO B 401 -2.97 -47.37 9.56
CA PRO B 401 -4.22 -46.68 9.21
C PRO B 401 -5.16 -46.48 10.39
N LEU B 402 -5.00 -47.23 11.49
CA LEU B 402 -5.90 -47.08 12.63
C LEU B 402 -5.48 -45.91 13.52
N LEU B 403 -4.21 -45.89 13.97
CA LEU B 403 -3.75 -44.81 14.84
C LEU B 403 -3.66 -43.48 14.12
N PHE B 404 -3.54 -43.47 12.79
CA PHE B 404 -3.67 -42.21 12.07
C PHE B 404 -5.12 -41.75 12.03
N GLY B 405 -6.06 -42.69 11.98
CA GLY B 405 -7.47 -42.32 11.99
C GLY B 405 -7.95 -41.85 13.35
N ILE B 406 -7.36 -42.39 14.42
CA ILE B 406 -7.74 -41.99 15.77
C ILE B 406 -7.27 -40.56 16.06
N PHE B 407 -6.05 -40.22 15.63
CA PHE B 407 -5.58 -38.85 15.73
C PHE B 407 -6.39 -37.91 14.85
N ASN B 408 -6.76 -38.36 13.66
CA ASN B 408 -7.50 -37.52 12.72
C ASN B 408 -8.92 -37.27 13.21
N LEU B 409 -9.49 -38.20 13.97
CA LEU B 409 -10.82 -37.98 14.54
C LEU B 409 -10.76 -37.04 15.73
N VAL B 410 -9.70 -37.11 16.52
CA VAL B 410 -9.63 -36.32 17.74
C VAL B 410 -9.05 -34.92 17.50
N TYR B 411 -8.32 -34.72 16.40
CA TYR B 411 -7.77 -33.39 16.12
C TYR B 411 -8.85 -32.44 15.65
N TRP B 412 -9.72 -32.88 14.74
CA TRP B 412 -10.74 -31.99 14.21
C TRP B 412 -11.86 -31.76 15.21
N ALA B 413 -12.16 -32.74 16.06
CA ALA B 413 -13.27 -32.63 16.99
C ALA B 413 -12.94 -31.66 18.13
N THR B 414 -11.66 -31.52 18.46
CA THR B 414 -11.27 -30.60 19.52
C THR B 414 -11.01 -29.18 19.00
N TYR B 415 -11.11 -28.97 17.69
CA TYR B 415 -10.81 -27.67 17.11
C TYR B 415 -11.96 -27.08 16.30
N LEU B 416 -12.75 -27.89 15.61
CA LEU B 416 -13.89 -27.38 14.87
C LEU B 416 -15.08 -27.06 15.78
N ASN B 417 -15.06 -27.52 17.02
CA ASN B 417 -16.17 -27.34 17.95
C ASN B 417 -15.73 -26.54 19.18
N ARG B 418 -14.98 -25.47 18.96
CA ARG B 418 -14.56 -24.59 20.04
C ARG B 418 -15.43 -23.35 20.10
N PRO C 23 -16.21 30.98 22.18
CA PRO C 23 -14.88 31.57 22.29
C PRO C 23 -14.81 32.69 23.34
N GLU C 24 -15.96 33.30 23.61
CA GLU C 24 -16.24 34.33 24.63
C GLU C 24 -15.64 35.70 24.24
N GLY C 25 -14.80 35.77 23.22
CA GLY C 25 -14.15 37.00 22.80
C GLY C 25 -12.80 37.26 23.43
N ASP C 26 -12.62 36.89 24.70
CA ASP C 26 -11.35 37.14 25.37
C ASP C 26 -10.26 36.20 24.89
N VAL C 27 -10.61 34.97 24.50
CA VAL C 27 -9.62 34.04 23.99
C VAL C 27 -9.17 34.46 22.59
N THR C 28 -10.09 35.06 21.82
CA THR C 28 -9.75 35.54 20.48
C THR C 28 -8.77 36.71 20.54
N VAL C 29 -8.99 37.66 21.45
CA VAL C 29 -8.09 38.80 21.55
C VAL C 29 -6.79 38.45 22.24
N ILE C 30 -6.73 37.33 22.96
CA ILE C 30 -5.46 36.86 23.50
C ILE C 30 -4.57 36.36 22.37
N LEU C 31 -5.14 35.57 21.45
CA LEU C 31 -4.36 34.98 20.37
C LEU C 31 -3.96 36.02 19.33
N ASN C 32 -4.80 37.04 19.12
CA ASN C 32 -4.44 38.11 18.20
C ASN C 32 -3.32 38.97 18.77
N ASN C 33 -3.27 39.14 20.09
CA ASN C 33 -2.18 39.88 20.70
C ASN C 33 -0.87 39.09 20.72
N LEU C 34 -0.96 37.76 20.82
CA LEU C 34 0.25 36.95 20.86
C LEU C 34 0.92 36.85 19.50
N LEU C 35 0.15 36.96 18.42
CA LEU C 35 0.68 36.75 17.09
C LEU C 35 1.03 38.03 16.36
N GLU C 36 0.63 39.19 16.86
CA GLU C 36 1.05 40.45 16.25
C GLU C 36 2.45 40.81 16.75
N GLY C 37 3.30 41.24 15.82
CA GLY C 37 4.69 41.46 16.17
C GLY C 37 5.47 40.20 16.46
N TYR C 38 5.03 39.06 15.96
CA TYR C 38 5.67 37.78 16.22
C TYR C 38 6.44 37.32 15.00
N ASP C 39 7.71 37.01 15.19
CA ASP C 39 8.57 36.49 14.13
C ASP C 39 8.85 35.03 14.43
N ASN C 40 8.28 34.13 13.64
CA ASN C 40 8.47 32.70 13.84
C ASN C 40 9.76 32.18 13.21
N LYS C 41 10.55 33.04 12.57
CA LYS C 41 11.85 32.64 12.05
C LYS C 41 12.96 32.74 13.09
N LEU C 42 12.66 33.29 14.27
CA LEU C 42 13.65 33.48 15.32
C LEU C 42 13.27 32.65 16.53
N ARG C 43 14.23 31.93 17.08
CA ARG C 43 14.00 31.17 18.30
C ARG C 43 13.86 32.13 19.49
N PRO C 44 13.17 31.72 20.55
CA PRO C 44 13.14 32.54 21.77
C PRO C 44 14.52 32.68 22.37
N ASP C 45 14.81 33.90 22.85
CA ASP C 45 16.11 34.31 23.40
C ASP C 45 17.23 34.05 22.39
N ILE C 46 17.15 34.80 21.28
CA ILE C 46 18.02 34.56 20.13
C ILE C 46 19.47 34.90 20.46
N GLY C 47 19.70 35.94 21.26
CA GLY C 47 21.06 36.30 21.60
C GLY C 47 21.29 36.47 23.09
N VAL C 48 20.53 35.74 23.90
CA VAL C 48 20.62 35.90 25.35
C VAL C 48 21.11 34.61 25.99
N LYS C 49 20.34 33.54 25.86
CA LYS C 49 20.65 32.26 26.47
C LYS C 49 20.13 31.16 25.56
N PRO C 50 20.71 29.96 25.61
CA PRO C 50 20.21 28.87 24.77
C PRO C 50 18.82 28.41 25.18
N THR C 51 18.02 28.02 24.20
CA THR C 51 16.67 27.55 24.44
C THR C 51 16.73 26.14 25.03
N LEU C 52 16.18 25.97 26.22
CA LEU C 52 16.15 24.69 26.89
C LEU C 52 14.85 23.98 26.54
N ILE C 53 14.96 22.84 25.86
CA ILE C 53 13.81 22.08 25.40
C ILE C 53 13.76 20.77 26.14
N HIS C 54 12.67 20.52 26.84
CA HIS C 54 12.43 19.25 27.50
C HIS C 54 11.69 18.33 26.56
N THR C 55 12.07 17.06 26.55
CA THR C 55 11.57 16.11 25.58
C THR C 55 10.92 14.92 26.27
N ASP C 56 9.77 14.51 25.74
CA ASP C 56 9.02 13.37 26.25
C ASP C 56 8.68 12.47 25.08
N MET C 57 8.49 11.18 25.38
CA MET C 57 8.16 10.20 24.36
C MET C 57 7.30 9.10 24.96
N TYR C 58 6.32 8.65 24.19
CA TYR C 58 5.46 7.54 24.59
C TYR C 58 5.36 6.58 23.41
N VAL C 59 5.99 5.42 23.52
CA VAL C 59 6.04 4.47 22.43
C VAL C 59 4.71 3.72 22.36
N ASN C 60 4.07 3.75 21.19
CA ASN C 60 2.86 2.97 21.00
C ASN C 60 3.19 1.51 20.75
N SER C 61 3.91 1.23 19.66
CA SER C 61 4.22 -0.14 19.30
C SER C 61 5.48 -0.16 18.46
N ILE C 62 6.46 -0.95 18.87
CA ILE C 62 7.65 -1.18 18.06
C ILE C 62 7.29 -2.23 17.01
N GLY C 63 7.43 -1.86 15.75
CA GLY C 63 7.01 -2.71 14.66
C GLY C 63 8.00 -3.82 14.35
N PRO C 64 7.97 -4.31 13.12
CA PRO C 64 8.84 -5.44 12.75
C PRO C 64 10.28 -5.00 12.62
N VAL C 65 11.18 -5.83 13.12
CA VAL C 65 12.62 -5.60 13.04
C VAL C 65 13.10 -6.34 11.79
N ASN C 66 13.35 -5.59 10.73
CA ASN C 66 13.75 -6.18 9.45
C ASN C 66 15.23 -6.54 9.52
N ALA C 67 15.51 -7.83 9.64
CA ALA C 67 16.90 -8.29 9.73
C ALA C 67 17.64 -8.14 8.41
N ILE C 68 16.93 -8.25 7.29
CA ILE C 68 17.59 -8.15 5.99
C ILE C 68 17.90 -6.71 5.59
N ASN C 69 17.22 -5.73 6.19
CA ASN C 69 17.44 -4.33 5.89
C ASN C 69 18.11 -3.57 7.03
N MET C 70 18.29 -4.23 8.18
CA MET C 70 18.82 -3.64 9.42
C MET C 70 18.02 -2.40 9.85
N GLU C 71 16.70 -2.53 9.83
CA GLU C 71 15.81 -1.44 10.17
C GLU C 71 14.65 -1.94 11.01
N TYR C 72 14.05 -1.01 11.75
CA TYR C 72 12.88 -1.33 12.57
C TYR C 72 11.94 -0.13 12.55
N THR C 73 10.68 -0.40 12.82
CA THR C 73 9.62 0.61 12.78
C THR C 73 9.17 0.90 14.20
N ILE C 74 9.07 2.19 14.54
CA ILE C 74 8.63 2.62 15.86
C ILE C 74 7.55 3.69 15.69
N ASP C 75 6.52 3.62 16.52
CA ASP C 75 5.41 4.56 16.52
C ASP C 75 5.38 5.24 17.88
N ILE C 76 5.56 6.56 17.89
CA ILE C 76 5.74 7.29 19.14
C ILE C 76 4.81 8.50 19.18
N PHE C 77 4.59 9.01 20.39
CA PHE C 77 3.91 10.27 20.64
C PHE C 77 4.99 11.24 21.11
N PHE C 78 5.66 11.87 20.15
CA PHE C 78 6.79 12.74 20.45
C PHE C 78 6.31 14.06 21.03
N ALA C 79 6.75 14.39 22.24
CA ALA C 79 6.30 15.58 22.94
C ALA C 79 7.48 16.43 23.37
N GLN C 80 7.42 17.72 23.08
CA GLN C 80 8.49 18.66 23.41
C GLN C 80 7.92 19.82 24.21
N THR C 81 8.75 20.37 25.09
CA THR C 81 8.34 21.47 25.96
C THR C 81 9.48 22.47 26.09
N TRP C 82 9.19 23.74 25.85
CA TRP C 82 10.16 24.81 26.00
C TRP C 82 9.47 26.04 26.54
N TYR C 83 10.20 27.16 26.59
CA TYR C 83 9.69 28.42 27.08
C TYR C 83 9.84 29.49 26.00
N ASP C 84 8.78 30.23 25.75
CA ASP C 84 8.79 31.35 24.82
C ASP C 84 8.29 32.58 25.57
N ARG C 85 9.14 33.60 25.66
CA ARG C 85 8.78 34.79 26.42
C ARG C 85 7.74 35.64 25.70
N ARG C 86 7.63 35.52 24.39
CA ARG C 86 6.69 36.31 23.61
C ARG C 86 5.26 35.80 23.73
N LEU C 87 5.05 34.58 24.22
CA LEU C 87 3.73 34.00 24.37
C LEU C 87 3.20 34.10 25.79
N LYS C 88 3.71 35.05 26.57
CA LYS C 88 3.21 35.26 27.92
C LYS C 88 1.99 36.16 27.89
N PHE C 89 0.92 35.76 28.58
CA PHE C 89 -0.30 36.55 28.67
C PHE C 89 -0.82 36.55 30.10
N ASN C 90 -1.40 37.68 30.49
CA ASN C 90 -2.01 37.85 31.81
C ASN C 90 -3.52 37.84 31.62
N SER C 91 -4.16 36.73 32.02
CA SER C 91 -5.60 36.60 31.92
C SER C 91 -6.05 35.53 32.91
N THR C 92 -7.37 35.41 33.06
CA THR C 92 -7.94 34.37 33.91
C THR C 92 -7.84 33.00 33.27
N ILE C 93 -7.71 32.92 31.95
CA ILE C 93 -7.52 31.64 31.27
C ILE C 93 -6.07 31.21 31.49
N LYS C 94 -5.88 30.02 32.06
CA LYS C 94 -4.55 29.56 32.39
C LYS C 94 -3.87 28.87 31.21
N VAL C 95 -4.54 27.90 30.60
CA VAL C 95 -3.97 27.09 29.53
C VAL C 95 -4.76 27.35 28.26
N LEU C 96 -4.05 27.60 27.17
CA LEU C 96 -4.65 27.73 25.84
C LEU C 96 -4.47 26.39 25.12
N ARG C 97 -5.49 25.55 25.19
CA ARG C 97 -5.43 24.23 24.54
C ARG C 97 -5.94 24.37 23.11
N LEU C 98 -5.01 24.31 22.15
CA LEU C 98 -5.30 24.59 20.76
C LEU C 98 -5.13 23.35 19.90
N ASN C 99 -5.61 23.45 18.67
CA ASN C 99 -5.48 22.39 17.68
C ASN C 99 -4.22 22.61 16.84
N SER C 100 -4.10 21.89 15.73
CA SER C 100 -2.88 21.88 14.95
C SER C 100 -2.69 23.14 14.09
N ASN C 101 -3.68 24.02 14.01
CA ASN C 101 -3.57 25.15 13.09
C ASN C 101 -2.70 26.29 13.63
N MET C 102 -2.35 26.27 14.91
CA MET C 102 -1.46 27.28 15.48
C MET C 102 0.01 26.91 15.35
N VAL C 103 0.31 25.65 15.02
CA VAL C 103 1.69 25.14 14.99
C VAL C 103 2.51 25.86 13.92
N GLY C 104 1.93 26.09 12.75
CA GLY C 104 2.65 26.78 11.69
C GLY C 104 2.84 28.27 11.90
N LYS C 105 2.16 28.85 12.90
CA LYS C 105 2.27 30.28 13.14
C LYS C 105 3.34 30.64 14.16
N ILE C 106 3.65 29.74 15.09
CA ILE C 106 4.62 30.00 16.14
C ILE C 106 5.88 29.18 15.90
N TRP C 107 6.93 29.48 16.65
CA TRP C 107 8.21 28.83 16.45
C TRP C 107 8.18 27.39 16.95
N ILE C 108 8.71 26.49 16.15
CA ILE C 108 8.77 25.06 16.46
C ILE C 108 10.21 24.60 16.26
N PRO C 109 10.81 23.88 17.22
CA PRO C 109 12.19 23.42 17.05
C PRO C 109 12.31 22.37 15.95
N ASP C 110 13.49 22.35 15.34
CA ASP C 110 13.72 21.54 14.14
C ASP C 110 14.34 20.19 14.50
N THR C 111 13.63 19.45 15.34
CA THR C 111 14.11 18.16 15.81
C THR C 111 14.02 17.13 14.69
N PHE C 112 15.17 16.60 14.27
CA PHE C 112 15.21 15.56 13.26
C PHE C 112 15.87 14.33 13.85
N PHE C 113 15.49 13.17 13.33
CA PHE C 113 16.01 11.90 13.82
C PHE C 113 17.18 11.48 12.95
N ARG C 114 18.35 11.32 13.57
CA ARG C 114 19.59 11.17 12.83
C ARG C 114 19.72 9.81 12.16
N ASN C 115 19.16 8.76 12.76
CA ASN C 115 19.28 7.42 12.21
C ASN C 115 17.98 6.93 11.60
N SER C 116 17.18 7.84 11.07
CA SER C 116 15.89 7.50 10.49
C SER C 116 16.02 7.40 8.98
N LYS C 117 15.72 6.22 8.43
CA LYS C 117 15.74 6.05 6.99
C LYS C 117 14.54 6.72 6.34
N LYS C 118 13.36 6.57 6.93
CA LYS C 118 12.14 7.14 6.39
C LYS C 118 11.16 7.32 7.54
N ALA C 119 10.54 8.50 7.62
CA ALA C 119 9.57 8.76 8.66
C ALA C 119 8.48 9.68 8.13
N ASP C 120 7.31 9.59 8.73
CA ASP C 120 6.18 10.43 8.34
C ASP C 120 5.24 10.57 9.52
N ALA C 121 4.66 11.75 9.66
CA ALA C 121 3.62 11.98 10.66
C ALA C 121 2.29 11.49 10.09
N HIS C 122 1.24 11.52 10.90
CA HIS C 122 -0.08 11.06 10.48
C HIS C 122 -1.00 12.26 10.33
N TRP C 123 -1.80 12.24 9.26
CA TRP C 123 -2.42 13.46 8.77
C TRP C 123 -3.94 13.47 8.71
N ILE C 124 -4.63 12.33 8.79
CA ILE C 124 -6.08 12.33 8.67
C ILE C 124 -6.69 12.00 10.03
N THR C 125 -7.85 12.58 10.33
CA THR C 125 -8.71 13.53 9.60
C THR C 125 -8.14 14.95 9.59
N THR C 126 -7.38 15.26 10.62
CA THR C 126 -6.63 16.48 10.84
C THR C 126 -5.21 16.08 11.23
N PRO C 127 -4.16 16.85 10.82
CA PRO C 127 -2.79 16.52 11.23
C PRO C 127 -2.61 16.39 12.73
N ASN C 128 -2.09 15.24 13.15
CA ASN C 128 -2.08 14.83 14.55
C ASN C 128 -1.02 15.66 15.29
N ARG C 129 -1.45 16.84 15.72
CA ARG C 129 -0.59 17.74 16.47
C ARG C 129 -1.36 18.34 17.63
N MET C 130 -0.65 18.66 18.70
CA MET C 130 -1.20 19.30 19.88
C MET C 130 -0.36 20.52 20.22
N LEU C 131 -1.00 21.60 20.62
CA LEU C 131 -0.28 22.82 20.99
C LEU C 131 -0.98 23.46 22.17
N ARG C 132 -0.36 23.39 23.34
CA ARG C 132 -0.90 23.98 24.56
C ARG C 132 0.07 25.03 25.07
N ILE C 133 -0.46 26.23 25.32
CA ILE C 133 0.35 27.35 25.79
C ILE C 133 -0.16 27.77 27.16
N TRP C 134 0.71 27.76 28.15
CA TRP C 134 0.35 28.20 29.48
C TRP C 134 0.48 29.71 29.60
N ASN C 135 0.13 30.24 30.77
CA ASN C 135 0.12 31.67 30.97
C ASN C 135 1.51 32.26 31.26
N ASP C 136 2.46 31.43 31.71
CA ASP C 136 3.81 31.91 31.94
C ASP C 136 4.72 31.73 30.73
N GLY C 137 4.18 31.29 29.60
CA GLY C 137 4.94 31.12 28.39
C GLY C 137 5.38 29.71 28.08
N ARG C 138 5.07 28.75 28.94
CA ARG C 138 5.44 27.36 28.68
C ARG C 138 4.60 26.79 27.54
N VAL C 139 5.26 26.18 26.57
CA VAL C 139 4.61 25.66 25.37
C VAL C 139 4.84 24.16 25.32
N LEU C 140 3.76 23.40 25.13
CA LEU C 140 3.83 21.97 24.94
C LEU C 140 3.42 21.63 23.51
N TYR C 141 4.28 20.90 22.81
CA TYR C 141 4.05 20.55 21.42
C TYR C 141 4.17 19.03 21.30
N THR C 142 3.14 18.40 20.75
CA THR C 142 3.08 16.95 20.68
C THR C 142 2.61 16.54 19.29
N LEU C 143 3.21 15.48 18.76
CA LEU C 143 2.81 14.97 17.45
C LEU C 143 3.09 13.48 17.40
N ARG C 144 2.34 12.80 16.53
CA ARG C 144 2.42 11.35 16.38
C ARG C 144 3.23 11.01 15.14
N LEU C 145 4.27 10.20 15.33
CA LEU C 145 5.25 9.93 14.28
C LEU C 145 5.46 8.44 14.11
N THR C 146 5.87 8.04 12.91
CA THR C 146 6.23 6.65 12.62
C THR C 146 7.59 6.65 11.93
N ILE C 147 8.59 6.09 12.59
CA ILE C 147 9.98 6.18 12.16
C ILE C 147 10.47 4.80 11.76
N ASP C 148 11.01 4.68 10.55
CA ASP C 148 11.75 3.49 10.13
C ASP C 148 13.24 3.75 10.39
N ALA C 149 13.63 3.56 11.64
CA ALA C 149 14.98 3.91 12.04
C ALA C 149 15.99 2.84 11.62
N GLU C 150 17.27 3.15 11.78
CA GLU C 150 18.37 2.26 11.44
C GLU C 150 18.90 1.61 12.71
N CYS C 151 18.90 0.28 12.74
CA CYS C 151 19.41 -0.47 13.90
C CYS C 151 20.50 -1.41 13.44
N GLN C 152 21.64 -1.38 14.12
CA GLN C 152 22.71 -2.32 13.83
C GLN C 152 22.33 -3.70 14.33
N LEU C 153 22.64 -4.72 13.53
CA LEU C 153 22.34 -6.10 13.87
C LEU C 153 23.57 -6.95 13.62
N GLN C 154 24.20 -7.43 14.70
CA GLN C 154 25.26 -8.42 14.54
C GLN C 154 24.67 -9.76 14.15
N LEU C 155 25.25 -10.39 13.13
CA LEU C 155 24.81 -11.69 12.67
C LEU C 155 25.68 -12.81 13.21
N HIS C 156 26.59 -12.50 14.13
CA HIS C 156 27.35 -13.53 14.84
C HIS C 156 26.49 -14.10 15.96
N ASN C 157 26.63 -15.42 16.19
CA ASN C 157 25.81 -16.22 17.08
C ASN C 157 24.32 -16.16 16.72
N PHE C 158 24.01 -15.94 15.45
CA PHE C 158 22.62 -15.87 15.01
C PHE C 158 22.06 -17.30 14.88
N PRO C 159 20.81 -17.53 15.29
CA PRO C 159 19.83 -16.62 15.90
C PRO C 159 19.76 -16.68 17.43
N MET C 160 20.88 -16.63 18.16
CA MET C 160 20.85 -16.48 19.62
C MET C 160 21.67 -15.24 19.95
N ASP C 161 21.00 -14.09 19.90
CA ASP C 161 21.71 -12.82 19.93
C ASP C 161 20.87 -11.78 20.66
N GLU C 162 21.53 -10.71 21.09
CA GLU C 162 20.91 -9.58 21.74
C GLU C 162 21.32 -8.30 21.02
N HIS C 163 20.38 -7.36 20.88
CA HIS C 163 20.64 -6.12 20.17
C HIS C 163 20.22 -4.93 21.02
N SER C 164 20.77 -3.77 20.66
CA SER C 164 20.43 -2.48 21.24
C SER C 164 20.08 -1.55 20.10
N CYS C 165 18.81 -1.55 19.71
CA CYS C 165 18.37 -0.71 18.61
C CYS C 165 18.24 0.73 19.09
N PRO C 166 18.94 1.69 18.47
CA PRO C 166 18.94 3.07 18.97
C PRO C 166 17.90 3.94 18.27
N LEU C 167 17.74 5.15 18.83
CA LEU C 167 16.92 6.19 18.20
C LEU C 167 17.53 7.52 18.60
N GLU C 168 18.27 8.15 17.70
CA GLU C 168 19.01 9.37 17.97
C GLU C 168 18.30 10.54 17.31
N PHE C 169 18.06 11.60 18.07
CA PHE C 169 17.52 12.82 17.49
C PHE C 169 18.24 14.04 18.03
N SER C 170 18.25 15.09 17.23
CA SER C 170 18.89 16.35 17.56
C SER C 170 18.26 17.44 16.72
N SER C 171 18.65 18.68 16.98
CA SER C 171 18.23 19.78 16.12
C SER C 171 19.10 19.81 14.89
N TYR C 172 18.49 20.07 13.73
CA TYR C 172 19.26 20.07 12.49
C TYR C 172 20.09 21.33 12.35
N GLY C 173 19.54 22.49 12.69
CA GLY C 173 20.22 23.73 12.43
C GLY C 173 20.92 24.33 13.62
N TYR C 174 20.25 24.32 14.76
CA TYR C 174 20.74 25.06 15.91
C TYR C 174 21.81 24.27 16.65
N PRO C 175 23.01 24.82 16.82
CA PRO C 175 24.05 24.10 17.57
C PRO C 175 23.85 24.12 19.08
N ARG C 176 24.88 23.66 19.80
CA ARG C 176 24.80 23.46 21.25
C ARG C 176 24.57 24.79 21.99
N GLU C 177 25.11 25.88 21.47
CA GLU C 177 24.92 27.18 22.09
C GLU C 177 23.60 27.85 21.70
N GLU C 178 22.71 27.15 21.01
CA GLU C 178 21.41 27.70 20.63
C GLU C 178 20.23 26.88 21.17
N ILE C 179 20.31 25.55 21.07
CA ILE C 179 19.28 24.66 21.63
C ILE C 179 19.97 23.58 22.44
N VAL C 180 19.54 23.43 23.69
CA VAL C 180 20.00 22.34 24.57
C VAL C 180 18.79 21.48 24.92
N TYR C 181 18.85 20.20 24.55
CA TYR C 181 17.77 19.28 24.86
C TYR C 181 17.93 18.75 26.29
N GLN C 182 16.85 18.15 26.80
CA GLN C 182 16.82 17.60 28.14
C GLN C 182 15.69 16.59 28.26
N TRP C 183 15.91 15.51 29.01
CA TRP C 183 14.85 14.48 29.22
C TRP C 183 13.84 14.98 30.25
N LYS C 184 12.66 14.35 30.31
CA LYS C 184 11.62 14.75 31.30
C LYS C 184 11.53 13.69 32.40
N ARG C 185 10.51 13.77 33.27
CA ARG C 185 10.40 12.82 34.40
C ARG C 185 10.27 11.39 33.87
N SER C 186 9.51 11.20 32.79
CA SER C 186 9.36 9.85 32.18
C SER C 186 9.78 9.92 30.71
N SER C 187 11.07 10.10 30.44
CA SER C 187 11.58 10.23 29.06
C SER C 187 10.85 9.27 28.11
N VAL C 188 10.80 7.97 28.45
CA VAL C 188 10.21 7.01 27.53
C VAL C 188 9.24 6.14 28.31
N GLU C 189 7.99 6.13 27.89
CA GLU C 189 6.96 5.30 28.49
C GLU C 189 6.51 4.28 27.48
N VAL C 190 6.56 3.01 27.85
CA VAL C 190 6.15 1.94 26.97
C VAL C 190 4.67 1.65 27.20
N GLY C 191 4.04 1.05 26.19
CA GLY C 191 2.62 0.76 26.29
C GLY C 191 2.34 -0.53 27.03
N ASP C 192 1.49 -1.38 26.45
CA ASP C 192 1.16 -2.65 27.09
C ASP C 192 2.30 -3.65 26.97
N THR C 193 3.08 -3.55 25.89
CA THR C 193 4.16 -4.49 25.53
C THR C 193 3.66 -5.93 25.44
N ARG C 194 2.41 -6.09 25.02
CA ARG C 194 1.83 -7.46 24.86
C ARG C 194 1.19 -7.55 23.48
N SER C 195 0.80 -6.40 22.90
CA SER C 195 0.22 -6.38 21.54
C SER C 195 1.25 -5.77 20.57
N TRP C 196 2.50 -5.62 21.02
CA TRP C 196 3.56 -5.03 20.17
C TRP C 196 3.93 -6.01 19.05
N ARG C 197 4.73 -5.57 18.07
CA ARG C 197 5.04 -6.44 16.94
C ARG C 197 6.42 -7.05 17.04
N LEU C 198 6.98 -7.17 18.23
CA LEU C 198 8.25 -7.86 18.42
C LEU C 198 7.97 -9.35 18.32
N TYR C 199 8.18 -9.89 17.12
CA TYR C 199 7.98 -11.35 16.90
C TYR C 199 9.12 -12.13 17.57
N GLN C 200 10.27 -12.21 16.90
CA GLN C 200 11.42 -13.00 17.43
C GLN C 200 12.01 -12.32 18.68
N PHE C 201 12.21 -11.00 18.64
CA PHE C 201 12.87 -10.29 19.77
C PHE C 201 11.87 -10.01 20.89
N SER C 202 12.37 -9.70 22.09
CA SER C 202 11.49 -9.35 23.23
C SER C 202 11.99 -8.04 23.84
N PHE C 203 11.09 -7.23 24.41
CA PHE C 203 11.52 -5.93 24.94
C PHE C 203 12.08 -6.13 26.35
N VAL C 204 13.40 -6.02 26.47
CA VAL C 204 14.03 -6.19 27.77
C VAL C 204 13.99 -4.90 28.57
N GLY C 205 14.42 -3.80 27.99
CA GLY C 205 14.45 -2.54 28.70
C GLY C 205 14.91 -1.41 27.81
N LEU C 206 14.98 -0.23 28.41
CA LEU C 206 15.35 1.00 27.71
C LEU C 206 16.32 1.79 28.56
N ARG C 207 17.11 2.64 27.90
CA ARG C 207 18.04 3.51 28.61
C ARG C 207 18.20 4.82 27.84
N ASN C 208 17.74 5.90 28.46
CA ASN C 208 17.94 7.24 27.93
C ASN C 208 19.38 7.69 28.19
N THR C 209 19.93 8.45 27.24
CA THR C 209 21.25 9.02 27.41
C THR C 209 21.37 10.25 26.54
N THR C 210 22.46 11.00 26.75
CA THR C 210 22.73 12.21 26.00
C THR C 210 24.21 12.30 25.70
N GLU C 211 24.54 13.08 24.67
CA GLU C 211 25.92 13.30 24.22
C GLU C 211 25.94 14.56 23.37
N VAL C 212 27.13 15.02 23.06
CA VAL C 212 27.34 16.18 22.19
C VAL C 212 28.21 15.73 21.03
N VAL C 213 27.65 15.76 19.83
CA VAL C 213 28.38 15.36 18.63
C VAL C 213 28.98 16.61 18.01
N LYS C 214 30.11 16.46 17.33
CA LYS C 214 30.80 17.56 16.68
C LYS C 214 30.84 17.29 15.18
N THR C 215 30.11 18.11 14.42
CA THR C 215 30.06 17.98 12.97
C THR C 215 30.63 19.25 12.34
N THR C 216 30.52 19.35 11.02
CA THR C 216 31.12 20.47 10.30
C THR C 216 30.35 21.77 10.52
N SER C 217 29.08 21.69 10.90
CA SER C 217 28.26 22.88 11.12
C SER C 217 28.22 23.30 12.58
N GLY C 218 28.94 22.64 13.47
CA GLY C 218 29.00 23.03 14.85
C GLY C 218 28.84 21.82 15.76
N ASP C 219 28.63 22.10 17.03
CA ASP C 219 28.43 21.06 18.05
C ASP C 219 26.94 20.92 18.32
N TYR C 220 26.44 19.69 18.26
CA TYR C 220 25.01 19.45 18.40
C TYR C 220 24.74 18.51 19.56
N VAL C 221 23.69 18.82 20.32
CA VAL C 221 23.26 18.00 21.46
C VAL C 221 22.35 16.90 20.93
N VAL C 222 22.74 15.65 21.17
CA VAL C 222 22.04 14.48 20.63
C VAL C 222 21.42 13.72 21.78
N MET C 223 20.11 13.49 21.71
CA MET C 223 19.41 12.63 22.64
C MET C 223 19.22 11.25 22.03
N SER C 224 19.50 10.22 22.82
CA SER C 224 19.46 8.86 22.32
C SER C 224 18.60 7.99 23.23
N VAL C 225 17.80 7.12 22.63
CA VAL C 225 17.07 6.08 23.34
C VAL C 225 17.50 4.73 22.76
N TYR C 226 17.97 3.84 23.63
CA TYR C 226 18.36 2.49 23.25
C TYR C 226 17.29 1.51 23.69
N PHE C 227 16.92 0.60 22.80
CA PHE C 227 15.93 -0.43 23.09
C PHE C 227 16.64 -1.78 23.11
N ASP C 228 16.59 -2.46 24.26
CA ASP C 228 17.24 -3.75 24.41
C ASP C 228 16.32 -4.84 23.88
N LEU C 229 16.75 -5.53 22.84
CA LEU C 229 15.98 -6.61 22.23
C LEU C 229 16.78 -7.90 22.31
N SER C 230 16.16 -8.96 22.85
CA SER C 230 16.81 -10.25 23.01
C SER C 230 15.96 -11.32 22.34
N ARG C 231 16.56 -12.06 21.41
CA ARG C 231 15.84 -13.07 20.66
C ARG C 231 15.56 -14.32 21.49
N ASN D 8 16.27 44.65 22.83
CA ASN D 8 17.47 43.91 22.44
C ASN D 8 17.15 42.91 21.32
N MET D 9 16.10 42.12 21.51
CA MET D 9 15.66 41.19 20.48
C MET D 9 15.08 41.92 19.28
N SER D 10 14.46 43.09 19.51
CA SER D 10 13.84 43.83 18.42
C SER D 10 14.86 44.42 17.46
N LEU D 11 16.10 44.60 17.91
CA LEU D 11 17.18 44.95 16.99
C LEU D 11 17.47 43.79 16.05
N VAL D 12 17.48 42.57 16.58
CA VAL D 12 17.68 41.38 15.74
C VAL D 12 16.50 41.16 14.82
N LYS D 13 15.28 41.43 15.32
CA LYS D 13 14.08 41.22 14.53
C LYS D 13 13.97 42.22 13.38
N GLU D 14 14.32 43.48 13.63
CA GLU D 14 14.23 44.48 12.57
C GLU D 14 15.41 44.42 11.62
N THR D 15 16.50 43.74 11.99
CA THR D 15 17.61 43.55 11.06
C THR D 15 17.28 42.48 10.03
N VAL D 16 16.59 41.42 10.45
CA VAL D 16 16.14 40.40 9.52
C VAL D 16 15.05 40.95 8.61
N ASP D 17 14.15 41.77 9.16
CA ASP D 17 13.09 42.37 8.37
C ASP D 17 13.64 43.40 7.39
N ARG D 18 14.75 44.06 7.74
CA ARG D 18 15.40 44.97 6.80
C ARG D 18 16.05 44.21 5.65
N LEU D 19 16.57 43.01 5.92
CA LEU D 19 17.23 42.22 4.88
C LEU D 19 16.24 41.75 3.82
N LEU D 20 15.13 41.16 4.26
CA LEU D 20 14.17 40.56 3.33
C LEU D 20 13.32 41.59 2.60
N LYS D 21 13.25 42.82 3.11
CA LYS D 21 12.52 43.87 2.43
C LYS D 21 13.35 44.41 1.27
N GLY D 22 12.79 44.33 0.06
CA GLY D 22 13.52 44.67 -1.13
C GLY D 22 14.34 43.55 -1.73
N TYR D 23 14.31 42.36 -1.13
CA TYR D 23 15.05 41.23 -1.66
C TYR D 23 14.36 40.68 -2.89
N ASP D 24 15.14 40.34 -3.91
CA ASP D 24 14.63 39.73 -5.13
C ASP D 24 15.17 38.30 -5.23
N ILE D 25 14.29 37.33 -5.03
CA ILE D 25 14.68 35.93 -5.15
C ILE D 25 14.95 35.55 -6.60
N ARG D 26 14.34 36.24 -7.56
CA ARG D 26 14.46 35.86 -8.97
C ARG D 26 15.82 36.19 -9.58
N LEU D 27 16.69 36.90 -8.87
CA LEU D 27 17.98 37.29 -9.39
C LEU D 27 19.07 36.72 -8.50
N ARG D 28 20.10 36.13 -9.14
CA ARG D 28 21.24 35.61 -8.42
C ARG D 28 22.09 36.76 -7.88
N PRO D 29 22.91 36.52 -6.86
CA PRO D 29 23.86 37.55 -6.40
C PRO D 29 24.85 37.92 -7.50
N ASP D 30 25.21 39.21 -7.53
CA ASP D 30 26.06 39.82 -8.54
C ASP D 30 25.55 39.55 -9.95
N PHE D 31 24.24 39.78 -10.14
CA PHE D 31 23.61 39.50 -11.41
C PHE D 31 24.07 40.48 -12.47
N GLY D 32 24.46 39.96 -13.63
CA GLY D 32 25.04 40.77 -14.67
C GLY D 32 26.52 41.04 -14.51
N GLY D 33 27.14 40.53 -13.46
CA GLY D 33 28.55 40.76 -13.22
C GLY D 33 29.33 39.47 -13.07
N PRO D 34 30.14 39.38 -12.02
CA PRO D 34 30.93 38.17 -11.81
C PRO D 34 30.06 37.04 -11.32
N PRO D 35 30.42 35.79 -11.60
CA PRO D 35 29.65 34.66 -11.08
C PRO D 35 29.88 34.47 -9.59
N VAL D 36 28.96 33.73 -8.97
CA VAL D 36 29.06 33.37 -7.56
C VAL D 36 29.84 32.07 -7.44
N ALA D 37 30.60 31.94 -6.36
CA ALA D 37 31.34 30.72 -6.07
C ALA D 37 30.60 29.97 -4.98
N VAL D 38 30.23 28.72 -5.28
CA VAL D 38 29.43 27.90 -4.37
C VAL D 38 30.29 26.71 -3.95
N GLY D 39 30.51 26.58 -2.65
CA GLY D 39 31.34 25.51 -2.10
C GLY D 39 30.50 24.38 -1.56
N MET D 40 30.87 23.16 -1.92
CA MET D 40 30.13 21.96 -1.55
C MET D 40 30.81 21.25 -0.39
N ASN D 41 30.01 20.80 0.57
CA ASN D 41 30.52 20.19 1.80
C ASN D 41 29.72 18.93 2.14
N ILE D 42 29.63 18.01 1.17
CA ILE D 42 28.88 16.77 1.35
C ILE D 42 29.46 15.95 2.50
N ASP D 43 28.59 15.39 3.32
CA ASP D 43 28.97 14.56 4.46
C ASP D 43 28.14 13.29 4.40
N ILE D 44 28.77 12.18 4.05
CA ILE D 44 28.05 10.92 3.83
C ILE D 44 27.65 10.34 5.18
N ALA D 45 26.37 9.98 5.31
CA ALA D 45 25.87 9.32 6.51
C ALA D 45 25.73 7.81 6.31
N SER D 46 25.24 7.37 5.15
CA SER D 46 25.03 5.96 4.89
C SER D 46 24.99 5.69 3.39
N ILE D 47 25.39 4.49 3.02
CA ILE D 47 25.10 3.92 1.70
C ILE D 47 24.34 2.63 1.95
N ASP D 48 23.10 2.57 1.46
CA ASP D 48 22.19 1.53 1.92
C ASP D 48 22.20 0.29 1.02
N MET D 49 21.79 0.45 -0.24
CA MET D 49 21.45 -0.69 -1.09
C MET D 49 22.10 -0.51 -2.46
N VAL D 50 23.26 -1.13 -2.66
CA VAL D 50 23.90 -1.18 -3.97
C VAL D 50 23.29 -2.37 -4.69
N SER D 51 22.16 -2.14 -5.34
CA SER D 51 21.41 -3.21 -5.99
C SER D 51 21.91 -3.38 -7.43
N GLU D 52 22.29 -4.61 -7.77
CA GLU D 52 22.74 -4.91 -9.12
C GLU D 52 21.59 -5.06 -10.10
N VAL D 53 20.38 -5.33 -9.61
CA VAL D 53 19.25 -5.57 -10.50
C VAL D 53 18.80 -4.28 -11.16
N ASN D 54 18.68 -3.21 -10.38
CA ASN D 54 18.26 -1.92 -10.92
C ASN D 54 19.43 -1.02 -11.29
N MET D 55 20.66 -1.46 -11.02
CA MET D 55 21.91 -0.78 -11.39
C MET D 55 21.98 0.63 -10.80
N ASP D 56 21.83 0.71 -9.48
CA ASP D 56 21.86 1.97 -8.77
C ASP D 56 22.25 1.71 -7.33
N TYR D 57 22.56 2.78 -6.61
CA TYR D 57 22.87 2.70 -5.19
C TYR D 57 22.12 3.80 -4.45
N THR D 58 21.74 3.51 -3.22
CA THR D 58 21.00 4.46 -2.38
C THR D 58 21.97 5.15 -1.44
N LEU D 59 21.97 6.47 -1.46
CA LEU D 59 22.93 7.29 -0.71
C LEU D 59 22.18 8.29 0.15
N THR D 60 22.54 8.36 1.42
CA THR D 60 21.98 9.34 2.35
C THR D 60 23.11 10.24 2.83
N MET D 61 22.97 11.55 2.57
CA MET D 61 24.06 12.48 2.77
C MET D 61 23.59 13.67 3.59
N TYR D 62 24.51 14.60 3.83
CA TYR D 62 24.29 15.83 4.57
C TYR D 62 24.71 17.02 3.73
N PHE D 63 24.15 17.08 2.51
CA PHE D 63 24.55 18.03 1.48
C PHE D 63 24.46 19.47 1.95
N GLN D 64 25.51 20.23 1.70
CA GLN D 64 25.66 21.55 2.29
C GLN D 64 26.39 22.48 1.34
N GLN D 65 25.84 23.68 1.14
CA GLN D 65 26.37 24.65 0.21
C GLN D 65 26.75 25.92 0.94
N ALA D 66 27.66 26.69 0.34
CA ALA D 66 28.13 27.92 0.96
C ALA D 66 28.52 28.90 -0.14
N TRP D 67 27.80 30.01 -0.24
CA TRP D 67 28.12 31.09 -1.16
C TRP D 67 28.04 32.40 -0.39
N ARG D 68 28.26 33.50 -1.09
CA ARG D 68 28.23 34.82 -0.47
C ARG D 68 27.22 35.69 -1.19
N ASP D 69 26.27 36.23 -0.45
CA ASP D 69 25.26 37.16 -0.97
C ASP D 69 25.45 38.49 -0.27
N LYS D 70 25.69 39.54 -1.05
CA LYS D 70 25.98 40.85 -0.47
C LYS D 70 24.73 41.58 0.00
N ARG D 71 23.55 41.12 -0.41
CA ARG D 71 22.32 41.73 0.12
C ARG D 71 22.04 41.29 1.54
N LEU D 72 22.49 40.10 1.93
CA LEU D 72 22.27 39.58 3.28
C LEU D 72 23.44 39.89 4.21
N SER D 73 23.84 41.14 4.27
CA SER D 73 24.99 41.55 5.09
C SER D 73 24.49 42.43 6.23
N TYR D 74 24.62 41.94 7.45
CA TYR D 74 24.30 42.69 8.65
C TYR D 74 25.58 43.00 9.41
N ASN D 75 25.58 44.11 10.14
CA ASN D 75 26.81 44.59 10.75
C ASN D 75 26.68 44.95 12.22
N VAL D 76 25.46 45.19 12.70
CA VAL D 76 25.27 45.55 14.10
C VAL D 76 25.46 44.32 15.00
N ILE D 77 24.89 43.20 14.61
CA ILE D 77 24.87 42.00 15.45
C ILE D 77 26.10 41.17 15.13
N PRO D 78 27.01 40.94 16.10
CA PRO D 78 28.20 40.12 15.86
C PRO D 78 27.98 38.63 16.12
N LEU D 79 26.91 38.09 15.52
CA LEU D 79 26.54 36.70 15.75
C LEU D 79 26.29 36.00 14.42
N ASN D 80 26.56 34.70 14.40
CA ASN D 80 26.19 33.83 13.28
C ASN D 80 24.71 33.52 13.40
N LEU D 81 23.87 34.29 12.73
CA LEU D 81 22.42 34.12 12.82
C LEU D 81 21.99 32.83 12.15
N THR D 82 21.19 32.04 12.86
CA THR D 82 20.60 30.82 12.32
C THR D 82 19.10 31.01 12.27
N LEU D 83 18.55 31.10 11.06
CA LEU D 83 17.13 31.31 10.86
C LEU D 83 16.42 29.96 10.78
N ASP D 84 15.10 30.02 10.71
CA ASP D 84 14.30 28.82 10.55
C ASP D 84 14.45 28.27 9.14
N ASN D 85 13.99 27.03 8.94
CA ASN D 85 14.14 26.41 7.64
C ASN D 85 13.08 26.87 6.64
N ARG D 86 12.12 27.69 7.06
CA ARG D 86 11.08 28.18 6.17
C ARG D 86 11.46 29.50 5.49
N VAL D 87 12.66 30.03 5.76
CA VAL D 87 13.09 31.25 5.08
C VAL D 87 13.77 30.92 3.76
N ALA D 88 13.89 29.63 3.41
CA ALA D 88 14.44 29.24 2.12
C ALA D 88 13.53 29.60 0.96
N ASP D 89 12.24 29.81 1.21
CA ASP D 89 11.32 30.23 0.17
C ASP D 89 11.45 31.71 -0.16
N GLN D 90 12.21 32.47 0.62
CA GLN D 90 12.37 33.90 0.40
C GLN D 90 13.79 34.32 0.06
N LEU D 91 14.75 33.39 0.13
CA LEU D 91 16.14 33.68 -0.19
C LEU D 91 16.52 32.99 -1.49
N TRP D 92 17.51 33.57 -2.17
CA TRP D 92 18.05 32.92 -3.36
C TRP D 92 18.88 31.71 -2.94
N VAL D 93 18.65 30.58 -3.59
CA VAL D 93 19.46 29.38 -3.40
C VAL D 93 19.88 28.90 -4.79
N PRO D 94 21.01 28.20 -4.93
CA PRO D 94 21.36 27.64 -6.23
C PRO D 94 20.44 26.50 -6.62
N ASP D 95 20.41 26.23 -7.92
CA ASP D 95 19.53 25.22 -8.52
C ASP D 95 20.27 23.92 -8.77
N THR D 96 21.13 23.54 -7.82
CA THR D 96 21.97 22.36 -7.93
C THR D 96 21.13 21.09 -8.02
N TYR D 97 21.42 20.26 -9.02
CA TYR D 97 20.76 18.98 -9.19
C TYR D 97 21.80 17.90 -9.40
N PHE D 98 21.40 16.66 -9.20
CA PHE D 98 22.25 15.51 -9.46
C PHE D 98 21.83 14.89 -10.79
N LEU D 99 22.82 14.62 -11.65
CA LEU D 99 22.51 14.20 -13.02
C LEU D 99 21.97 12.77 -13.05
N ASN D 100 22.59 11.86 -12.31
CA ASN D 100 22.18 10.47 -12.32
C ASN D 100 21.16 10.13 -11.24
N ASP D 101 20.38 11.11 -10.80
CA ASP D 101 19.37 10.89 -9.78
C ASP D 101 18.18 10.15 -10.38
N LYS D 102 17.88 8.97 -9.84
CA LYS D 102 16.66 8.27 -10.22
C LYS D 102 15.47 8.78 -9.42
N LYS D 103 15.63 8.88 -8.10
CA LYS D 103 14.58 9.31 -7.19
C LYS D 103 15.24 9.78 -5.91
N SER D 104 14.80 10.93 -5.39
CA SER D 104 15.41 11.47 -4.19
C SER D 104 14.40 12.32 -3.45
N PHE D 105 14.60 12.45 -2.14
CA PHE D 105 13.71 13.22 -1.30
C PHE D 105 14.48 13.82 -0.15
N VAL D 106 13.95 14.91 0.40
CA VAL D 106 14.46 15.54 1.60
C VAL D 106 13.56 15.11 2.76
N HIS D 107 14.16 14.70 3.86
CA HIS D 107 13.38 14.19 4.99
C HIS D 107 12.63 15.32 5.68
N GLY D 108 11.39 15.04 6.06
CA GLY D 108 10.52 16.07 6.61
C GLY D 108 9.92 15.77 7.96
N VAL D 109 10.70 15.16 8.86
CA VAL D 109 10.26 14.86 10.22
C VAL D 109 11.30 15.43 11.18
N THR D 110 10.85 16.27 12.12
CA THR D 110 9.48 16.70 12.36
C THR D 110 9.13 17.94 11.53
N VAL D 111 10.16 18.69 11.15
CA VAL D 111 10.04 19.73 10.14
C VAL D 111 10.90 19.29 8.96
N LYS D 112 10.89 20.08 7.88
CA LYS D 112 11.74 19.79 6.74
C LYS D 112 13.21 19.96 7.13
N ASN D 113 14.01 18.94 6.86
CA ASN D 113 15.41 18.90 7.28
C ASN D 113 16.20 19.87 6.43
N ARG D 114 16.43 21.06 6.98
CA ARG D 114 16.98 22.15 6.20
C ARG D 114 17.58 23.16 7.17
N MET D 115 18.70 23.76 6.79
CA MET D 115 19.43 24.68 7.65
C MET D 115 19.88 25.90 6.86
N ILE D 116 19.61 27.10 7.38
CA ILE D 116 20.13 28.33 6.82
C ILE D 116 20.79 29.12 7.95
N ARG D 117 22.06 29.48 7.76
CA ARG D 117 22.84 30.17 8.77
C ARG D 117 23.47 31.39 8.11
N LEU D 118 22.96 32.58 8.43
CA LEU D 118 23.47 33.81 7.85
C LEU D 118 24.64 34.32 8.69
N HIS D 119 25.71 34.58 8.06
CA HIS D 119 26.95 35.09 8.61
C HIS D 119 27.04 36.60 8.41
N PRO D 120 27.79 37.33 9.25
CA PRO D 120 27.76 38.81 9.15
C PRO D 120 28.43 39.37 7.90
N ASP D 121 29.24 38.61 7.17
CA ASP D 121 29.83 39.09 5.93
C ASP D 121 28.97 38.81 4.72
N GLY D 122 27.79 38.21 4.91
CA GLY D 122 26.91 37.87 3.82
C GLY D 122 26.93 36.43 3.41
N THR D 123 27.75 35.59 4.05
CA THR D 123 27.83 34.18 3.71
C THR D 123 26.59 33.44 4.18
N VAL D 124 26.08 32.57 3.32
CA VAL D 124 24.94 31.72 3.63
C VAL D 124 25.43 30.28 3.63
N LEU D 125 24.93 29.47 4.56
CA LEU D 125 25.45 28.12 4.72
C LEU D 125 24.26 27.17 4.63
N TYR D 126 23.54 27.27 3.53
CA TYR D 126 22.41 26.40 3.21
C TYR D 126 22.82 24.93 3.19
N GLY D 127 22.02 24.08 3.80
CA GLY D 127 22.34 22.67 3.92
C GLY D 127 21.12 21.77 4.07
N LEU D 128 21.18 20.57 3.51
CA LEU D 128 20.03 19.67 3.45
C LEU D 128 20.44 18.27 3.85
N ARG D 129 19.45 17.48 4.27
CA ARG D 129 19.64 16.05 4.49
C ARG D 129 18.91 15.33 3.37
N ILE D 130 19.68 14.80 2.42
CA ILE D 130 19.13 14.29 1.16
C ILE D 130 19.41 12.80 1.08
N THR D 131 18.36 12.01 0.85
CA THR D 131 18.50 10.60 0.53
C THR D 131 18.25 10.42 -0.95
N THR D 132 19.24 9.93 -1.68
CA THR D 132 19.18 9.85 -3.12
C THR D 132 19.44 8.43 -3.59
N THR D 133 18.94 8.12 -4.79
CA THR D 133 19.14 6.82 -5.43
C THR D 133 19.84 7.11 -6.75
N ALA D 134 21.16 7.20 -6.71
CA ALA D 134 21.92 7.58 -7.89
C ALA D 134 22.13 6.37 -8.80
N ALA D 135 21.89 6.56 -10.09
CA ALA D 135 22.09 5.48 -11.05
C ALA D 135 23.57 5.25 -11.30
N CYS D 136 23.95 3.98 -11.38
CA CYS D 136 25.35 3.59 -11.53
C CYS D 136 25.42 2.39 -12.46
N MET D 137 25.96 2.59 -13.66
CA MET D 137 26.07 1.51 -14.63
C MET D 137 27.19 0.56 -14.22
N MET D 138 26.89 -0.73 -14.17
CA MET D 138 27.79 -1.73 -13.63
C MET D 138 28.30 -2.66 -14.72
N ASP D 139 29.59 -2.98 -14.67
CA ASP D 139 30.21 -3.96 -15.55
C ASP D 139 30.38 -5.25 -14.77
N LEU D 140 29.56 -6.24 -15.09
CA LEU D 140 29.52 -7.51 -14.35
C LEU D 140 30.23 -8.64 -15.09
N ARG D 141 31.25 -8.33 -15.88
CA ARG D 141 31.95 -9.37 -16.62
C ARG D 141 32.90 -10.16 -15.74
N ARG D 142 33.28 -9.64 -14.58
CA ARG D 142 34.13 -10.35 -13.64
C ARG D 142 33.42 -10.66 -12.32
N TYR D 143 32.10 -10.78 -12.37
CA TYR D 143 31.30 -11.10 -11.18
C TYR D 143 31.59 -12.52 -10.72
N PRO D 144 31.73 -12.77 -9.41
CA PRO D 144 31.63 -11.85 -8.28
C PRO D 144 32.98 -11.34 -7.79
N LEU D 145 34.04 -11.50 -8.58
CA LEU D 145 35.35 -10.97 -8.25
C LEU D 145 35.57 -9.57 -8.82
N ASP D 146 34.50 -8.81 -9.02
CA ASP D 146 34.53 -7.59 -9.81
C ASP D 146 34.93 -6.39 -8.94
N GLU D 147 34.94 -5.22 -9.56
CA GLU D 147 35.43 -4.00 -8.92
C GLU D 147 34.76 -2.82 -9.61
N GLN D 148 33.71 -2.28 -8.99
CA GLN D 148 32.85 -1.29 -9.62
C GLN D 148 33.35 0.13 -9.35
N ASN D 149 32.62 1.09 -9.91
CA ASN D 149 32.94 2.50 -9.76
C ASN D 149 31.63 3.27 -9.94
N CYS D 150 31.02 3.66 -8.82
CA CYS D 150 29.74 4.35 -8.84
C CYS D 150 29.96 5.83 -8.59
N THR D 151 29.38 6.67 -9.43
CA THR D 151 29.61 8.11 -9.42
C THR D 151 28.35 8.85 -9.04
N LEU D 152 28.52 9.96 -8.33
CA LEU D 152 27.46 10.93 -8.09
C LEU D 152 27.93 12.26 -8.67
N GLU D 153 27.14 12.83 -9.58
CA GLU D 153 27.57 13.98 -10.37
C GLU D 153 26.68 15.17 -10.05
N ILE D 154 27.28 16.18 -9.43
CA ILE D 154 26.58 17.39 -8.98
C ILE D 154 26.74 18.47 -10.04
N GLU D 155 25.63 19.04 -10.49
CA GLU D 155 25.65 20.03 -11.56
C GLU D 155 24.64 21.12 -11.28
N SER D 156 24.91 22.32 -11.78
CA SER D 156 23.93 23.39 -11.79
C SER D 156 23.08 23.27 -13.04
N TYR D 157 21.78 23.57 -12.91
CA TYR D 157 20.88 23.37 -14.03
C TYR D 157 20.71 24.63 -14.87
N GLY D 158 20.21 25.71 -14.29
CA GLY D 158 19.83 26.87 -15.08
C GLY D 158 20.92 27.90 -15.29
N TYR D 159 21.97 27.83 -14.47
CA TYR D 159 23.03 28.83 -14.47
C TYR D 159 24.29 28.24 -15.09
N THR D 160 24.85 28.94 -16.06
CA THR D 160 26.00 28.46 -16.81
C THR D 160 27.30 28.67 -16.02
N THR D 161 28.43 28.52 -16.70
CA THR D 161 29.73 28.74 -16.07
C THR D 161 29.94 30.21 -15.75
N ASP D 162 29.42 31.12 -16.57
CA ASP D 162 29.56 32.54 -16.32
C ASP D 162 28.43 33.11 -15.46
N ASP D 163 27.75 32.28 -14.67
CA ASP D 163 26.80 32.76 -13.69
C ASP D 163 26.99 32.07 -12.34
N ILE D 164 27.63 30.91 -12.36
CA ILE D 164 27.89 30.15 -11.15
C ILE D 164 29.15 29.33 -11.38
N GLU D 165 29.89 29.07 -10.31
CA GLU D 165 31.06 28.21 -10.40
C GLU D 165 31.16 27.40 -9.11
N PHE D 166 31.44 26.12 -9.25
CA PHE D 166 31.44 25.19 -8.14
C PHE D 166 32.87 24.84 -7.75
N TYR D 167 33.05 24.52 -6.47
CA TYR D 167 34.35 24.05 -5.98
C TYR D 167 34.12 23.26 -4.71
N TRP D 168 34.95 22.25 -4.48
CA TRP D 168 34.93 21.57 -3.20
C TRP D 168 35.59 22.45 -2.16
N ARG D 169 34.95 22.61 -1.01
CA ARG D 169 35.47 23.44 0.06
C ARG D 169 36.33 22.58 0.97
N GLY D 170 37.62 22.90 1.04
CA GLY D 170 38.55 22.13 1.84
C GLY D 170 39.31 21.06 1.09
N ASP D 171 39.21 21.05 -0.25
CA ASP D 171 39.96 20.16 -1.16
C ASP D 171 39.58 18.72 -0.87
N ASP D 172 40.51 17.86 -0.43
CA ASP D 172 40.20 16.46 -0.17
C ASP D 172 39.42 16.25 1.12
N ASN D 173 39.28 17.27 1.96
CA ASN D 173 38.51 17.18 3.18
C ASN D 173 37.08 17.65 3.00
N ALA D 174 36.63 17.82 1.76
CA ALA D 174 35.26 18.28 1.51
C ALA D 174 34.25 17.18 1.79
N VAL D 175 34.56 15.94 1.41
CA VAL D 175 33.67 14.81 1.63
C VAL D 175 34.23 14.00 2.79
N THR D 176 33.41 13.82 3.82
CA THR D 176 33.79 13.07 5.01
C THR D 176 32.79 11.96 5.26
N GLY D 177 33.08 11.14 6.26
CA GLY D 177 32.17 10.09 6.66
C GLY D 177 32.13 8.88 5.76
N VAL D 178 33.02 8.79 4.77
CA VAL D 178 32.97 7.68 3.82
C VAL D 178 33.74 6.48 4.34
N THR D 179 34.64 6.67 5.32
CA THR D 179 35.41 5.55 5.85
C THR D 179 34.56 4.69 6.78
N LYS D 180 33.59 5.28 7.47
CA LYS D 180 32.75 4.56 8.41
C LYS D 180 31.58 3.86 7.74
N ILE D 181 31.44 3.98 6.41
CA ILE D 181 30.35 3.34 5.70
C ILE D 181 30.61 1.85 5.63
N GLU D 182 29.67 1.06 6.15
CA GLU D 182 29.78 -0.39 6.12
C GLU D 182 28.70 -0.94 5.21
N LEU D 183 29.11 -1.67 4.20
CA LEU D 183 28.23 -2.35 3.27
C LEU D 183 28.28 -3.85 3.53
N PRO D 184 27.16 -4.57 3.41
CA PRO D 184 27.18 -6.00 3.76
C PRO D 184 27.86 -6.88 2.74
N GLN D 185 28.07 -6.41 1.51
CA GLN D 185 28.75 -7.22 0.51
C GLN D 185 29.79 -6.46 -0.30
N PHE D 186 30.00 -5.18 -0.03
CA PHE D 186 30.99 -4.37 -0.73
C PHE D 186 31.94 -3.77 0.30
N SER D 187 32.94 -3.05 -0.19
CA SER D 187 33.88 -2.35 0.68
C SER D 187 34.45 -1.17 -0.07
N ILE D 188 34.27 0.03 0.48
CA ILE D 188 34.69 1.25 -0.18
C ILE D 188 36.21 1.36 -0.07
N VAL D 189 36.89 1.38 -1.21
CA VAL D 189 38.34 1.41 -1.24
C VAL D 189 38.82 2.84 -1.37
N ASP D 190 38.39 3.53 -2.42
CA ASP D 190 38.87 4.87 -2.71
C ASP D 190 37.71 5.76 -3.11
N TYR D 191 37.92 7.07 -2.95
CA TYR D 191 36.97 8.08 -3.38
C TYR D 191 37.74 9.28 -3.91
N LYS D 192 37.28 9.83 -5.02
CA LYS D 192 37.96 10.94 -5.68
C LYS D 192 36.99 12.09 -5.90
N LEU D 193 37.53 13.30 -5.90
CA LEU D 193 36.76 14.53 -6.08
C LEU D 193 37.27 15.23 -7.33
N ILE D 194 36.38 15.43 -8.30
CA ILE D 194 36.75 15.96 -9.61
C ILE D 194 35.93 17.21 -9.87
N THR D 195 36.60 18.29 -10.26
CA THR D 195 35.95 19.53 -10.68
C THR D 195 36.14 19.67 -12.17
N LYS D 196 35.04 19.73 -12.92
CA LYS D 196 35.11 19.80 -14.37
C LYS D 196 33.96 20.64 -14.89
N LYS D 197 33.93 20.81 -16.21
CA LYS D 197 32.87 21.55 -16.89
C LYS D 197 32.40 20.75 -18.09
N VAL D 198 31.10 20.46 -18.14
CA VAL D 198 30.51 19.77 -19.27
C VAL D 198 29.78 20.80 -20.13
N VAL D 199 29.66 20.49 -21.42
CA VAL D 199 29.08 21.41 -22.40
C VAL D 199 27.84 20.76 -22.99
N PHE D 200 26.71 21.45 -22.90
CA PHE D 200 25.47 21.05 -23.53
C PHE D 200 25.14 22.02 -24.65
N SER D 201 23.97 21.84 -25.26
CA SER D 201 23.57 22.71 -26.36
C SER D 201 23.09 24.07 -25.88
N THR D 202 22.85 24.23 -24.59
CA THR D 202 22.44 25.52 -24.04
C THR D 202 23.58 26.30 -23.43
N GLY D 203 24.76 25.71 -23.31
CA GLY D 203 25.90 26.39 -22.72
C GLY D 203 26.78 25.40 -22.00
N SER D 204 27.76 25.95 -21.28
CA SER D 204 28.70 25.18 -20.50
C SER D 204 28.38 25.33 -19.02
N TYR D 205 28.29 24.21 -18.32
CA TYR D 205 27.86 24.23 -16.92
C TYR D 205 28.94 23.62 -16.04
N PRO D 206 29.16 24.16 -14.84
CA PRO D 206 30.10 23.55 -13.91
C PRO D 206 29.57 22.24 -13.37
N ARG D 207 30.47 21.33 -13.04
CA ARG D 207 30.06 20.03 -12.56
C ARG D 207 31.09 19.51 -11.56
N LEU D 208 30.62 19.05 -10.41
CA LEU D 208 31.44 18.34 -9.45
C LEU D 208 31.00 16.89 -9.40
N SER D 209 31.95 15.98 -9.26
CA SER D 209 31.62 14.57 -9.25
C SER D 209 32.32 13.90 -8.08
N LEU D 210 31.53 13.31 -7.18
CA LEU D 210 32.02 12.45 -6.11
C LEU D 210 31.75 11.01 -6.52
N SER D 211 32.79 10.18 -6.49
CA SER D 211 32.67 8.82 -6.97
C SER D 211 33.38 7.87 -6.02
N PHE D 212 32.80 6.69 -5.83
CA PHE D 212 33.32 5.69 -4.91
C PHE D 212 33.83 4.48 -5.69
N LYS D 213 34.90 3.88 -5.20
CA LYS D 213 35.42 2.63 -5.73
C LYS D 213 34.97 1.49 -4.82
N LEU D 214 34.31 0.49 -5.39
CA LEU D 214 33.72 -0.59 -4.63
C LEU D 214 34.37 -1.91 -5.02
N LYS D 215 34.70 -2.73 -4.04
CA LYS D 215 35.23 -4.07 -4.25
C LYS D 215 34.28 -5.06 -3.61
N ARG D 216 33.83 -6.04 -4.39
CA ARG D 216 32.87 -7.02 -3.90
C ARG D 216 33.56 -8.04 -3.02
N ASN D 217 32.94 -8.34 -1.88
CA ASN D 217 33.47 -9.36 -0.99
C ASN D 217 33.19 -10.75 -1.56
N ILE D 218 34.23 -11.58 -1.60
CA ILE D 218 34.10 -12.90 -2.19
C ILE D 218 33.51 -13.89 -1.18
N GLY D 219 33.63 -13.57 0.12
CA GLY D 219 33.39 -14.56 1.17
C GLY D 219 31.95 -15.03 1.28
N TYR D 220 30.99 -14.15 0.97
CA TYR D 220 29.60 -14.61 0.89
C TYR D 220 29.39 -15.48 -0.34
N PHE D 221 30.00 -15.11 -1.47
CA PHE D 221 29.81 -15.83 -2.72
C PHE D 221 30.71 -17.05 -2.85
N ILE D 222 31.68 -17.23 -1.96
CA ILE D 222 32.56 -18.39 -2.11
C ILE D 222 32.01 -19.60 -1.35
N LEU D 223 31.16 -19.39 -0.34
CA LEU D 223 30.60 -20.50 0.41
C LEU D 223 29.16 -20.81 0.02
N GLN D 224 28.45 -19.86 -0.58
CA GLN D 224 27.10 -20.09 -1.04
C GLN D 224 27.05 -20.64 -2.46
N THR D 225 28.01 -20.27 -3.31
CA THR D 225 28.01 -20.69 -4.70
C THR D 225 29.21 -21.54 -5.06
N TYR D 226 30.44 -21.08 -4.77
CA TYR D 226 31.64 -21.74 -5.30
C TYR D 226 31.90 -23.07 -4.61
N MET D 227 31.83 -23.09 -3.28
CA MET D 227 32.09 -24.34 -2.55
C MET D 227 31.08 -25.47 -2.82
N PRO D 228 29.76 -25.24 -2.91
CA PRO D 228 28.92 -26.33 -3.44
C PRO D 228 29.21 -26.70 -4.88
N SER D 229 29.64 -25.76 -5.71
CA SER D 229 29.86 -26.05 -7.12
C SER D 229 31.07 -26.95 -7.35
N ILE D 230 32.12 -26.80 -6.53
CA ILE D 230 33.24 -27.73 -6.63
C ILE D 230 32.96 -29.02 -5.88
N LEU D 231 31.98 -29.02 -4.96
CA LEU D 231 31.67 -30.22 -4.19
C LEU D 231 30.91 -31.24 -5.02
N ILE D 232 29.99 -30.75 -5.88
CA ILE D 232 29.18 -31.63 -6.72
C ILE D 232 30.04 -32.36 -7.74
N THR D 233 31.14 -31.74 -8.18
CA THR D 233 32.10 -32.43 -9.04
C THR D 233 32.83 -33.56 -8.30
N ILE D 234 33.05 -33.40 -7.00
CA ILE D 234 33.65 -34.48 -6.21
C ILE D 234 32.67 -35.64 -6.05
N LEU D 235 31.38 -35.36 -5.88
CA LEU D 235 30.38 -36.42 -5.86
C LEU D 235 30.26 -37.11 -7.22
N SER D 236 30.56 -36.39 -8.31
CA SER D 236 30.63 -37.04 -9.61
C SER D 236 31.84 -37.94 -9.76
N TRP D 237 32.87 -37.74 -8.94
CA TRP D 237 34.08 -38.56 -8.97
C TRP D 237 33.93 -39.85 -8.18
N VAL D 238 32.89 -39.99 -7.36
CA VAL D 238 32.70 -41.22 -6.60
C VAL D 238 32.22 -42.35 -7.52
N SER D 239 31.60 -41.99 -8.65
CA SER D 239 31.07 -42.98 -9.59
C SER D 239 32.16 -43.81 -10.26
N PHE D 240 33.39 -43.32 -10.29
CA PHE D 240 34.48 -44.12 -10.85
C PHE D 240 34.84 -45.28 -9.93
N TRP D 241 34.77 -45.06 -8.61
CA TRP D 241 35.10 -46.12 -7.66
C TRP D 241 34.01 -47.18 -7.56
N ILE D 242 32.82 -46.92 -8.06
CA ILE D 242 31.76 -47.93 -8.12
C ILE D 242 32.04 -48.87 -9.29
N ASN D 243 31.72 -50.15 -9.10
CA ASN D 243 31.95 -51.15 -10.13
C ASN D 243 30.99 -50.93 -11.31
N TYR D 244 31.36 -51.52 -12.45
CA TYR D 244 30.62 -51.28 -13.69
C TYR D 244 29.26 -51.96 -13.70
N ASP D 245 29.14 -53.12 -13.04
CA ASP D 245 27.89 -53.88 -13.11
C ASP D 245 26.78 -53.25 -12.28
N ALA D 246 27.12 -52.44 -11.28
CA ALA D 246 26.11 -51.74 -10.47
C ALA D 246 25.63 -50.53 -11.25
N SER D 247 24.72 -50.79 -12.20
CA SER D 247 24.28 -49.76 -13.13
C SER D 247 23.35 -48.74 -12.50
N ALA D 248 22.54 -49.15 -11.54
CA ALA D 248 21.58 -48.23 -10.93
C ALA D 248 22.28 -47.23 -10.01
N ALA D 249 23.41 -47.61 -9.41
CA ALA D 249 24.10 -46.71 -8.49
C ALA D 249 24.84 -45.61 -9.24
N ARG D 250 25.48 -45.94 -10.35
CA ARG D 250 26.28 -44.96 -11.07
C ARG D 250 25.42 -43.98 -11.86
N VAL D 251 24.27 -44.45 -12.37
CA VAL D 251 23.35 -43.57 -13.08
C VAL D 251 22.68 -42.61 -12.12
N ALA D 252 22.25 -43.09 -10.95
CA ALA D 252 21.63 -42.23 -9.95
C ALA D 252 22.62 -41.24 -9.35
N LEU D 253 23.90 -41.61 -9.30
CA LEU D 253 24.92 -40.63 -8.92
C LEU D 253 25.19 -39.67 -10.07
N GLY D 254 25.21 -40.18 -11.31
CA GLY D 254 25.55 -39.33 -12.44
C GLY D 254 24.43 -38.39 -12.85
N ILE D 255 23.18 -38.79 -12.66
CA ILE D 255 22.07 -37.89 -12.93
C ILE D 255 22.00 -36.78 -11.89
N THR D 256 22.25 -37.12 -10.63
CA THR D 256 22.15 -36.16 -9.53
C THR D 256 23.19 -35.06 -9.66
N THR D 257 24.43 -35.40 -10.06
CA THR D 257 25.45 -34.37 -10.20
C THR D 257 25.23 -33.49 -11.43
N VAL D 258 24.53 -33.98 -12.45
CA VAL D 258 24.19 -33.14 -13.58
C VAL D 258 23.07 -32.17 -13.20
N LEU D 259 22.02 -32.68 -12.57
CA LEU D 259 20.84 -31.87 -12.28
C LEU D 259 21.08 -30.88 -11.15
N THR D 260 21.93 -31.21 -10.18
CA THR D 260 22.28 -30.24 -9.14
C THR D 260 23.04 -29.06 -9.72
N MET D 261 23.99 -29.34 -10.61
CA MET D 261 24.68 -28.26 -11.31
C MET D 261 23.76 -27.53 -12.29
N THR D 262 22.76 -28.24 -12.82
CA THR D 262 21.77 -27.60 -13.68
C THR D 262 20.88 -26.66 -12.88
N THR D 263 20.47 -27.07 -11.68
CA THR D 263 19.59 -26.23 -10.87
C THR D 263 20.35 -25.06 -10.24
N ILE D 264 21.63 -25.25 -9.92
CA ILE D 264 22.42 -24.19 -9.30
C ILE D 264 22.62 -23.04 -10.28
N ASN D 265 22.81 -23.36 -11.57
CA ASN D 265 22.89 -22.33 -12.60
C ASN D 265 21.57 -21.58 -12.75
N THR D 266 20.45 -22.24 -12.47
CA THR D 266 19.15 -21.59 -12.48
C THR D 266 18.74 -21.04 -11.11
N HIS D 267 19.53 -21.29 -10.07
CA HIS D 267 19.30 -20.72 -8.74
C HIS D 267 20.23 -19.55 -8.45
N LEU D 268 20.98 -19.08 -9.45
CA LEU D 268 21.92 -18.00 -9.25
C LEU D 268 21.65 -16.78 -10.12
N ARG D 269 21.08 -16.95 -11.30
CA ARG D 269 20.92 -15.86 -12.25
C ARG D 269 19.57 -15.16 -12.15
N GLU D 270 18.70 -15.56 -11.23
CA GLU D 270 17.44 -14.85 -11.04
C GLU D 270 17.57 -13.65 -10.10
N THR D 271 18.69 -13.51 -9.40
CA THR D 271 18.96 -12.35 -8.58
C THR D 271 19.96 -11.41 -9.24
N LEU D 272 20.18 -11.54 -10.55
CA LEU D 272 21.07 -10.75 -11.36
C LEU D 272 20.30 -10.15 -12.52
N PRO D 273 20.72 -9.01 -13.06
CA PRO D 273 20.07 -8.49 -14.27
C PRO D 273 20.33 -9.38 -15.47
N LYS D 274 19.41 -9.35 -16.43
CA LYS D 274 19.45 -10.24 -17.59
C LYS D 274 20.46 -9.72 -18.61
N ILE D 275 21.72 -9.80 -18.24
CA ILE D 275 22.83 -9.34 -19.08
C ILE D 275 23.13 -10.42 -20.13
N PRO D 276 23.46 -10.04 -21.36
CA PRO D 276 23.65 -11.05 -22.40
C PRO D 276 25.04 -11.65 -22.44
N TYR D 277 26.03 -10.99 -21.83
CA TYR D 277 27.38 -11.50 -21.83
C TYR D 277 27.53 -12.53 -20.71
N VAL D 278 28.72 -13.11 -20.61
CA VAL D 278 28.98 -14.23 -19.70
C VAL D 278 29.83 -13.71 -18.55
N LYS D 279 29.27 -13.76 -17.35
CA LYS D 279 29.99 -13.34 -16.16
C LYS D 279 30.98 -14.42 -15.72
N ALA D 280 31.87 -14.04 -14.81
CA ALA D 280 32.98 -14.92 -14.43
C ALA D 280 32.52 -16.07 -13.54
N ILE D 281 31.34 -15.97 -12.93
CA ILE D 281 30.81 -17.11 -12.21
C ILE D 281 30.00 -18.02 -13.14
N ASP D 282 29.63 -17.53 -14.32
CA ASP D 282 28.95 -18.39 -15.29
C ASP D 282 29.94 -19.23 -16.08
N MET D 283 31.17 -18.75 -16.24
CA MET D 283 32.19 -19.56 -16.90
C MET D 283 32.66 -20.68 -15.99
N TYR D 284 32.58 -20.49 -14.68
CA TYR D 284 32.94 -21.56 -13.74
C TYR D 284 31.86 -22.63 -13.70
N LEU D 285 30.59 -22.22 -13.68
CA LEU D 285 29.49 -23.19 -13.61
C LEU D 285 29.37 -23.96 -14.91
N MET D 286 29.59 -23.31 -16.05
CA MET D 286 29.60 -24.02 -17.32
C MET D 286 30.82 -24.93 -17.44
N GLY D 287 31.96 -24.49 -16.92
CA GLY D 287 33.13 -25.33 -16.91
C GLY D 287 32.99 -26.52 -15.98
N CYS D 288 32.35 -26.32 -14.83
CA CYS D 288 32.07 -27.44 -13.94
C CYS D 288 30.99 -28.35 -14.50
N PHE D 289 30.08 -27.81 -15.31
CA PHE D 289 29.08 -28.63 -15.98
C PHE D 289 29.72 -29.53 -17.04
N VAL D 290 30.82 -29.08 -17.65
CA VAL D 290 31.52 -29.90 -18.62
C VAL D 290 32.19 -31.09 -17.94
N PHE D 291 32.88 -30.84 -16.82
CA PHE D 291 33.56 -31.90 -16.08
C PHE D 291 32.56 -32.88 -15.46
N VAL D 292 31.39 -32.39 -15.06
CA VAL D 292 30.35 -33.28 -14.55
C VAL D 292 29.76 -34.13 -15.68
N PHE D 293 29.48 -33.51 -16.82
CA PHE D 293 28.90 -34.25 -17.94
C PHE D 293 29.89 -35.21 -18.58
N MET D 294 31.19 -34.88 -18.55
CA MET D 294 32.18 -35.82 -19.05
C MET D 294 32.35 -37.02 -18.14
N ALA D 295 32.00 -36.90 -16.86
CA ALA D 295 32.01 -38.06 -15.97
C ALA D 295 30.85 -38.99 -16.27
N LEU D 296 29.68 -38.44 -16.62
CA LEU D 296 28.55 -39.28 -17.00
C LEU D 296 28.75 -39.88 -18.39
N LEU D 297 29.45 -39.17 -19.28
CA LEU D 297 29.80 -39.74 -20.58
C LEU D 297 30.89 -40.79 -20.45
N GLU D 298 31.66 -40.78 -19.36
CA GLU D 298 32.69 -41.79 -19.16
C GLU D 298 32.08 -43.16 -18.88
N TYR D 299 30.99 -43.20 -18.11
CA TYR D 299 30.34 -44.47 -17.81
C TYR D 299 29.64 -45.04 -19.03
N ALA D 300 29.07 -44.18 -19.88
CA ALA D 300 28.43 -44.66 -21.11
C ALA D 300 29.44 -45.23 -22.09
N LEU D 301 30.68 -44.74 -22.05
CA LEU D 301 31.76 -45.38 -22.79
C LEU D 301 32.10 -46.74 -22.18
N VAL D 302 32.09 -46.83 -20.85
CA VAL D 302 32.42 -48.08 -20.16
C VAL D 302 31.35 -49.14 -20.41
N ASN D 303 30.08 -48.75 -20.35
CA ASN D 303 28.98 -49.68 -20.60
C ASN D 303 28.96 -50.13 -22.06
N TYR D 304 29.33 -49.26 -22.99
CA TYR D 304 29.36 -49.63 -24.40
C TYR D 304 30.50 -50.59 -24.71
N ILE D 305 31.62 -50.48 -24.00
CA ILE D 305 32.75 -51.36 -24.23
C ILE D 305 32.43 -52.78 -23.76
N PHE D 306 31.89 -52.91 -22.55
CA PHE D 306 31.64 -54.24 -22.00
C PHE D 306 30.38 -54.86 -22.60
N PHE D 307 29.24 -54.23 -22.38
CA PHE D 307 27.97 -54.77 -22.85
C PHE D 307 27.66 -54.33 -24.28
N ASN D 461 38.64 -52.40 -17.11
CA ASN D 461 39.02 -51.70 -15.89
C ASN D 461 40.17 -50.73 -16.17
N ALA D 462 40.70 -50.78 -17.39
CA ALA D 462 41.77 -49.88 -17.79
C ALA D 462 41.25 -48.48 -18.09
N ILE D 463 40.05 -48.37 -18.67
CA ILE D 463 39.45 -47.07 -18.94
C ILE D 463 39.03 -46.40 -17.63
N ASP D 464 38.45 -47.19 -16.71
CA ASP D 464 37.96 -46.64 -15.45
C ASP D 464 39.11 -46.21 -14.54
N ARG D 465 40.24 -46.91 -14.58
CA ARG D 465 41.39 -46.51 -13.77
C ARG D 465 42.13 -45.33 -14.39
N TRP D 466 41.94 -45.06 -15.68
CA TRP D 466 42.52 -43.88 -16.29
C TRP D 466 41.75 -42.62 -15.93
N SER D 467 40.44 -42.73 -15.76
CA SER D 467 39.62 -41.57 -15.40
C SER D 467 39.78 -41.19 -13.92
N ARG D 468 40.27 -42.10 -13.09
CA ARG D 468 40.53 -41.78 -11.69
C ARG D 468 41.81 -40.98 -11.51
N ILE D 469 42.66 -40.88 -12.54
CA ILE D 469 43.88 -40.10 -12.48
C ILE D 469 43.81 -38.86 -13.35
N PHE D 470 43.15 -38.96 -14.52
CA PHE D 470 43.05 -37.82 -15.42
C PHE D 470 42.17 -36.72 -14.85
N PHE D 471 41.04 -37.10 -14.25
CA PHE D 471 40.12 -36.11 -13.68
C PHE D 471 40.69 -35.28 -12.53
N PRO D 472 41.44 -35.81 -11.54
CA PRO D 472 42.08 -34.90 -10.58
C PRO D 472 43.18 -34.02 -11.16
N VAL D 473 43.73 -34.35 -12.33
CA VAL D 473 44.80 -33.55 -12.90
C VAL D 473 44.24 -32.34 -13.64
N VAL D 474 43.28 -32.56 -14.54
CA VAL D 474 42.79 -31.50 -15.41
C VAL D 474 41.90 -30.53 -14.64
N PHE D 475 41.08 -31.05 -13.71
CA PHE D 475 40.18 -30.20 -12.93
C PHE D 475 40.95 -29.30 -11.97
N SER D 476 42.03 -29.81 -11.37
CA SER D 476 42.88 -28.94 -10.56
C SER D 476 43.64 -27.95 -11.42
N PHE D 477 44.02 -28.36 -12.64
CA PHE D 477 44.61 -27.43 -13.60
C PHE D 477 43.60 -26.39 -14.05
N PHE D 478 42.32 -26.75 -14.11
CA PHE D 478 41.27 -25.79 -14.45
C PHE D 478 41.11 -24.72 -13.37
N ASN D 479 41.26 -25.10 -12.10
CA ASN D 479 41.18 -24.11 -11.02
C ASN D 479 42.43 -23.23 -10.95
N ILE D 480 43.58 -23.73 -11.42
CA ILE D 480 44.77 -22.89 -11.50
C ILE D 480 44.60 -21.83 -12.58
N VAL D 481 44.05 -22.23 -13.74
CA VAL D 481 43.78 -21.28 -14.81
C VAL D 481 42.70 -20.28 -14.40
N TYR D 482 41.66 -20.75 -13.70
CA TYR D 482 40.56 -19.88 -13.30
C TYR D 482 40.99 -18.88 -12.24
N TRP D 483 41.65 -19.34 -11.19
CA TRP D 483 42.09 -18.42 -10.14
C TRP D 483 43.52 -17.92 -10.39
N LEU D 484 43.78 -17.53 -11.64
CA LEU D 484 44.92 -16.70 -12.01
C LEU D 484 44.58 -15.65 -13.05
N TYR D 485 43.44 -15.78 -13.74
CA TYR D 485 43.02 -14.86 -14.80
C TYR D 485 42.06 -13.80 -14.27
N TYR D 486 41.18 -14.18 -13.35
CA TYR D 486 40.25 -13.25 -12.73
C TYR D 486 40.75 -12.69 -11.41
N VAL D 487 41.96 -13.05 -10.98
CA VAL D 487 42.51 -12.56 -9.73
C VAL D 487 44.03 -12.52 -9.81
N ASN E 9 21.75 48.68 -7.15
CA ASN E 9 22.36 49.36 -8.29
C ASN E 9 22.00 48.68 -9.60
N ASN E 10 22.82 47.71 -10.01
CA ASN E 10 22.54 46.97 -11.23
C ASN E 10 21.40 45.98 -11.02
N ILE E 11 21.24 45.47 -9.79
CA ILE E 11 20.15 44.55 -9.49
C ILE E 11 18.81 45.27 -9.55
N THR E 12 18.77 46.53 -9.07
CA THR E 12 17.52 47.29 -9.08
C THR E 12 17.10 47.67 -10.49
N ILE E 13 18.03 47.66 -11.45
CA ILE E 13 17.67 47.87 -12.84
C ILE E 13 16.88 46.66 -13.36
N PHE E 14 17.37 45.46 -13.09
CA PHE E 14 16.70 44.26 -13.57
C PHE E 14 15.49 43.91 -12.73
N THR E 15 15.39 44.46 -11.53
CA THR E 15 14.16 44.31 -10.75
C THR E 15 13.03 45.12 -11.36
N ARG E 16 13.34 46.31 -11.87
CA ARG E 16 12.32 47.14 -12.50
C ARG E 16 11.91 46.56 -13.85
N ILE E 17 12.82 45.86 -14.52
CA ILE E 17 12.51 45.24 -15.80
C ILE E 17 11.55 44.07 -15.61
N LEU E 18 11.83 43.23 -14.61
CA LEU E 18 10.99 42.07 -14.35
C LEU E 18 9.65 42.46 -13.75
N ASP E 19 9.59 43.57 -13.01
CA ASP E 19 8.33 44.02 -12.45
C ASP E 19 7.45 44.66 -13.51
N ARG E 20 8.07 45.31 -14.51
CA ARG E 20 7.33 45.93 -15.59
C ARG E 20 6.72 44.88 -16.51
N LEU E 21 7.46 43.80 -16.75
CA LEU E 21 6.97 42.73 -17.63
C LEU E 21 5.79 42.01 -17.01
N LEU E 22 5.84 41.73 -15.70
CA LEU E 22 4.78 40.98 -15.06
C LEU E 22 3.59 41.85 -14.69
N ASP E 23 3.71 43.17 -14.81
CA ASP E 23 2.60 44.04 -14.48
C ASP E 23 1.58 44.06 -15.61
N GLY E 24 0.35 43.71 -15.29
CA GLY E 24 -0.69 43.62 -16.30
C GLY E 24 -0.59 42.36 -17.13
N TYR E 25 0.10 41.36 -16.59
CA TYR E 25 0.29 40.09 -17.28
C TYR E 25 -0.76 39.09 -16.81
N ASP E 26 -1.37 38.39 -17.76
CA ASP E 26 -2.31 37.31 -17.46
C ASP E 26 -1.73 36.00 -17.95
N ASN E 27 -1.53 35.07 -17.02
CA ASN E 27 -0.99 33.75 -17.39
C ASN E 27 -2.07 32.78 -17.84
N ARG E 28 -3.34 33.20 -17.85
CA ARG E 28 -4.43 32.34 -18.32
C ARG E 28 -4.64 32.43 -19.82
N LEU E 29 -3.89 33.27 -20.53
CA LEU E 29 -4.06 33.46 -21.96
C LEU E 29 -2.76 33.12 -22.67
N ARG E 30 -2.86 32.33 -23.74
CA ARG E 30 -1.71 32.04 -24.57
C ARG E 30 -1.32 33.29 -25.35
N PRO E 31 -0.04 33.41 -25.76
CA PRO E 31 0.35 34.54 -26.59
C PRO E 31 -0.27 34.46 -27.97
N GLY E 32 -0.84 35.58 -28.41
CA GLY E 32 -1.60 35.58 -29.65
C GLY E 32 -2.86 34.75 -29.58
N LEU E 33 -3.64 34.91 -28.52
CA LEU E 33 -4.85 34.09 -28.35
C LEU E 33 -5.92 34.45 -29.38
N GLY E 34 -6.21 35.74 -29.52
CA GLY E 34 -7.17 36.20 -30.50
C GLY E 34 -6.57 36.81 -31.75
N ASP E 35 -5.27 36.67 -31.96
CA ASP E 35 -4.60 37.29 -33.09
C ASP E 35 -3.85 36.31 -33.98
N SER E 36 -3.35 35.20 -33.46
CA SER E 36 -2.43 34.35 -34.18
C SER E 36 -2.44 32.93 -33.64
N ILE E 37 -1.41 32.16 -33.95
CA ILE E 37 -1.25 30.80 -33.47
C ILE E 37 0.11 30.69 -32.79
N THR E 38 0.14 30.05 -31.62
CA THR E 38 1.39 29.89 -30.88
C THR E 38 2.18 28.73 -31.45
N GLU E 39 3.44 28.97 -31.79
CA GLU E 39 4.32 27.94 -32.31
C GLU E 39 5.34 27.57 -31.26
N VAL E 40 5.40 26.29 -30.92
CA VAL E 40 6.31 25.81 -29.89
C VAL E 40 7.43 25.00 -30.54
N PHE E 41 8.67 25.43 -30.36
CA PHE E 41 9.82 24.77 -30.96
C PHE E 41 10.44 23.82 -29.95
N THR E 42 10.58 22.55 -30.33
CA THR E 42 10.84 21.48 -29.37
C THR E 42 12.10 20.69 -29.72
N ASN E 43 12.89 20.38 -28.69
CA ASN E 43 14.01 19.45 -28.78
C ASN E 43 13.91 18.44 -27.64
N ILE E 44 14.66 17.36 -27.77
CA ILE E 44 14.80 16.35 -26.70
C ILE E 44 16.27 15.96 -26.64
N TYR E 45 16.85 15.99 -25.44
CA TYR E 45 18.19 15.46 -25.21
C TYR E 45 18.05 14.26 -24.28
N VAL E 46 18.15 13.05 -24.84
CA VAL E 46 18.07 11.84 -24.05
C VAL E 46 19.39 11.63 -23.31
N THR E 47 19.40 11.91 -22.01
CA THR E 47 20.63 11.75 -21.23
C THR E 47 20.96 10.28 -21.03
N SER E 48 19.96 9.45 -20.77
CA SER E 48 20.17 8.02 -20.59
C SER E 48 18.87 7.29 -20.90
N PHE E 49 18.93 6.39 -21.87
CA PHE E 49 17.78 5.59 -22.26
C PHE E 49 17.71 4.41 -21.30
N GLY E 50 16.67 4.38 -20.46
CA GLY E 50 16.61 3.43 -19.38
C GLY E 50 16.25 2.04 -19.80
N PRO E 51 16.13 1.12 -18.85
CA PRO E 51 15.91 -0.29 -19.19
C PRO E 51 14.50 -0.53 -19.72
N VAL E 52 14.43 -1.29 -20.80
CA VAL E 52 13.13 -1.62 -21.42
C VAL E 52 12.61 -2.84 -20.68
N SER E 53 11.65 -2.60 -19.80
CA SER E 53 11.04 -3.68 -19.04
C SER E 53 10.12 -4.50 -19.94
N ASP E 54 10.50 -5.76 -20.16
CA ASP E 54 9.80 -6.63 -21.10
C ASP E 54 8.47 -7.13 -20.58
N THR E 55 8.33 -7.34 -19.28
CA THR E 55 7.14 -7.92 -18.69
C THR E 55 5.94 -6.96 -18.69
N ASP E 56 6.17 -5.65 -18.59
CA ASP E 56 5.07 -4.70 -18.50
C ASP E 56 4.81 -3.91 -19.78
N MET E 57 5.56 -4.15 -20.86
CA MET E 57 5.46 -3.45 -22.15
C MET E 57 5.65 -1.95 -21.98
N GLU E 58 6.84 -1.59 -21.49
CA GLU E 58 7.15 -0.19 -21.21
C GLU E 58 8.66 -0.02 -21.23
N TYR E 59 9.08 1.24 -21.17
CA TYR E 59 10.48 1.61 -21.11
C TYR E 59 10.61 2.93 -20.37
N THR E 60 11.83 3.25 -19.95
CA THR E 60 12.13 4.46 -19.21
C THR E 60 13.07 5.32 -20.03
N ILE E 61 12.85 6.64 -20.02
CA ILE E 61 13.72 7.55 -20.75
C ILE E 61 13.87 8.83 -19.94
N ASP E 62 15.11 9.27 -19.76
CA ASP E 62 15.41 10.52 -19.06
C ASP E 62 15.81 11.55 -20.11
N VAL E 63 15.07 12.66 -20.16
CA VAL E 63 15.25 13.66 -21.20
C VAL E 63 15.65 14.99 -20.58
N PHE E 64 16.02 15.92 -21.45
CA PHE E 64 16.24 17.33 -21.14
C PHE E 64 15.31 18.14 -22.03
N PHE E 65 14.01 17.83 -21.99
CA PHE E 65 12.97 18.39 -22.83
C PHE E 65 12.97 19.91 -22.94
N ARG E 66 13.24 20.44 -24.14
CA ARG E 66 13.30 21.88 -24.38
C ARG E 66 12.11 22.33 -25.20
N GLN E 67 11.48 23.42 -24.78
CA GLN E 67 10.40 24.05 -25.54
C GLN E 67 10.74 25.52 -25.73
N LYS E 68 10.36 26.06 -26.88
CA LYS E 68 10.72 27.43 -27.22
C LYS E 68 9.60 28.05 -28.04
N TRP E 69 9.06 29.16 -27.56
CA TRP E 69 7.98 29.86 -28.23
C TRP E 69 8.25 31.36 -28.11
N LYS E 70 7.42 32.15 -28.77
CA LYS E 70 7.56 33.60 -28.75
C LYS E 70 6.36 34.21 -28.03
N ASP E 71 6.65 35.05 -27.03
CA ASP E 71 5.64 35.81 -26.32
C ASP E 71 5.94 37.29 -26.54
N GLU E 72 4.98 38.01 -27.12
CA GLU E 72 5.19 39.42 -27.43
C GLU E 72 5.15 40.29 -26.19
N ARG E 73 4.48 39.83 -25.13
CA ARG E 73 4.39 40.63 -23.91
C ARG E 73 5.71 40.67 -23.16
N LEU E 74 6.56 39.66 -23.34
CA LEU E 74 7.84 39.60 -22.64
C LEU E 74 8.98 40.11 -23.53
N LYS E 75 8.89 41.38 -23.89
CA LYS E 75 9.95 42.06 -24.64
C LYS E 75 10.47 43.20 -23.77
N PHE E 76 11.76 43.17 -23.47
CA PHE E 76 12.38 44.23 -22.68
C PHE E 76 13.44 44.96 -23.49
N LYS E 77 13.84 46.13 -22.97
CA LYS E 77 14.89 46.95 -23.55
C LYS E 77 15.82 47.35 -22.40
N GLY E 78 16.83 46.52 -22.15
CA GLY E 78 17.76 46.76 -21.08
C GLY E 78 19.19 46.53 -21.51
N PRO E 79 20.12 46.49 -20.55
CA PRO E 79 21.54 46.28 -20.87
C PRO E 79 21.93 44.83 -21.07
N MET E 80 20.98 43.90 -21.05
CA MET E 80 21.24 42.49 -21.30
C MET E 80 20.64 42.08 -22.64
N ASN E 81 20.86 40.84 -23.00
CA ASN E 81 20.23 40.26 -24.18
C ASN E 81 19.38 39.04 -23.83
N ILE E 82 19.81 38.22 -22.89
CA ILE E 82 19.01 37.12 -22.35
C ILE E 82 18.98 37.26 -20.84
N LEU E 83 17.90 36.77 -20.23
CA LEU E 83 17.71 36.83 -18.79
C LEU E 83 17.63 35.40 -18.26
N ARG E 84 18.78 34.87 -17.84
CA ARG E 84 18.86 33.51 -17.32
C ARG E 84 18.28 33.52 -15.90
N LEU E 85 16.98 33.28 -15.82
CA LEU E 85 16.23 33.38 -14.57
C LEU E 85 16.05 32.00 -13.94
N ASN E 86 15.50 32.01 -12.73
CA ASN E 86 15.28 30.79 -11.95
C ASN E 86 13.87 30.28 -12.21
N ASN E 87 13.42 29.36 -11.35
CA ASN E 87 12.21 28.61 -11.58
C ASN E 87 10.95 29.34 -11.14
N LEU E 88 11.09 30.40 -10.35
CA LEU E 88 9.92 31.12 -9.85
C LEU E 88 9.22 31.87 -10.98
N MET E 89 9.98 32.36 -11.96
CA MET E 89 9.37 33.09 -13.06
C MET E 89 8.69 32.17 -14.07
N ALA E 90 8.96 30.86 -14.01
CA ALA E 90 8.32 29.94 -14.94
C ALA E 90 6.84 29.76 -14.63
N SER E 91 6.46 29.85 -13.36
CA SER E 91 5.07 29.68 -12.97
C SER E 91 4.25 30.94 -13.08
N LYS E 92 4.88 32.11 -13.24
CA LYS E 92 4.16 33.36 -13.32
C LYS E 92 3.82 33.76 -14.75
N ILE E 93 4.28 33.01 -15.74
CA ILE E 93 4.04 33.32 -17.14
C ILE E 93 3.34 32.14 -17.80
N TRP E 94 3.02 32.26 -19.08
CA TRP E 94 2.35 31.19 -19.80
C TRP E 94 3.38 30.19 -20.29
N THR E 95 3.19 28.92 -19.95
CA THR E 95 3.96 27.79 -20.42
C THR E 95 3.03 26.77 -21.06
N PRO E 96 3.43 26.14 -22.18
CA PRO E 96 2.53 25.22 -22.87
C PRO E 96 2.33 23.93 -22.09
N ASP E 97 1.12 23.41 -22.17
CA ASP E 97 0.72 22.22 -21.42
C ASP E 97 1.08 20.93 -22.14
N THR E 98 2.36 20.71 -22.42
CA THR E 98 2.78 19.53 -23.15
C THR E 98 2.74 18.30 -22.26
N PHE E 99 2.06 17.27 -22.74
CA PHE E 99 1.97 16.00 -22.04
C PHE E 99 2.31 14.88 -23.01
N PHE E 100 2.66 13.73 -22.46
CA PHE E 100 3.08 12.57 -23.25
C PHE E 100 1.90 11.62 -23.41
N HIS E 101 1.55 11.35 -24.66
CA HIS E 101 0.34 10.58 -24.98
C HIS E 101 0.45 9.13 -24.55
N ASN E 102 1.66 8.58 -24.50
CA ASN E 102 1.84 7.18 -24.13
C ASN E 102 2.63 7.02 -22.84
N GLY E 103 2.78 8.08 -22.06
CA GLY E 103 3.44 7.98 -20.77
C GLY E 103 2.53 7.28 -19.77
N LYS E 104 3.14 6.67 -18.76
CA LYS E 104 2.38 6.03 -17.68
C LYS E 104 2.65 6.67 -16.33
N LYS E 105 3.90 6.98 -16.03
CA LYS E 105 4.26 7.69 -14.81
C LYS E 105 5.57 8.41 -15.04
N SER E 106 5.51 9.74 -15.10
CA SER E 106 6.69 10.54 -15.35
C SER E 106 6.96 11.40 -14.13
N VAL E 107 8.23 11.53 -13.79
CA VAL E 107 8.68 12.26 -12.61
C VAL E 107 9.42 13.49 -13.09
N ALA E 108 8.93 14.67 -12.73
CA ALA E 108 9.67 15.91 -12.95
C ALA E 108 10.48 16.17 -11.69
N HIS E 109 11.80 16.07 -11.85
CA HIS E 109 12.69 16.11 -10.70
C HIS E 109 12.82 17.51 -10.13
N ASN E 110 12.91 17.61 -8.80
CA ASN E 110 13.05 18.90 -8.15
C ASN E 110 14.06 18.90 -7.00
N MET E 111 15.05 18.01 -7.04
CA MET E 111 16.17 18.07 -6.10
C MET E 111 17.30 18.89 -6.69
N THR E 112 17.77 19.89 -5.94
CA THR E 112 17.34 20.37 -4.64
C THR E 112 16.38 21.54 -4.83
N MET E 113 16.34 22.01 -6.07
CA MET E 113 15.44 23.04 -6.55
C MET E 113 14.76 22.42 -7.77
N PRO E 114 13.57 22.90 -8.14
CA PRO E 114 12.93 22.43 -9.38
C PRO E 114 13.82 22.50 -10.61
N ASN E 115 14.00 21.35 -11.27
CA ASN E 115 14.88 21.24 -12.41
C ASN E 115 14.18 21.76 -13.66
N LYS E 116 14.10 23.09 -13.73
CA LYS E 116 13.55 23.78 -14.88
C LYS E 116 14.50 24.91 -15.24
N LEU E 117 14.32 25.46 -16.44
CA LEU E 117 15.19 26.52 -16.93
C LEU E 117 14.31 27.52 -17.64
N LEU E 118 14.69 28.79 -17.58
CA LEU E 118 13.94 29.84 -18.24
C LEU E 118 14.89 30.93 -18.70
N ARG E 119 14.80 31.28 -19.99
CA ARG E 119 15.69 32.27 -20.55
C ARG E 119 14.88 33.17 -21.49
N ILE E 120 14.35 34.27 -20.95
CA ILE E 120 13.70 35.27 -21.77
C ILE E 120 14.75 36.04 -22.55
N GLN E 121 14.52 36.23 -23.84
CA GLN E 121 15.43 36.99 -24.69
C GLN E 121 14.88 38.39 -24.90
N ASP E 122 15.62 39.19 -25.68
CA ASP E 122 15.26 40.58 -25.89
C ASP E 122 14.06 40.72 -26.80
N ASP E 123 13.96 39.89 -27.83
CA ASP E 123 12.88 39.99 -28.81
C ASP E 123 11.59 39.32 -28.36
N GLY E 124 11.61 38.61 -27.23
CA GLY E 124 10.45 37.91 -26.76
C GLY E 124 10.55 36.40 -26.84
N THR E 125 11.66 35.84 -27.29
CA THR E 125 11.84 34.40 -27.34
C THR E 125 12.06 33.86 -25.94
N LEU E 126 11.42 32.73 -25.63
CA LEU E 126 11.63 32.05 -24.37
C LEU E 126 12.22 30.67 -24.61
N LEU E 127 12.93 30.17 -23.60
CA LEU E 127 13.54 28.84 -23.65
C LEU E 127 13.22 28.15 -22.32
N TYR E 128 12.24 27.26 -22.37
CA TYR E 128 11.83 26.53 -21.19
C TYR E 128 12.29 25.09 -21.29
N THR E 129 13.06 24.65 -20.28
CA THR E 129 13.74 23.36 -20.38
C THR E 129 13.65 22.60 -19.06
N MET E 130 13.04 21.42 -19.08
CA MET E 130 12.86 20.63 -17.89
C MET E 130 13.66 19.34 -17.97
N ARG E 131 13.68 18.61 -16.86
CA ARG E 131 14.31 17.30 -16.77
C ARG E 131 13.25 16.29 -16.35
N LEU E 132 13.00 15.30 -17.21
CA LEU E 132 11.88 14.38 -17.04
C LEU E 132 12.37 12.95 -17.02
N THR E 133 11.49 12.06 -16.56
CA THR E 133 11.79 10.63 -16.42
C THR E 133 10.58 9.84 -16.93
N VAL E 134 10.21 10.09 -18.18
CA VAL E 134 9.02 9.51 -18.80
C VAL E 134 9.13 7.98 -18.83
N GLN E 135 8.16 7.31 -18.22
CA GLN E 135 8.04 5.85 -18.32
C GLN E 135 6.97 5.53 -19.36
N ALA E 136 7.35 5.69 -20.62
CA ALA E 136 6.40 5.62 -21.72
C ALA E 136 6.05 4.19 -22.07
N GLU E 137 4.94 4.03 -22.80
CA GLU E 137 4.49 2.73 -23.26
C GLU E 137 5.26 2.29 -24.49
N CYS E 138 5.21 0.99 -24.75
CA CYS E 138 5.81 0.40 -25.94
C CYS E 138 5.06 -0.87 -26.31
N PRO E 139 4.31 -0.86 -27.41
CA PRO E 139 3.53 -2.06 -27.80
C PRO E 139 4.46 -3.16 -28.31
N MET E 140 4.44 -4.30 -27.63
CA MET E 140 5.32 -5.41 -27.94
C MET E 140 4.53 -6.58 -28.52
N HIS E 141 5.10 -7.22 -29.52
CA HIS E 141 4.55 -8.43 -30.11
C HIS E 141 5.67 -9.47 -30.07
N LEU E 142 5.62 -10.37 -29.10
CA LEU E 142 6.71 -11.32 -28.86
C LEU E 142 6.48 -12.62 -29.62
N GLU E 143 6.23 -12.49 -30.92
CA GLU E 143 6.02 -13.65 -31.78
C GLU E 143 7.32 -14.17 -32.40
N ASP E 144 8.38 -13.37 -32.37
CA ASP E 144 9.70 -13.82 -32.77
C ASP E 144 10.65 -13.84 -31.58
N PHE E 145 10.11 -14.09 -30.39
CA PHE E 145 10.88 -14.04 -29.15
C PHE E 145 11.88 -15.19 -29.09
N PRO E 146 13.14 -14.92 -28.70
CA PRO E 146 13.72 -13.64 -28.33
C PRO E 146 14.59 -12.99 -29.41
N MET E 147 14.22 -13.13 -30.69
CA MET E 147 14.90 -12.42 -31.77
C MET E 147 14.13 -11.20 -32.25
N ASP E 148 13.24 -10.67 -31.41
CA ASP E 148 12.41 -9.53 -31.80
C ASP E 148 13.22 -8.25 -31.81
N ALA E 149 12.73 -7.28 -32.58
CA ALA E 149 13.36 -5.96 -32.71
C ALA E 149 12.26 -4.91 -32.65
N HIS E 150 11.95 -4.42 -31.45
CA HIS E 150 10.88 -3.46 -31.28
C HIS E 150 11.31 -2.07 -31.73
N SER E 151 10.32 -1.18 -31.83
CA SER E 151 10.53 0.24 -32.08
C SER E 151 9.62 0.98 -31.11
N CYS E 152 10.14 1.26 -29.92
CA CYS E 152 9.33 1.87 -28.86
C CYS E 152 9.15 3.36 -29.14
N PRO E 153 7.91 3.84 -29.18
CA PRO E 153 7.67 5.24 -29.54
C PRO E 153 7.62 6.15 -28.32
N LEU E 154 7.52 7.46 -28.61
CA LEU E 154 7.32 8.47 -27.59
C LEU E 154 6.51 9.59 -28.24
N LYS E 155 5.22 9.66 -27.90
CA LYS E 155 4.31 10.63 -28.49
C LYS E 155 3.99 11.70 -27.48
N PHE E 156 4.13 12.97 -27.87
CA PHE E 156 3.76 14.08 -27.02
C PHE E 156 3.10 15.17 -27.83
N GLY E 157 2.24 15.94 -27.17
CA GLY E 157 1.54 17.04 -27.81
C GLY E 157 0.85 17.85 -26.74
N SER E 158 0.12 18.86 -27.18
CA SER E 158 -0.62 19.68 -26.24
C SER E 158 -1.86 18.94 -25.74
N TYR E 159 -2.33 19.33 -24.57
CA TYR E 159 -3.51 18.70 -23.97
C TYR E 159 -4.79 19.47 -24.21
N ALA E 160 -4.79 20.79 -24.02
CA ALA E 160 -5.99 21.58 -24.14
C ALA E 160 -6.09 22.38 -25.42
N TYR E 161 -4.97 22.67 -26.08
CA TYR E 161 -4.95 23.55 -27.24
C TYR E 161 -4.91 22.73 -28.53
N THR E 162 -5.87 22.98 -29.41
CA THR E 162 -5.99 22.29 -30.67
C THR E 162 -5.10 22.94 -31.73
N THR E 163 -5.18 22.42 -32.97
CA THR E 163 -4.26 22.84 -34.03
C THR E 163 -4.54 24.22 -34.58
N SER E 164 -5.68 24.81 -34.20
CA SER E 164 -5.93 26.21 -34.52
C SER E 164 -5.42 27.13 -33.42
N GLU E 165 -4.84 26.57 -32.36
CA GLU E 165 -4.26 27.38 -31.29
C GLU E 165 -2.79 27.13 -31.02
N VAL E 166 -2.33 25.88 -30.95
CA VAL E 166 -0.91 25.57 -30.74
C VAL E 166 -0.47 24.48 -31.70
N THR E 167 0.56 24.75 -32.50
CA THR E 167 1.19 23.74 -33.35
C THR E 167 2.65 23.58 -32.93
N TYR E 168 3.06 22.33 -32.75
CA TYR E 168 4.43 22.03 -32.39
C TYR E 168 5.29 21.88 -33.65
N ILE E 169 6.56 22.25 -33.53
CA ILE E 169 7.52 22.24 -34.63
C ILE E 169 8.87 21.79 -34.07
N TRP E 170 9.54 20.85 -34.74
CA TRP E 170 10.91 20.54 -34.38
C TRP E 170 11.84 21.67 -34.82
N THR E 171 12.78 22.04 -33.94
CA THR E 171 13.62 23.23 -34.13
C THR E 171 14.57 23.09 -35.30
N TYR E 172 15.50 22.15 -35.19
CA TYR E 172 16.49 21.91 -36.23
C TYR E 172 15.91 21.03 -37.32
N ASN E 173 16.78 20.45 -38.14
CA ASN E 173 16.35 19.43 -39.10
C ASN E 173 15.79 18.22 -38.37
N ALA E 174 14.94 17.45 -39.07
CA ALA E 174 14.26 16.34 -38.44
C ALA E 174 15.20 15.18 -38.11
N SER E 175 16.41 15.19 -38.67
CA SER E 175 17.40 14.21 -38.26
C SER E 175 17.95 14.53 -36.87
N ASP E 176 18.59 15.68 -36.72
CA ASP E 176 19.26 16.06 -35.48
C ASP E 176 18.37 16.98 -34.64
N SER E 177 17.27 16.43 -34.14
CA SER E 177 16.43 17.12 -33.18
C SER E 177 16.21 16.32 -31.91
N VAL E 178 16.18 15.00 -31.98
CA VAL E 178 16.22 14.13 -30.82
C VAL E 178 17.64 13.59 -30.75
N GLN E 179 18.40 14.03 -29.76
CA GLN E 179 19.80 13.65 -29.61
C GLN E 179 19.96 12.71 -28.43
N VAL E 180 20.77 11.67 -28.62
CA VAL E 180 21.03 10.70 -27.59
C VAL E 180 22.48 10.84 -27.14
N ALA E 181 22.69 10.91 -25.81
CA ALA E 181 23.99 11.05 -25.19
C ALA E 181 24.82 9.80 -25.43
N PRO E 182 26.14 9.96 -25.69
CA PRO E 182 26.98 8.80 -26.04
C PRO E 182 27.18 7.81 -24.89
N ASP E 183 27.55 8.31 -23.72
CA ASP E 183 27.81 7.42 -22.59
C ASP E 183 26.51 6.89 -21.97
N GLY E 184 25.45 7.69 -21.99
CA GLY E 184 24.21 7.28 -21.37
C GLY E 184 23.44 6.24 -22.15
N SER E 185 23.50 5.00 -21.70
CA SER E 185 22.73 3.89 -22.27
C SER E 185 22.60 2.84 -21.17
N ARG E 186 21.45 2.79 -20.52
CA ARG E 186 21.20 1.83 -19.46
C ARG E 186 20.62 0.53 -19.98
N LEU E 187 20.59 0.36 -21.30
CA LEU E 187 20.07 -0.86 -21.92
C LEU E 187 20.99 -2.03 -21.64
N ASN E 188 20.42 -3.15 -21.22
CA ASN E 188 21.16 -4.39 -21.03
C ASN E 188 20.67 -5.53 -21.92
N GLN E 189 19.35 -5.72 -22.03
CA GLN E 189 18.82 -6.72 -22.95
C GLN E 189 18.94 -6.25 -24.39
N TYR E 190 18.72 -4.97 -24.64
CA TYR E 190 18.62 -4.43 -25.99
C TYR E 190 19.86 -3.61 -26.31
N ASP E 191 19.87 -3.01 -27.50
CA ASP E 191 20.86 -2.00 -27.85
C ASP E 191 20.24 -1.03 -28.84
N LEU E 192 20.59 0.24 -28.68
CA LEU E 192 19.95 1.30 -29.47
C LEU E 192 20.52 1.33 -30.87
N LEU E 193 19.66 1.21 -31.87
CA LEU E 193 20.07 1.29 -33.27
C LEU E 193 20.00 2.73 -33.79
N GLY E 194 18.84 3.36 -33.67
CA GLY E 194 18.68 4.73 -34.12
C GLY E 194 17.31 5.24 -33.78
N GLN E 195 17.09 6.53 -34.07
CA GLN E 195 15.83 7.19 -33.80
C GLN E 195 15.28 7.81 -35.07
N SER E 196 13.96 7.79 -35.20
CA SER E 196 13.27 8.46 -36.29
C SER E 196 12.08 9.19 -35.73
N ILE E 197 11.87 10.43 -36.18
CA ILE E 197 10.86 11.31 -35.63
C ILE E 197 9.81 11.61 -36.70
N GLY E 198 8.68 12.16 -36.26
CA GLY E 198 7.59 12.49 -37.16
C GLY E 198 6.72 13.58 -36.57
N LYS E 199 5.66 13.91 -37.29
CA LYS E 199 4.70 14.92 -36.85
C LYS E 199 3.36 14.60 -37.49
N GLU E 200 2.39 14.18 -36.69
CA GLU E 200 1.08 13.79 -37.19
C GLU E 200 -0.01 14.53 -36.42
N THR E 201 -1.23 14.40 -36.91
CA THR E 201 -2.39 15.04 -36.32
C THR E 201 -3.37 13.97 -35.86
N ILE E 202 -3.77 14.02 -34.60
CA ILE E 202 -4.74 13.08 -34.03
C ILE E 202 -6.03 13.85 -33.76
N LYS E 203 -7.14 13.37 -34.31
CA LYS E 203 -8.45 13.96 -34.13
C LYS E 203 -9.15 13.22 -32.99
N SER E 204 -9.07 13.78 -31.79
CA SER E 204 -9.69 13.20 -30.60
C SER E 204 -11.10 13.77 -30.43
N SER E 205 -11.67 13.57 -29.23
CA SER E 205 -13.05 13.98 -28.97
C SER E 205 -13.21 15.50 -28.93
N THR E 206 -12.18 16.22 -28.51
CA THR E 206 -12.27 17.67 -28.37
C THR E 206 -11.64 18.43 -29.53
N GLY E 207 -11.22 17.73 -30.58
CA GLY E 207 -10.68 18.36 -31.77
C GLY E 207 -9.39 17.71 -32.21
N GLU E 208 -8.83 18.26 -33.29
CA GLU E 208 -7.55 17.78 -33.81
C GLU E 208 -6.40 18.32 -32.97
N TYR E 209 -5.38 17.48 -32.77
CA TYR E 209 -4.23 17.86 -31.98
C TYR E 209 -2.97 17.55 -32.75
N THR E 210 -2.01 18.47 -32.75
CA THR E 210 -0.72 18.24 -33.37
C THR E 210 0.11 17.38 -32.44
N VAL E 211 0.40 16.15 -32.85
CA VAL E 211 1.06 15.17 -32.01
C VAL E 211 2.46 14.94 -32.56
N MET E 212 3.46 15.22 -31.73
CA MET E 212 4.85 14.96 -32.06
C MET E 212 5.20 13.54 -31.64
N THR E 213 5.97 12.85 -32.46
CA THR E 213 6.33 11.47 -32.17
C THR E 213 7.81 11.23 -32.46
N ALA E 214 8.35 10.22 -31.78
CA ALA E 214 9.74 9.81 -31.97
C ALA E 214 9.85 8.33 -31.62
N HIS E 215 10.32 7.53 -32.57
CA HIS E 215 10.46 6.09 -32.40
C HIS E 215 11.92 5.76 -32.20
N PHE E 216 12.22 5.03 -31.12
CA PHE E 216 13.56 4.55 -30.86
C PHE E 216 13.65 3.09 -31.28
N HIS E 217 14.57 2.77 -32.19
CA HIS E 217 14.68 1.43 -32.74
C HIS E 217 15.55 0.57 -31.85
N LEU E 218 15.04 -0.62 -31.51
CA LEU E 218 15.70 -1.52 -30.58
C LEU E 218 15.85 -2.90 -31.21
N LYS E 219 16.72 -3.71 -30.61
CA LYS E 219 16.99 -5.06 -31.07
C LYS E 219 17.45 -5.89 -29.89
N ARG E 220 16.86 -7.07 -29.69
CA ARG E 220 17.17 -7.86 -28.51
C ARG E 220 18.46 -8.64 -28.72
N LYS E 221 19.35 -8.56 -27.73
CA LYS E 221 20.53 -9.40 -27.71
C LYS E 221 20.15 -10.79 -27.22
N ILE E 222 20.45 -11.80 -28.05
CA ILE E 222 19.98 -13.16 -27.82
C ILE E 222 20.75 -13.81 -26.67
N GLY E 223 21.97 -13.32 -26.41
CA GLY E 223 22.98 -14.04 -25.63
C GLY E 223 22.62 -14.32 -24.18
N TYR E 224 21.65 -13.61 -23.61
CA TYR E 224 21.18 -13.97 -22.28
C TYR E 224 20.36 -15.25 -22.33
N PHE E 225 19.46 -15.37 -23.30
CA PHE E 225 18.55 -16.51 -23.35
C PHE E 225 19.20 -17.78 -23.87
N VAL E 226 20.40 -17.67 -24.46
CA VAL E 226 21.12 -18.87 -24.87
C VAL E 226 21.63 -19.64 -23.65
N ILE E 227 22.21 -18.93 -22.68
CA ILE E 227 22.88 -19.58 -21.57
C ILE E 227 21.88 -20.21 -20.61
N GLN E 228 20.74 -19.56 -20.37
CA GLN E 228 19.82 -20.04 -19.35
C GLN E 228 18.65 -20.84 -19.88
N THR E 229 18.28 -20.69 -21.16
CA THR E 229 17.13 -21.40 -21.68
C THR E 229 17.46 -22.34 -22.83
N TYR E 230 18.22 -21.88 -23.82
CA TYR E 230 18.47 -22.69 -25.01
C TYR E 230 19.49 -23.80 -24.72
N LEU E 231 20.62 -23.45 -24.13
CA LEU E 231 21.63 -24.46 -23.79
C LEU E 231 21.21 -25.49 -22.75
N PRO E 232 20.48 -25.15 -21.65
CA PRO E 232 19.95 -26.24 -20.81
C PRO E 232 18.95 -27.15 -21.51
N CYS E 233 18.15 -26.62 -22.45
CA CYS E 233 17.21 -27.46 -23.17
C CYS E 233 17.92 -28.36 -24.17
N ILE E 234 18.99 -27.87 -24.79
CA ILE E 234 19.75 -28.69 -25.74
C ILE E 234 20.52 -29.78 -25.01
N MET E 235 21.15 -29.43 -23.88
CA MET E 235 22.02 -30.37 -23.18
C MET E 235 21.25 -31.49 -22.49
N THR E 236 20.02 -31.24 -22.05
CA THR E 236 19.22 -32.31 -21.49
C THR E 236 18.64 -33.23 -22.55
N VAL E 237 18.57 -32.77 -23.81
CA VAL E 237 18.22 -33.66 -24.91
C VAL E 237 19.37 -34.62 -25.20
N ILE E 238 20.60 -34.11 -25.19
CA ILE E 238 21.79 -34.95 -25.35
C ILE E 238 21.93 -35.87 -24.13
N LEU E 239 21.54 -35.39 -22.96
CA LEU E 239 21.51 -36.24 -21.77
C LEU E 239 20.46 -37.34 -21.91
N SER E 240 19.35 -37.05 -22.57
CA SER E 240 18.31 -38.05 -22.77
C SER E 240 18.68 -39.08 -23.82
N GLN E 241 19.65 -38.77 -24.70
CA GLN E 241 20.07 -39.70 -25.74
C GLN E 241 21.17 -40.65 -25.26
N VAL E 242 21.61 -40.55 -24.01
CA VAL E 242 22.57 -41.49 -23.46
C VAL E 242 21.91 -42.86 -23.23
N SER E 243 20.58 -42.87 -23.04
CA SER E 243 19.85 -44.09 -22.73
C SER E 243 19.85 -45.10 -23.87
N PHE E 244 20.09 -44.67 -25.12
CA PHE E 244 20.19 -45.59 -26.23
C PHE E 244 21.49 -46.38 -26.23
N TRP E 245 22.52 -45.91 -25.51
CA TRP E 245 23.83 -46.54 -25.53
C TRP E 245 24.05 -47.52 -24.39
N LEU E 246 23.06 -47.73 -23.54
CA LEU E 246 23.21 -48.62 -22.40
C LEU E 246 22.73 -50.02 -22.75
N ASN E 247 22.83 -50.93 -21.77
CA ASN E 247 22.36 -52.29 -21.94
C ASN E 247 20.83 -52.33 -21.95
N ARG E 248 20.27 -53.28 -22.70
CA ARG E 248 18.82 -53.46 -22.75
C ARG E 248 18.28 -53.90 -21.40
N GLU E 249 18.98 -54.82 -20.73
CA GLU E 249 18.49 -55.41 -19.49
C GLU E 249 18.62 -54.49 -18.29
N SER E 250 19.28 -53.34 -18.42
CA SER E 250 19.41 -52.38 -17.32
C SER E 250 18.13 -51.56 -17.25
N VAL E 251 17.15 -52.10 -16.52
CA VAL E 251 15.83 -51.46 -16.46
C VAL E 251 15.80 -50.20 -15.60
N PRO E 252 16.25 -50.18 -14.33
CA PRO E 252 16.08 -48.95 -13.54
C PRO E 252 17.03 -47.83 -13.91
N ALA E 253 18.13 -48.14 -14.61
CA ALA E 253 19.07 -47.08 -15.00
C ALA E 253 18.50 -46.23 -16.12
N ARG E 254 17.92 -46.86 -17.15
CA ARG E 254 17.30 -46.10 -18.23
C ARG E 254 15.98 -45.48 -17.81
N THR E 255 15.33 -46.02 -16.78
CA THR E 255 14.13 -45.38 -16.25
C THR E 255 14.47 -44.07 -15.54
N VAL E 256 15.63 -44.02 -14.88
CA VAL E 256 16.08 -42.81 -14.21
C VAL E 256 16.39 -41.71 -15.23
N PHE E 257 16.96 -42.11 -16.38
CA PHE E 257 17.10 -41.21 -17.52
C PHE E 257 15.76 -40.70 -18.03
N GLY E 258 14.76 -41.58 -18.10
CA GLY E 258 13.44 -41.19 -18.57
C GLY E 258 12.68 -40.24 -17.67
N VAL E 259 12.69 -40.50 -16.36
CA VAL E 259 11.83 -39.74 -15.46
C VAL E 259 12.48 -38.46 -14.96
N THR E 260 13.78 -38.28 -15.19
CA THR E 260 14.43 -37.06 -14.76
C THR E 260 14.53 -36.04 -15.88
N THR E 261 14.75 -36.49 -17.12
CA THR E 261 14.83 -35.58 -18.25
C THR E 261 13.45 -35.02 -18.58
N VAL E 262 12.40 -35.82 -18.40
CA VAL E 262 11.04 -35.33 -18.57
C VAL E 262 10.68 -34.33 -17.48
N LEU E 263 11.07 -34.63 -16.23
CA LEU E 263 10.79 -33.75 -15.11
C LEU E 263 11.54 -32.42 -15.23
N THR E 264 12.80 -32.47 -15.67
CA THR E 264 13.57 -31.23 -15.79
C THR E 264 13.19 -30.43 -17.04
N MET E 265 12.54 -31.05 -18.02
CA MET E 265 12.04 -30.28 -19.15
C MET E 265 10.74 -29.55 -18.78
N THR E 266 9.90 -30.20 -17.96
CA THR E 266 8.72 -29.53 -17.42
C THR E 266 9.11 -28.41 -16.47
N THR E 267 10.15 -28.63 -15.66
CA THR E 267 10.67 -27.58 -14.77
C THR E 267 11.27 -26.44 -15.57
N LEU E 268 11.97 -26.74 -16.68
CA LEU E 268 12.48 -25.69 -17.55
C LEU E 268 11.36 -24.97 -18.28
N SER E 269 10.26 -25.67 -18.59
CA SER E 269 9.15 -25.04 -19.27
C SER E 269 8.43 -24.04 -18.37
N ILE E 270 8.36 -24.35 -17.07
CA ILE E 270 7.78 -23.40 -16.12
C ILE E 270 8.72 -22.21 -15.92
N SER E 271 10.01 -22.48 -15.80
CA SER E 271 10.98 -21.42 -15.50
C SER E 271 11.27 -20.52 -16.69
N ALA E 272 11.16 -21.04 -17.92
CA ALA E 272 11.38 -20.19 -19.08
C ALA E 272 10.24 -19.20 -19.29
N ARG E 273 9.02 -19.60 -18.94
CA ARG E 273 7.85 -18.71 -19.01
C ARG E 273 7.66 -17.95 -17.70
N ASN E 274 8.73 -17.31 -17.25
CA ASN E 274 8.73 -16.49 -16.05
C ASN E 274 9.38 -15.16 -16.40
N SER E 275 8.90 -14.09 -15.74
CA SER E 275 9.24 -12.69 -16.05
C SER E 275 8.97 -12.35 -17.51
N LEU E 276 7.88 -12.93 -18.04
CA LEU E 276 7.36 -12.70 -19.38
C LEU E 276 5.88 -12.37 -19.28
N PRO E 277 5.35 -11.59 -20.21
CA PRO E 277 3.90 -11.33 -20.20
C PRO E 277 3.10 -12.58 -20.52
N LYS E 278 1.89 -12.63 -19.97
CA LYS E 278 1.01 -13.80 -20.14
C LYS E 278 0.28 -13.67 -21.49
N VAL E 279 1.06 -13.88 -22.55
CA VAL E 279 0.52 -13.72 -23.90
C VAL E 279 -0.37 -14.91 -24.25
N ALA E 280 -1.30 -14.67 -25.17
CA ALA E 280 -2.27 -15.68 -25.57
C ALA E 280 -1.78 -16.60 -26.67
N TYR E 281 -0.60 -16.36 -27.22
CA TYR E 281 -0.05 -17.12 -28.33
C TYR E 281 1.18 -17.90 -27.87
N ALA E 282 1.79 -18.60 -28.82
CA ALA E 282 2.98 -19.40 -28.60
C ALA E 282 4.17 -18.70 -29.23
N THR E 283 5.19 -18.40 -28.42
CA THR E 283 6.38 -17.74 -28.90
C THR E 283 7.29 -18.73 -29.61
N ALA E 284 8.37 -18.20 -30.19
CA ALA E 284 9.38 -19.08 -30.78
C ALA E 284 10.20 -19.79 -29.71
N MET E 285 10.27 -19.22 -28.51
CA MET E 285 10.87 -19.94 -27.38
C MET E 285 10.02 -21.15 -27.01
N ASP E 286 8.70 -21.00 -27.01
CA ASP E 286 7.81 -22.12 -26.71
C ASP E 286 7.74 -23.13 -27.84
N TRP E 287 8.08 -22.71 -29.07
CA TRP E 287 8.18 -23.63 -30.19
C TRP E 287 9.50 -24.39 -30.21
N PHE E 288 10.41 -24.11 -29.29
CA PHE E 288 11.65 -24.84 -29.15
C PHE E 288 11.62 -25.88 -28.03
N ILE E 289 11.09 -25.50 -26.87
CA ILE E 289 11.04 -26.41 -25.73
C ILE E 289 10.04 -27.55 -25.98
N ALA E 290 8.95 -27.25 -26.68
CA ALA E 290 7.97 -28.28 -27.02
C ALA E 290 8.53 -29.33 -27.98
N VAL E 291 9.34 -28.90 -28.95
CA VAL E 291 10.00 -29.86 -29.84
C VAL E 291 11.09 -30.63 -29.09
N CYS E 292 11.84 -29.94 -28.23
CA CYS E 292 12.86 -30.63 -27.43
C CYS E 292 12.24 -31.55 -26.39
N TYR E 293 11.04 -31.24 -25.90
CA TYR E 293 10.37 -32.20 -25.04
C TYR E 293 9.91 -33.42 -25.82
N ALA E 294 9.47 -33.23 -27.07
CA ALA E 294 9.01 -34.34 -27.89
C ALA E 294 10.15 -35.29 -28.24
N PHE E 295 11.38 -34.78 -28.30
CA PHE E 295 12.54 -35.64 -28.46
C PHE E 295 12.83 -36.43 -27.18
N VAL E 296 12.60 -35.79 -26.03
CA VAL E 296 12.81 -36.47 -24.75
C VAL E 296 11.69 -37.47 -24.50
N PHE E 297 10.45 -37.08 -24.79
CA PHE E 297 9.29 -37.94 -24.52
C PHE E 297 9.29 -39.18 -25.40
N SER E 298 9.69 -39.04 -26.67
CA SER E 298 9.72 -40.18 -27.56
C SER E 298 10.88 -41.12 -27.25
N ALA E 299 11.89 -40.63 -26.54
CA ALA E 299 13.00 -41.48 -26.13
C ALA E 299 12.59 -42.44 -25.03
N LEU E 300 11.72 -41.99 -24.12
CA LEU E 300 11.24 -42.87 -23.06
C LEU E 300 10.20 -43.86 -23.61
N ILE E 301 9.42 -43.44 -24.61
CA ILE E 301 8.51 -44.36 -25.29
C ILE E 301 9.32 -45.39 -26.08
N GLU E 302 10.46 -44.97 -26.64
CA GLU E 302 11.40 -45.87 -27.29
C GLU E 302 11.94 -46.92 -26.34
N PHE E 303 12.28 -46.50 -25.11
CA PHE E 303 12.73 -47.44 -24.10
C PHE E 303 11.61 -48.37 -23.64
N ALA E 304 10.38 -47.86 -23.58
CA ALA E 304 9.24 -48.70 -23.22
C ALA E 304 8.95 -49.76 -24.27
N THR E 305 9.24 -49.46 -25.54
CA THR E 305 9.14 -50.47 -26.59
C THR E 305 10.31 -51.44 -26.53
N VAL E 306 11.46 -51.00 -26.03
CA VAL E 306 12.60 -51.90 -25.82
C VAL E 306 12.30 -52.89 -24.71
N ASN E 307 11.79 -52.40 -23.58
CA ASN E 307 11.48 -53.26 -22.45
C ASN E 307 10.27 -54.15 -22.70
N TYR E 308 9.37 -53.75 -23.62
CA TYR E 308 8.25 -54.62 -23.96
C TYR E 308 8.69 -55.77 -24.86
N PHE E 309 9.78 -55.58 -25.61
CA PHE E 309 10.29 -56.60 -26.53
C PHE E 309 11.57 -57.27 -26.01
N THR E 310 11.69 -57.42 -24.69
CA THR E 310 12.84 -58.09 -24.11
C THR E 310 12.48 -59.53 -23.73
N LYS E 311 13.51 -60.32 -23.43
CA LYS E 311 13.32 -61.71 -23.04
C LYS E 311 14.27 -62.09 -21.92
N VAL E 386 20.61 -56.90 -27.84
CA VAL E 386 20.64 -55.54 -28.35
C VAL E 386 19.48 -55.33 -29.32
N SER E 387 18.63 -54.35 -29.02
CA SER E 387 17.47 -54.06 -29.86
C SER E 387 17.92 -53.42 -31.17
N LYS E 388 17.30 -53.84 -32.28
CA LYS E 388 17.57 -53.19 -33.56
C LYS E 388 16.93 -51.81 -33.62
N ILE E 389 15.91 -51.56 -32.80
CA ILE E 389 15.35 -50.22 -32.70
C ILE E 389 16.25 -49.34 -31.84
N ASP E 390 17.09 -49.95 -31.01
CA ASP E 390 18.06 -49.19 -30.24
C ASP E 390 19.20 -48.70 -31.11
N ARG E 391 19.68 -49.56 -32.02
CA ARG E 391 20.79 -49.20 -32.89
C ARG E 391 20.40 -48.16 -33.92
N MET E 392 19.16 -48.18 -34.38
CA MET E 392 18.69 -47.15 -35.30
C MET E 392 18.45 -45.83 -34.58
N SER E 393 18.07 -45.89 -33.30
CA SER E 393 17.82 -44.66 -32.55
C SER E 393 19.10 -43.93 -32.17
N ARG E 394 20.26 -44.59 -32.27
CA ARG E 394 21.53 -43.90 -32.08
C ARG E 394 21.95 -43.11 -33.31
N ILE E 395 21.29 -43.31 -34.45
CA ILE E 395 21.58 -42.60 -35.68
C ILE E 395 20.47 -41.63 -36.04
N VAL E 396 19.21 -42.08 -35.97
CA VAL E 396 18.07 -41.29 -36.42
C VAL E 396 17.82 -40.11 -35.47
N PHE E 397 17.82 -40.38 -34.16
CA PHE E 397 17.54 -39.34 -33.18
C PHE E 397 18.57 -38.21 -33.11
N PRO E 398 19.91 -38.42 -33.14
CA PRO E 398 20.80 -37.25 -33.14
C PRO E 398 20.76 -36.43 -34.42
N VAL E 399 20.51 -37.04 -35.58
CA VAL E 399 20.47 -36.25 -36.80
C VAL E 399 19.11 -35.62 -37.04
N LEU E 400 18.06 -36.07 -36.34
CA LEU E 400 16.78 -35.38 -36.42
C LEU E 400 16.79 -34.11 -35.60
N PHE E 401 17.48 -34.13 -34.45
CA PHE E 401 17.67 -32.92 -33.66
C PHE E 401 18.62 -31.95 -34.33
N GLY E 402 19.62 -32.47 -35.05
CA GLY E 402 20.54 -31.60 -35.76
C GLY E 402 19.89 -30.89 -36.94
N THR E 403 19.01 -31.58 -37.66
CA THR E 403 18.29 -30.94 -38.76
C THR E 403 17.25 -29.95 -38.26
N PHE E 404 16.68 -30.20 -37.07
CA PHE E 404 15.75 -29.24 -36.50
C PHE E 404 16.47 -27.97 -36.06
N ASN E 405 17.67 -28.12 -35.48
CA ASN E 405 18.44 -26.95 -35.06
C ASN E 405 18.97 -26.18 -36.25
N LEU E 406 19.15 -26.83 -37.39
CA LEU E 406 19.53 -26.13 -38.61
C LEU E 406 18.36 -25.31 -39.15
N VAL E 407 17.15 -25.88 -39.12
CA VAL E 407 15.97 -25.18 -39.63
C VAL E 407 15.58 -24.04 -38.68
N TYR E 408 15.60 -24.29 -37.38
CA TYR E 408 15.11 -23.31 -36.41
C TYR E 408 16.03 -22.10 -36.31
N TRP E 409 17.35 -22.32 -36.35
CA TRP E 409 18.31 -21.23 -36.32
C TRP E 409 18.68 -20.72 -37.70
N ALA E 410 17.88 -21.03 -38.72
CA ALA E 410 17.94 -20.33 -39.99
C ALA E 410 16.62 -19.67 -40.36
N THR E 411 15.51 -20.12 -39.78
CA THR E 411 14.23 -19.45 -39.99
C THR E 411 14.18 -18.12 -39.24
N TYR E 412 14.62 -18.13 -37.98
CA TYR E 412 14.53 -16.95 -37.12
C TYR E 412 15.81 -16.11 -37.10
N LEU E 413 16.87 -16.58 -37.73
CA LEU E 413 18.13 -15.82 -37.77
C LEU E 413 18.44 -15.36 -39.18
N VAL F 2 -34.09 20.96 31.75
CA VAL F 2 -34.03 21.10 33.19
C VAL F 2 -35.32 20.58 33.82
N GLN F 3 -36.40 21.34 33.64
CA GLN F 3 -37.71 20.99 34.19
C GLN F 3 -38.54 20.32 33.12
N LEU F 4 -39.07 19.14 33.43
CA LEU F 4 -39.92 18.38 32.54
C LEU F 4 -41.33 18.34 33.12
N GLN F 5 -42.31 18.74 32.32
CA GLN F 5 -43.69 18.87 32.78
C GLN F 5 -44.62 18.03 31.94
N GLN F 6 -45.54 17.34 32.61
CA GLN F 6 -46.60 16.58 31.96
C GLN F 6 -47.94 17.01 32.53
N SER F 7 -49.01 16.71 31.80
CA SER F 7 -50.35 17.10 32.23
C SER F 7 -50.86 16.14 33.30
N GLY F 8 -51.99 16.52 33.92
CA GLY F 8 -52.53 15.77 35.02
C GLY F 8 -53.23 14.49 34.59
N ALA F 9 -53.63 13.71 35.60
CA ALA F 9 -54.23 12.40 35.36
C ALA F 9 -55.65 12.54 34.79
N GLU F 10 -56.09 11.50 34.09
CA GLU F 10 -57.38 11.50 33.43
C GLU F 10 -58.06 10.15 33.62
N LEU F 11 -59.38 10.17 33.50
CA LEU F 11 -60.22 8.98 33.55
C LEU F 11 -60.84 8.77 32.17
N VAL F 12 -60.62 7.60 31.59
CA VAL F 12 -61.11 7.31 30.25
C VAL F 12 -61.85 5.97 30.26
N LYS F 13 -62.83 5.85 29.38
CA LYS F 13 -63.56 4.61 29.15
C LYS F 13 -62.74 3.71 28.24
N PRO F 14 -62.90 2.38 28.36
CA PRO F 14 -62.22 1.48 27.43
C PRO F 14 -62.75 1.62 26.01
N GLY F 15 -61.86 1.44 25.04
CA GLY F 15 -62.19 1.60 23.64
C GLY F 15 -62.16 3.02 23.13
N ALA F 16 -61.83 4.00 23.97
CA ALA F 16 -61.80 5.39 23.57
C ALA F 16 -60.37 5.82 23.25
N SER F 17 -60.18 7.10 22.95
CA SER F 17 -58.88 7.65 22.63
C SER F 17 -58.49 8.67 23.70
N VAL F 18 -57.18 8.74 23.98
CA VAL F 18 -56.66 9.61 25.02
C VAL F 18 -55.53 10.45 24.44
N LYS F 19 -55.35 11.64 24.98
CA LYS F 19 -54.29 12.56 24.58
C LYS F 19 -53.48 12.93 25.82
N LEU F 20 -52.17 12.73 25.75
CA LEU F 20 -51.28 13.00 26.87
C LEU F 20 -50.05 13.75 26.36
N SER F 21 -49.63 14.76 27.13
CA SER F 21 -48.58 15.67 26.70
C SER F 21 -47.42 15.67 27.67
N CYS F 22 -46.24 15.98 27.15
CA CYS F 22 -45.03 16.17 27.95
C CYS F 22 -44.36 17.44 27.47
N THR F 23 -44.40 18.49 28.29
CA THR F 23 -43.85 19.78 27.94
C THR F 23 -42.43 19.90 28.50
N ALA F 24 -41.49 20.27 27.63
CA ALA F 24 -40.10 20.43 28.02
C ALA F 24 -39.76 21.91 28.15
N SER F 25 -39.01 22.24 29.19
CA SER F 25 -38.60 23.62 29.44
C SER F 25 -37.12 23.66 29.77
N GLY F 26 -36.47 24.75 29.35
CA GLY F 26 -35.06 24.95 29.59
C GLY F 26 -34.15 24.39 28.50
N PHE F 27 -34.69 23.64 27.55
CA PHE F 27 -33.89 23.07 26.48
C PHE F 27 -34.80 22.78 25.29
N ASN F 28 -34.24 22.93 24.10
CA ASN F 28 -34.99 22.63 22.88
C ASN F 28 -35.01 21.13 22.62
N ILE F 29 -36.02 20.70 21.86
CA ILE F 29 -36.22 19.28 21.62
C ILE F 29 -35.47 18.80 20.38
N LYS F 30 -35.07 19.71 19.49
CA LYS F 30 -34.52 19.35 18.18
C LYS F 30 -33.17 18.66 18.22
N ASP F 31 -32.46 18.68 19.36
CA ASP F 31 -31.16 18.06 19.45
C ASP F 31 -31.12 16.79 20.29
N THR F 32 -32.03 16.62 21.24
CA THR F 32 -32.05 15.44 22.10
C THR F 32 -33.30 14.62 21.83
N TYR F 33 -33.17 13.30 21.96
CA TYR F 33 -34.28 12.40 21.72
C TYR F 33 -35.32 12.51 22.83
N MET F 34 -36.55 12.12 22.50
CA MET F 34 -37.62 12.01 23.48
C MET F 34 -37.99 10.55 23.67
N TYR F 35 -37.88 10.08 24.90
CA TYR F 35 -38.14 8.68 25.24
C TYR F 35 -39.38 8.60 26.12
N TRP F 36 -40.29 7.71 25.76
CA TRP F 36 -41.51 7.48 26.54
C TRP F 36 -41.57 6.02 26.95
N VAL F 37 -42.01 5.79 28.19
CA VAL F 37 -41.81 4.50 28.85
C VAL F 37 -43.06 4.18 29.68
N LYS F 38 -43.47 2.92 29.66
CA LYS F 38 -44.67 2.43 30.35
C LYS F 38 -44.26 1.82 31.68
N GLN F 39 -44.83 2.31 32.77
CA GLN F 39 -44.54 1.83 34.12
C GLN F 39 -45.84 1.29 34.71
N ARG F 40 -45.99 -0.03 34.68
CA ARG F 40 -47.11 -0.67 35.34
C ARG F 40 -46.91 -0.64 36.85
N PRO F 41 -47.99 -0.69 37.64
CA PRO F 41 -47.84 -0.78 39.10
C PRO F 41 -47.15 -2.06 39.53
N GLU F 42 -46.34 -1.94 40.60
CA GLU F 42 -45.44 -2.95 41.18
C GLU F 42 -44.66 -3.75 40.15
N GLN F 43 -44.25 -3.09 39.06
CA GLN F 43 -43.58 -3.76 37.95
C GLN F 43 -42.44 -2.89 37.45
N GLY F 44 -41.62 -3.48 36.59
CA GLY F 44 -40.50 -2.78 35.98
C GLY F 44 -40.95 -1.86 34.87
N LEU F 45 -39.97 -1.15 34.31
CA LEU F 45 -40.26 -0.18 33.27
C LEU F 45 -40.45 -0.90 31.94
N GLU F 46 -40.98 -0.17 30.95
CA GLU F 46 -41.21 -0.75 29.62
C GLU F 46 -41.22 0.38 28.60
N TRP F 47 -40.17 0.45 27.79
CA TRP F 47 -40.06 1.49 26.77
C TRP F 47 -41.02 1.20 25.63
N ILE F 48 -41.66 2.26 25.10
CA ILE F 48 -42.70 2.07 24.09
C ILE F 48 -42.33 2.73 22.76
N GLY F 49 -41.48 3.75 22.78
CA GLY F 49 -41.14 4.43 21.53
C GLY F 49 -40.18 5.56 21.77
N ARG F 50 -39.61 6.05 20.67
CA ARG F 50 -38.62 7.13 20.69
C ARG F 50 -38.91 8.09 19.54
N ILE F 51 -38.36 9.30 19.66
CA ILE F 51 -38.65 10.39 18.75
C ILE F 51 -37.36 11.09 18.39
N ASP F 52 -37.11 11.28 17.09
CA ASP F 52 -36.06 12.15 16.60
C ASP F 52 -36.72 13.38 15.99
N PRO F 53 -36.80 14.50 16.70
CA PRO F 53 -37.57 15.66 16.21
C PRO F 53 -36.90 16.44 15.10
N ALA F 54 -35.62 16.16 14.80
CA ALA F 54 -34.95 16.85 13.71
C ALA F 54 -35.54 16.48 12.35
N ASN F 55 -35.83 15.21 12.14
CA ASN F 55 -36.42 14.76 10.89
C ASN F 55 -37.77 14.09 11.07
N GLY F 56 -38.28 13.99 12.30
CA GLY F 56 -39.56 13.34 12.53
C GLY F 56 -39.51 11.84 12.51
N ASP F 57 -38.33 11.24 12.65
CA ASP F 57 -38.23 9.78 12.67
C ASP F 57 -38.80 9.21 13.96
N THR F 58 -39.51 8.10 13.83
CA THR F 58 -40.15 7.47 14.98
C THR F 58 -40.02 5.96 14.85
N LYS F 59 -39.51 5.32 15.91
CA LYS F 59 -39.38 3.87 15.94
C LYS F 59 -39.98 3.36 17.24
N TYR F 60 -40.86 2.37 17.12
CA TYR F 60 -41.65 1.88 18.24
C TYR F 60 -41.14 0.53 18.74
N ASP F 61 -41.61 0.16 19.92
CA ASP F 61 -41.43 -1.20 20.40
C ASP F 61 -42.24 -2.17 19.53
N PRO F 62 -41.73 -3.38 19.29
CA PRO F 62 -42.52 -4.35 18.51
C PRO F 62 -43.85 -4.75 19.14
N LYS F 63 -43.93 -4.74 20.47
CA LYS F 63 -45.19 -5.05 21.14
C LYS F 63 -46.22 -3.93 20.93
N PHE F 64 -45.78 -2.68 20.98
CA PHE F 64 -46.66 -1.52 20.90
C PHE F 64 -46.77 -0.96 19.48
N GLN F 65 -46.55 -1.79 18.47
CA GLN F 65 -46.75 -1.34 17.09
C GLN F 65 -48.23 -1.24 16.77
N GLY F 66 -48.64 -0.09 16.24
CA GLY F 66 -50.05 0.15 15.98
C GLY F 66 -50.86 0.55 17.19
N LYS F 67 -50.22 0.74 18.34
CA LYS F 67 -50.89 1.11 19.57
C LYS F 67 -50.68 2.56 19.96
N ALA F 68 -49.47 3.09 19.77
CA ALA F 68 -49.14 4.46 20.15
C ALA F 68 -48.73 5.27 18.94
N THR F 69 -48.95 6.58 19.03
CA THR F 69 -48.60 7.53 17.98
C THR F 69 -48.11 8.80 18.65
N ILE F 70 -47.04 9.39 18.13
CA ILE F 70 -46.48 10.61 18.70
C ILE F 70 -46.37 11.67 17.60
N THR F 71 -46.92 12.84 17.88
CA THR F 71 -46.59 14.07 17.15
C THR F 71 -45.82 15.00 18.07
N THR F 72 -44.97 15.83 17.49
CA THR F 72 -44.11 16.72 18.27
C THR F 72 -44.10 18.09 17.61
N ASP F 73 -44.48 19.11 18.37
CA ASP F 73 -44.50 20.49 17.89
C ASP F 73 -43.28 21.22 18.42
N THR F 74 -42.49 21.78 17.50
CA THR F 74 -41.30 22.53 17.90
C THR F 74 -41.67 23.85 18.55
N PHE F 75 -42.74 24.49 18.07
CA PHE F 75 -43.14 25.80 18.60
C PHE F 75 -43.73 25.68 20.00
N SER F 76 -44.53 24.63 20.24
CA SER F 76 -45.18 24.47 21.53
C SER F 76 -44.27 23.86 22.58
N ASN F 77 -43.08 23.38 22.19
CA ASN F 77 -42.09 22.75 23.07
C ASN F 77 -42.67 21.55 23.81
N THR F 78 -43.55 20.80 23.13
CA THR F 78 -44.32 19.73 23.74
C THR F 78 -44.47 18.58 22.74
N ALA F 79 -44.36 17.36 23.25
CA ALA F 79 -44.66 16.16 22.48
C ALA F 79 -45.94 15.52 23.02
N TYR F 80 -46.69 14.86 22.14
CA TYR F 80 -48.03 14.38 22.44
C TYR F 80 -48.11 12.86 22.34
N LEU F 81 -48.86 12.25 23.26
CA LEU F 81 -49.24 10.85 23.11
C LEU F 81 -50.47 10.73 22.21
N GLN F 82 -50.73 9.50 21.75
CA GLN F 82 -51.98 9.16 21.07
C GLN F 82 -52.19 7.67 21.21
N LEU F 83 -53.13 7.28 22.05
CA LEU F 83 -53.51 5.87 22.23
C LEU F 83 -54.89 5.68 21.62
N SER F 84 -54.94 4.97 20.49
CA SER F 84 -56.21 4.85 19.76
C SER F 84 -57.09 3.76 20.34
N SER F 85 -56.63 2.50 20.30
CA SER F 85 -57.41 1.36 20.77
C SER F 85 -56.85 0.89 22.12
N LEU F 86 -57.19 1.64 23.18
CA LEU F 86 -56.80 1.26 24.53
C LEU F 86 -57.86 0.38 25.16
N THR F 87 -57.42 -0.59 25.94
CA THR F 87 -58.30 -1.50 26.67
C THR F 87 -58.21 -1.22 28.17
N SER F 88 -58.89 -2.05 28.95
CA SER F 88 -58.90 -1.89 30.39
C SER F 88 -57.65 -2.45 31.06
N GLU F 89 -56.83 -3.21 30.34
CA GLU F 89 -55.61 -3.75 30.93
C GLU F 89 -54.53 -2.69 31.07
N ASP F 90 -54.55 -1.66 30.22
CA ASP F 90 -53.49 -0.65 30.18
C ASP F 90 -53.77 0.44 31.21
N THR F 91 -53.68 0.06 32.47
CA THR F 91 -53.83 0.98 33.60
C THR F 91 -52.45 1.11 34.25
N ALA F 92 -51.75 2.21 33.97
CA ALA F 92 -50.38 2.38 34.39
C ALA F 92 -50.08 3.87 34.51
N VAL F 93 -48.81 4.20 34.74
CA VAL F 93 -48.35 5.59 34.81
C VAL F 93 -47.33 5.79 33.71
N TYR F 94 -47.46 6.91 32.98
CA TYR F 94 -46.64 7.19 31.82
C TYR F 94 -45.60 8.24 32.18
N TYR F 95 -44.33 7.93 31.91
CA TYR F 95 -43.22 8.80 32.25
C TYR F 95 -42.62 9.40 30.98
N CYS F 96 -42.02 10.58 31.13
CA CYS F 96 -41.35 11.27 30.05
C CYS F 96 -39.85 11.27 30.30
N ALA F 97 -39.06 11.15 29.23
CA ALA F 97 -37.61 11.04 29.38
C ALA F 97 -36.91 11.62 28.16
N ARG F 98 -35.63 11.92 28.33
CA ARG F 98 -34.78 12.43 27.27
C ARG F 98 -33.46 11.67 27.26
N LYS F 99 -32.77 11.73 26.13
CA LYS F 99 -31.46 11.09 26.01
C LYS F 99 -30.41 11.91 26.74
N GLY F 100 -29.63 11.24 27.58
CA GLY F 100 -28.65 11.87 28.44
C GLY F 100 -27.25 11.82 27.88
N LEU F 101 -26.27 11.68 28.78
CA LEU F 101 -24.86 11.79 28.40
C LEU F 101 -24.39 10.57 27.63
N ARG F 102 -24.76 9.36 28.08
CA ARG F 102 -24.30 8.13 27.44
C ARG F 102 -25.49 7.28 27.05
N TRP F 103 -26.45 7.91 26.36
CA TRP F 103 -27.74 7.32 25.97
C TRP F 103 -28.54 6.87 27.18
N ALA F 104 -28.34 7.52 28.32
CA ALA F 104 -29.12 7.28 29.51
C ALA F 104 -30.36 8.16 29.49
N MET F 105 -31.16 8.09 30.54
CA MET F 105 -32.33 8.94 30.69
C MET F 105 -32.12 9.74 31.98
N ASP F 106 -31.55 10.93 31.85
CA ASP F 106 -31.15 11.70 33.02
C ASP F 106 -32.30 12.50 33.60
N TYR F 107 -33.01 13.26 32.77
CA TYR F 107 -34.14 14.06 33.23
C TYR F 107 -35.44 13.32 32.96
N TRP F 108 -36.28 13.22 33.98
CA TRP F 108 -37.54 12.50 33.90
C TRP F 108 -38.67 13.42 34.32
N GLY F 109 -39.84 13.20 33.71
CA GLY F 109 -41.02 13.94 34.07
C GLY F 109 -41.64 13.42 35.36
N GLN F 110 -42.65 14.16 35.83
CA GLN F 110 -43.31 13.79 37.08
C GLN F 110 -44.22 12.58 36.92
N GLY F 111 -44.60 12.23 35.70
CA GLY F 111 -45.40 11.05 35.46
C GLY F 111 -46.89 11.30 35.54
N THR F 112 -47.64 10.82 34.56
CA THR F 112 -49.09 10.91 34.53
C THR F 112 -49.67 9.51 34.50
N SER F 113 -50.57 9.22 35.43
CA SER F 113 -51.18 7.90 35.55
C SER F 113 -52.53 7.89 34.85
N VAL F 114 -52.73 6.93 33.97
CA VAL F 114 -54.02 6.72 33.34
C VAL F 114 -54.79 5.68 34.13
N THR F 115 -56.11 5.80 34.14
CA THR F 115 -56.98 4.87 34.85
C THR F 115 -58.18 4.57 33.98
N VAL F 116 -58.36 3.31 33.63
CA VAL F 116 -59.44 2.88 32.74
C VAL F 116 -60.39 2.04 33.59
N SER F 117 -61.49 2.66 34.02
CA SER F 117 -62.47 1.98 34.86
C SER F 117 -63.84 2.58 34.60
N THR F 118 -64.78 2.30 35.49
CA THR F 118 -66.14 2.82 35.36
C THR F 118 -66.46 3.83 36.45
N ASN G 1 -34.34 -8.32 20.17
CA ASN G 1 -34.71 -7.71 21.44
C ASN G 1 -33.72 -8.11 22.53
N ILE G 2 -33.63 -7.28 23.56
CA ILE G 2 -32.68 -7.48 24.67
C ILE G 2 -33.49 -7.60 25.95
N VAL G 3 -33.19 -8.61 26.76
CA VAL G 3 -33.83 -8.76 28.05
C VAL G 3 -32.80 -8.57 29.15
N MET G 4 -33.24 -7.96 30.25
CA MET G 4 -32.39 -7.72 31.41
C MET G 4 -33.01 -8.37 32.63
N THR G 5 -32.22 -9.16 33.35
CA THR G 5 -32.68 -9.84 34.56
C THR G 5 -31.93 -9.26 35.75
N GLN G 6 -32.68 -8.80 36.75
CA GLN G 6 -32.11 -8.28 37.99
C GLN G 6 -32.35 -9.29 39.10
N SER G 7 -31.29 -9.73 39.75
CA SER G 7 -31.39 -10.72 40.80
C SER G 7 -30.76 -10.18 42.08
N PRO G 8 -31.39 -10.42 43.24
CA PRO G 8 -32.67 -11.11 43.46
C PRO G 8 -33.86 -10.17 43.31
N LYS G 9 -35.07 -10.62 43.61
CA LYS G 9 -36.23 -9.74 43.54
C LYS G 9 -36.23 -8.71 44.65
N SER G 10 -35.92 -9.12 45.88
CA SER G 10 -35.95 -8.23 47.02
C SER G 10 -34.94 -8.69 48.06
N MET G 11 -34.59 -7.78 48.96
CA MET G 11 -33.71 -8.09 50.07
C MET G 11 -34.04 -7.16 51.24
N SER G 12 -33.64 -7.58 52.44
CA SER G 12 -33.90 -6.83 53.66
C SER G 12 -32.62 -6.73 54.48
N MET G 13 -32.04 -5.54 54.50
CA MET G 13 -30.85 -5.28 55.29
C MET G 13 -30.99 -3.95 56.04
N SER G 14 -30.05 -3.72 56.95
CA SER G 14 -30.10 -2.59 57.86
C SER G 14 -29.25 -1.44 57.31
N VAL G 15 -29.02 -0.43 58.13
CA VAL G 15 -28.30 0.77 57.73
C VAL G 15 -26.81 0.55 57.94
N GLY G 16 -26.03 0.73 56.88
CA GLY G 16 -24.58 0.81 57.00
C GLY G 16 -23.81 -0.47 56.76
N GLU G 17 -24.12 -1.19 55.69
CA GLU G 17 -23.33 -2.35 55.30
C GLU G 17 -23.34 -2.47 53.78
N ARG G 18 -22.81 -3.60 53.29
CA ARG G 18 -22.52 -3.79 51.88
C ARG G 18 -23.66 -4.54 51.19
N VAL G 19 -24.07 -4.04 50.02
CA VAL G 19 -25.06 -4.69 49.18
C VAL G 19 -24.53 -4.70 47.75
N THR G 20 -24.76 -5.80 47.04
CA THR G 20 -24.29 -5.97 45.67
C THR G 20 -25.48 -6.34 44.79
N LEU G 21 -25.85 -5.42 43.89
CA LEU G 21 -26.90 -5.69 42.92
C LEU G 21 -26.34 -6.53 41.78
N SER G 22 -27.24 -7.10 40.99
CA SER G 22 -26.84 -7.91 39.85
C SER G 22 -27.76 -7.62 38.66
N CYS G 23 -27.17 -7.59 37.47
CA CYS G 23 -27.92 -7.35 36.24
C CYS G 23 -27.14 -7.99 35.10
N LYS G 24 -27.77 -8.95 34.42
CA LYS G 24 -27.13 -9.70 33.34
C LYS G 24 -27.98 -9.60 32.09
N ALA G 25 -27.33 -9.27 30.97
CA ALA G 25 -28.02 -9.10 29.70
C ALA G 25 -28.05 -10.40 28.91
N SER G 26 -28.93 -10.45 27.91
CA SER G 26 -29.04 -11.64 27.06
C SER G 26 -27.83 -11.76 26.14
N GLU G 27 -27.41 -10.65 25.55
CA GLU G 27 -26.22 -10.65 24.69
C GLU G 27 -25.39 -9.42 25.02
N TYR G 28 -24.42 -9.10 24.14
CA TYR G 28 -23.45 -8.06 24.42
C TYR G 28 -24.10 -6.67 24.44
N VAL G 29 -24.05 -6.02 25.60
CA VAL G 29 -24.21 -4.57 25.71
C VAL G 29 -22.90 -4.04 26.27
N GLY G 30 -22.32 -3.05 25.60
CA GLY G 30 -20.95 -2.67 25.89
C GLY G 30 -20.75 -1.97 27.21
N THR G 31 -21.22 -0.74 27.29
CA THR G 31 -21.08 0.08 28.49
C THR G 31 -22.36 0.79 28.84
N TYR G 32 -23.26 1.00 27.88
CA TYR G 32 -24.48 1.79 28.04
C TYR G 32 -25.51 0.99 28.83
N VAL G 33 -25.26 0.86 30.13
CA VAL G 33 -26.16 0.18 31.05
C VAL G 33 -26.43 1.13 32.20
N SER G 34 -27.65 1.62 32.31
CA SER G 34 -27.97 2.71 33.21
C SER G 34 -28.71 2.18 34.43
N TRP G 35 -28.42 2.79 35.58
CA TRP G 35 -29.03 2.39 36.85
C TRP G 35 -29.96 3.51 37.32
N TYR G 36 -31.22 3.16 37.54
CA TYR G 36 -32.25 4.11 37.93
C TYR G 36 -32.88 3.66 39.25
N GLN G 37 -33.11 4.61 40.15
CA GLN G 37 -33.84 4.34 41.38
C GLN G 37 -35.24 4.94 41.25
N GLN G 38 -36.17 4.38 42.03
CA GLN G 38 -37.57 4.82 41.97
C GLN G 38 -38.08 4.94 43.41
N LYS G 39 -38.07 6.15 43.94
CA LYS G 39 -38.70 6.39 45.22
C LYS G 39 -40.23 6.28 45.05
N PRO G 40 -40.94 5.77 46.06
CA PRO G 40 -42.37 5.45 45.86
C PRO G 40 -43.22 6.71 45.70
N GLU G 41 -44.03 6.71 44.64
CA GLU G 41 -44.86 7.84 44.21
C GLU G 41 -44.03 9.11 43.97
N GLN G 42 -42.86 8.93 43.35
CA GLN G 42 -42.10 10.03 42.76
C GLN G 42 -41.60 9.57 41.39
N SER G 43 -40.70 10.35 40.81
CA SER G 43 -40.12 10.21 39.48
C SER G 43 -38.77 9.50 39.57
N PRO G 44 -38.41 8.71 38.56
CA PRO G 44 -37.08 8.07 38.56
C PRO G 44 -35.97 9.09 38.32
N LYS G 45 -34.78 8.75 38.79
CA LYS G 45 -33.58 9.55 38.56
C LYS G 45 -32.46 8.61 38.14
N LEU G 46 -31.28 9.19 37.88
CA LEU G 46 -30.15 8.48 37.31
C LEU G 46 -29.06 8.33 38.36
N LEU G 47 -28.51 7.11 38.48
CA LEU G 47 -27.38 6.86 39.36
C LEU G 47 -26.05 6.78 38.60
N ILE G 48 -25.95 5.87 37.65
CA ILE G 48 -24.72 5.65 36.89
C ILE G 48 -25.07 5.68 35.41
N TYR G 49 -24.57 6.68 34.70
CA TYR G 49 -24.72 6.75 33.25
C TYR G 49 -23.51 6.07 32.61
N GLY G 50 -23.76 5.19 31.66
CA GLY G 50 -22.68 4.30 31.26
C GLY G 50 -22.46 3.28 32.37
N ALA G 51 -21.31 2.63 32.31
CA ALA G 51 -20.93 1.68 33.35
C ALA G 51 -19.71 2.21 34.07
N SER G 52 -19.78 2.20 35.42
CA SER G 52 -18.75 2.73 36.31
C SER G 52 -18.45 4.20 36.02
N ASN G 53 -19.50 5.01 36.03
CA ASN G 53 -19.37 6.45 35.78
C ASN G 53 -20.49 7.15 36.53
N ARG G 54 -20.15 7.75 37.67
CA ARG G 54 -21.16 8.29 38.57
C ARG G 54 -21.76 9.57 38.02
N TYR G 55 -23.06 9.73 38.22
CA TYR G 55 -23.76 10.93 37.82
C TYR G 55 -23.47 12.07 38.81
N THR G 56 -23.83 13.29 38.41
CA THR G 56 -23.64 14.45 39.27
C THR G 56 -24.76 14.51 40.29
N GLY G 57 -24.39 14.69 41.57
CA GLY G 57 -25.34 14.88 42.64
C GLY G 57 -25.61 13.66 43.48
N VAL G 58 -25.35 12.46 42.98
CA VAL G 58 -25.56 11.25 43.75
C VAL G 58 -24.33 11.03 44.64
N PRO G 59 -24.48 10.39 45.81
CA PRO G 59 -23.32 10.22 46.69
C PRO G 59 -22.31 9.22 46.15
N ASP G 60 -21.11 9.26 46.75
CA ASP G 60 -19.99 8.44 46.32
C ASP G 60 -20.09 6.99 46.78
N ARG G 61 -21.08 6.64 47.61
CA ARG G 61 -21.24 5.25 48.03
C ARG G 61 -21.74 4.39 46.88
N PHE G 62 -22.49 4.96 45.94
CA PHE G 62 -22.95 4.23 44.77
C PHE G 62 -21.79 4.04 43.79
N THR G 63 -21.59 2.80 43.36
CA THR G 63 -20.57 2.51 42.36
C THR G 63 -21.01 1.29 41.55
N GLY G 64 -20.42 1.14 40.37
CA GLY G 64 -20.77 0.05 39.49
C GLY G 64 -19.54 -0.51 38.81
N SER G 65 -19.71 -1.67 38.19
CA SER G 65 -18.66 -2.33 37.43
C SER G 65 -19.22 -2.81 36.11
N GLY G 66 -18.49 -2.56 35.03
CA GLY G 66 -18.96 -2.84 33.69
C GLY G 66 -18.21 -3.99 33.05
N SER G 67 -18.88 -4.65 32.12
CA SER G 67 -18.32 -5.80 31.40
C SER G 67 -19.09 -5.94 30.10
N ALA G 68 -18.96 -7.09 29.45
CA ALA G 68 -19.73 -7.36 28.24
C ALA G 68 -21.15 -7.79 28.56
N THR G 69 -21.33 -8.63 29.58
CA THR G 69 -22.64 -9.20 29.88
C THR G 69 -23.15 -8.83 31.26
N ASP G 70 -22.35 -9.05 32.31
CA ASP G 70 -22.81 -8.91 33.68
C ASP G 70 -22.44 -7.54 34.24
N PHE G 71 -23.39 -6.94 34.98
CA PHE G 71 -23.21 -5.62 35.55
C PHE G 71 -23.73 -5.62 36.98
N THR G 72 -22.93 -5.06 37.90
CA THR G 72 -23.27 -5.00 39.31
C THR G 72 -23.33 -3.55 39.79
N LEU G 73 -24.26 -3.27 40.69
CA LEU G 73 -24.32 -1.99 41.39
C LEU G 73 -24.02 -2.24 42.86
N THR G 74 -23.08 -1.46 43.40
CA THR G 74 -22.57 -1.70 44.75
C THR G 74 -22.73 -0.44 45.59
N ILE G 75 -23.28 -0.60 46.78
CA ILE G 75 -23.36 0.47 47.78
C ILE G 75 -22.54 0.05 48.98
N GLY G 76 -21.55 0.86 49.34
CA GLY G 76 -20.67 0.52 50.45
C GLY G 76 -21.37 0.58 51.80
N SER G 77 -22.22 1.57 52.00
CA SER G 77 -22.95 1.74 53.25
C SER G 77 -24.36 2.22 52.94
N VAL G 78 -25.35 1.37 53.20
CA VAL G 78 -26.74 1.72 52.95
C VAL G 78 -27.19 2.74 54.00
N GLN G 79 -27.84 3.80 53.53
CA GLN G 79 -28.29 4.88 54.40
C GLN G 79 -29.81 4.85 54.55
N ALA G 80 -30.34 5.86 55.23
CA ALA G 80 -31.77 5.96 55.51
C ALA G 80 -32.55 6.64 54.39
N GLU G 81 -31.88 7.17 53.37
CA GLU G 81 -32.55 7.86 52.27
C GLU G 81 -32.60 7.03 51.00
N ASP G 82 -32.25 5.75 51.07
CA ASP G 82 -32.20 4.89 49.90
C ASP G 82 -33.41 3.97 49.79
N LEU G 83 -34.58 4.45 50.21
CA LEU G 83 -35.81 3.65 50.19
C LEU G 83 -36.39 3.68 48.79
N ALA G 84 -35.78 2.91 47.90
CA ALA G 84 -36.17 2.89 46.50
C ALA G 84 -35.73 1.58 45.87
N ASP G 85 -36.49 1.12 44.89
CA ASP G 85 -36.10 -0.03 44.10
C ASP G 85 -35.28 0.42 42.90
N TYR G 86 -34.28 -0.40 42.55
CA TYR G 86 -33.28 -0.03 41.58
C TYR G 86 -33.51 -0.78 40.27
N HIS G 87 -33.60 -0.04 39.17
CA HIS G 87 -33.87 -0.60 37.85
C HIS G 87 -32.60 -0.56 37.01
N CYS G 88 -32.29 -1.68 36.36
CA CYS G 88 -31.15 -1.78 35.47
C CYS G 88 -31.65 -1.71 34.03
N GLY G 89 -31.17 -0.73 33.28
CA GLY G 89 -31.52 -0.56 31.89
C GLY G 89 -30.36 -0.91 30.96
N GLN G 90 -30.58 -0.65 29.67
CA GLN G 90 -29.54 -0.79 28.67
C GLN G 90 -29.85 0.17 27.52
N SER G 91 -28.81 0.51 26.75
CA SER G 91 -28.98 1.46 25.68
C SER G 91 -28.18 1.13 24.42
N TYR G 92 -27.54 -0.04 24.35
CA TYR G 92 -26.78 -0.42 23.16
C TYR G 92 -27.71 -0.71 21.98
N SER G 93 -28.96 -1.03 22.25
CA SER G 93 -30.01 -1.17 21.25
C SER G 93 -31.14 -0.25 21.65
N TYR G 94 -32.32 -0.44 21.09
CA TYR G 94 -33.52 0.20 21.64
C TYR G 94 -33.66 -0.20 23.10
N PRO G 95 -33.94 0.74 24.00
CA PRO G 95 -33.76 0.49 25.44
C PRO G 95 -34.80 -0.45 26.02
N THR G 96 -34.35 -1.32 26.91
CA THR G 96 -35.19 -2.24 27.65
C THR G 96 -34.77 -2.19 29.12
N PHE G 97 -35.63 -2.71 29.99
CA PHE G 97 -35.41 -2.61 31.42
C PHE G 97 -35.66 -3.95 32.09
N GLY G 98 -35.04 -4.11 33.26
CA GLY G 98 -35.32 -5.25 34.10
C GLY G 98 -36.55 -5.02 34.95
N ALA G 99 -36.84 -6.02 35.79
CA ALA G 99 -38.01 -5.95 36.66
C ALA G 99 -37.76 -5.09 37.91
N GLY G 100 -36.53 -4.67 38.16
CA GLY G 100 -36.20 -3.93 39.35
C GLY G 100 -35.87 -4.84 40.52
N THR G 101 -35.38 -4.21 41.59
CA THR G 101 -35.02 -4.93 42.81
C THR G 101 -35.42 -4.09 44.01
N LYS G 102 -36.45 -4.51 44.71
CA LYS G 102 -36.93 -3.78 45.88
C LYS G 102 -36.03 -4.02 47.07
N LEU G 103 -36.16 -3.14 48.06
CA LEU G 103 -35.43 -3.29 49.32
C LEU G 103 -36.26 -2.66 50.44
N GLU G 104 -35.94 -3.05 51.66
CA GLU G 104 -36.66 -2.56 52.83
C GLU G 104 -35.70 -2.46 54.00
N LEU G 105 -36.07 -1.63 54.97
CA LEU G 105 -35.26 -1.38 56.15
C LEU G 105 -35.98 -1.87 57.39
N LYS G 106 -35.19 -2.31 58.38
CA LYS G 106 -35.75 -2.81 59.63
C LYS G 106 -36.28 -1.66 60.50
C1 NAG H . -16.76 25.71 -30.00
C2 NAG H . -16.42 25.17 -31.39
C3 NAG H . -17.69 24.86 -32.16
C4 NAG H . -18.65 24.01 -31.33
C5 NAG H . -18.84 24.59 -29.94
C6 NAG H . -19.65 23.69 -29.03
C7 NAG H . -15.78 27.27 -32.68
C8 NAG H . -17.01 28.01 -32.24
N2 NAG H . -15.55 26.06 -32.14
O3 NAG H . -17.33 24.20 -33.36
O4 NAG H . -19.94 24.01 -31.97
O5 NAG H . -17.56 24.75 -29.32
O6 NAG H . -19.01 22.43 -28.88
O7 NAG H . -14.98 27.77 -33.47
C1 NAG H . -20.05 22.81 -32.73
C2 NAG H . -21.45 22.23 -32.58
C3 NAG H . -21.59 20.96 -33.43
C4 NAG H . -21.11 21.21 -34.87
C5 NAG H . -19.72 21.83 -34.87
C6 NAG H . -19.25 22.21 -36.26
C7 NAG H . -21.24 21.00 -30.44
C8 NAG H . -21.93 20.71 -29.15
N2 NAG H . -21.79 21.94 -31.20
O3 NAG H . -22.95 20.57 -33.41
O4 NAG H . -21.05 19.95 -35.54
O5 NAG H . -19.74 23.04 -34.09
O6 NAG H . -19.20 21.08 -37.11
O7 NAG H . -20.20 20.41 -30.76
C1 NAG I . -21.78 -6.17 -14.24
C2 NAG I . -22.50 -6.11 -15.59
C3 NAG I . -23.56 -5.00 -15.56
C4 NAG I . -24.48 -5.13 -14.35
C5 NAG I . -23.66 -5.26 -13.07
C6 NAG I . -24.49 -5.56 -11.85
C7 NAG I . -21.76 -6.27 -17.93
C8 NAG I . -20.68 -5.95 -18.91
N2 NAG I . -21.56 -5.87 -16.67
O3 NAG I . -24.34 -5.06 -16.76
O4 NAG I . -25.28 -3.96 -14.24
O5 NAG I . -22.72 -6.34 -13.20
O6 NAG I . -23.70 -6.09 -10.80
O7 NAG I . -22.79 -6.85 -18.27
C1 NAG I . -26.66 -4.21 -14.56
C2 NAG I . -27.51 -3.27 -13.70
C3 NAG I . -28.99 -3.42 -14.04
C4 NAG I . -29.23 -3.28 -15.54
C5 NAG I . -28.29 -4.19 -16.32
C6 NAG I . -28.36 -3.99 -17.82
C7 NAG I . -26.58 -2.74 -11.46
C8 NAG I . -25.95 -1.52 -12.07
N2 NAG I . -27.30 -3.52 -12.28
O3 NAG I . -29.73 -2.44 -13.33
O4 NAG I . -30.57 -3.64 -15.84
O5 NAG I . -26.93 -3.96 -15.94
O6 NAG I . -28.46 -2.61 -18.14
O7 NAG I . -26.43 -3.02 -10.28
C1 BMA I . -31.38 -2.51 -16.22
C2 BMA I . -32.49 -3.03 -17.17
C3 BMA I . -33.55 -1.94 -17.43
C4 BMA I . -34.01 -1.27 -16.13
C5 BMA I . -32.78 -0.72 -15.37
C6 BMA I . -33.14 -0.04 -14.07
O2 BMA I . -33.17 -4.12 -16.57
O3 BMA I . -34.66 -2.46 -18.14
O4 BMA I . -34.90 -0.20 -16.43
O5 BMA I . -31.91 -1.85 -15.08
O6 BMA I . -34.22 0.85 -14.31
C1 NAG J . -6.05 17.47 -2.87
C2 NAG J . -4.61 17.96 -3.01
C3 NAG J . -4.54 19.45 -2.70
C4 NAG J . -5.54 20.24 -3.55
C5 NAG J . -6.94 19.63 -3.43
C6 NAG J . -7.93 20.26 -4.37
C7 NAG J . -2.94 16.22 -2.61
C8 NAG J . -2.08 15.55 -1.59
N2 NAG J . -3.71 17.21 -2.15
O3 NAG J . -3.22 19.91 -2.94
O4 NAG J . -5.60 21.59 -3.09
O5 NAG J . -6.91 18.23 -3.74
O6 NAG J . -7.80 19.74 -5.69
O7 NAG J . -2.93 15.89 -3.79
C1 NAG J . -4.96 22.50 -4.01
C2 NAG J . -5.50 23.92 -3.76
C3 NAG J . -4.78 24.93 -4.65
C4 NAG J . -3.27 24.81 -4.50
C5 NAG J . -2.83 23.37 -4.74
C6 NAG J . -1.36 23.15 -4.48
C7 NAG J . -7.70 23.78 -4.97
C8 NAG J . -9.17 23.97 -4.79
N2 NAG J . -6.95 24.02 -3.87
O3 NAG J . -5.20 26.24 -4.31
O4 NAG J . -2.62 25.67 -5.43
O5 NAG J . -3.53 22.48 -3.86
O6 NAG J . -1.05 23.34 -3.10
O7 NAG J . -7.22 23.43 -6.05
C1 NAG K . 30.62 31.87 12.31
C2 NAG K . 31.70 31.77 13.38
C3 NAG K . 33.08 31.92 12.74
C4 NAG K . 33.27 30.93 11.59
C5 NAG K . 32.10 31.02 10.61
C6 NAG K . 32.12 29.95 9.55
C7 NAG K . 31.27 32.51 15.70
C8 NAG K . 31.18 31.06 16.07
N2 NAG K . 31.51 32.78 14.41
O3 NAG K . 34.08 31.73 13.72
O4 NAG K . 34.47 31.24 10.90
O5 NAG K . 30.85 30.87 11.31
O6 NAG K . 31.81 30.47 8.26
O7 NAG K . 31.11 33.40 16.54
C1 NAG K . 35.48 30.21 10.98
C2 NAG K . 36.78 30.83 11.51
C3 NAG K . 37.89 29.78 11.60
C4 NAG K . 37.41 28.57 12.40
C5 NAG K . 36.09 28.03 11.86
C6 NAG K . 35.51 26.93 12.72
C7 NAG K . 37.54 32.05 9.43
C8 NAG K . 37.95 33.39 8.92
N2 NAG K . 37.21 32.00 10.74
O3 NAG K . 39.04 30.36 12.22
O4 NAG K . 38.39 27.53 12.35
O5 NAG K . 35.11 29.09 11.83
O6 NAG K . 35.14 27.40 13.99
O7 NAG K . 37.52 31.05 8.70
C1 NAG L . 35.34 6.32 -11.83
C2 NAG L . 36.84 6.53 -11.59
C3 NAG L . 37.22 7.99 -11.78
C4 NAG L . 36.76 8.50 -13.14
C5 NAG L . 35.27 8.22 -13.33
C6 NAG L . 34.77 8.56 -14.71
C7 NAG L . 36.96 6.42 -9.08
C8 NAG L . 37.62 5.71 -7.94
N2 NAG L . 37.32 6.01 -10.31
O3 NAG L . 38.63 8.13 -11.61
O4 NAG L . 36.92 9.91 -13.24
O5 NAG L . 34.99 6.83 -13.13
O6 NAG L . 35.82 8.48 -15.66
O7 NAG L . 36.12 7.30 -8.89
C1 NAG L . 38.11 10.31 -13.93
C2 NAG L . 37.86 11.60 -14.71
C3 NAG L . 39.16 12.13 -15.31
C4 NAG L . 40.26 12.25 -14.26
C5 NAG L . 40.43 10.91 -13.54
C6 NAG L . 41.41 10.96 -12.39
C7 NAG L . 35.67 11.99 -15.73
C8 NAG L . 34.77 11.66 -16.88
N2 NAG L . 36.87 11.40 -15.74
O3 NAG L . 38.92 13.39 -15.91
O4 NAG L . 41.49 12.62 -14.87
O5 NAG L . 39.17 10.51 -12.98
O6 NAG L . 41.14 12.07 -11.53
O7 NAG L . 35.32 12.75 -14.83
C1 BMA L . 41.84 13.96 -14.48
C2 BMA L . 43.36 14.19 -14.72
C3 BMA L . 43.72 15.66 -14.46
C4 BMA L . 42.74 16.64 -15.16
C5 BMA L . 41.29 16.28 -14.80
C6 BMA L . 40.26 17.16 -15.48
O2 BMA L . 43.69 13.92 -16.07
O3 BMA L . 45.06 15.95 -14.85
O4 BMA L . 43.02 17.98 -14.77
O5 BMA L . 41.06 14.92 -15.19
O6 BMA L . 40.23 18.42 -14.83
C1 NAG M . 9.41 18.26 -4.89
C2 NAG M . 9.48 19.07 -3.59
C3 NAG M . 8.62 18.43 -2.49
C4 NAG M . 7.20 18.19 -3.00
C5 NAG M . 7.27 17.34 -4.27
C6 NAG M . 5.92 17.06 -4.89
C7 NAG M . 11.56 20.35 -3.15
C8 NAG M . 10.84 21.58 -3.68
N2 NAG M . 10.86 19.21 -3.14
O3 NAG M . 8.62 19.29 -1.36
O4 NAG M . 6.42 17.50 -2.02
O5 NAG M . 8.03 18.05 -5.25
O6 NAG M . 5.92 15.80 -5.56
O7 NAG M . 12.71 20.41 -2.76
C1 NAG M . 5.49 18.43 -1.40
C2 NAG M . 4.20 17.71 -1.02
C3 NAG M . 3.28 18.66 -0.26
C4 NAG M . 4.00 19.25 0.95
C5 NAG M . 5.28 19.94 0.48
C6 NAG M . 6.11 20.47 1.62
C7 NAG M . 3.34 15.89 -2.43
C8 NAG M . 2.63 15.53 -3.70
N2 NAG M . 3.52 17.19 -2.20
O3 NAG M . 2.11 17.96 0.14
O4 NAG M . 3.15 20.20 1.60
O5 NAG M . 6.10 18.99 -0.21
O6 NAG M . 6.11 19.58 2.74
O7 NAG M . 3.75 15.03 -1.65
C1 BMA M . 2.72 19.74 2.89
C2 BMA M . 1.87 20.88 3.52
C3 BMA M . 1.12 20.38 4.77
C4 BMA M . 0.42 19.04 4.53
C5 BMA M . 1.44 18.02 4.02
C6 BMA M . 0.82 16.66 3.75
O2 BMA M . 0.88 21.32 2.61
O3 BMA M . 0.15 21.34 5.18
O4 BMA M . -0.17 18.57 5.72
O5 BMA M . 1.98 18.52 2.79
O6 BMA M . 1.82 15.78 3.25
C1 MAN M . 1.26 14.45 3.25
C2 MAN M . 2.40 13.46 3.68
C3 MAN M . 3.38 13.18 2.53
C4 MAN M . 2.65 12.86 1.22
C5 MAN M . 1.68 13.99 0.89
C6 MAN M . 0.91 13.71 -0.37
O2 MAN M . 1.88 12.20 4.05
O3 MAN M . 4.30 12.12 2.87
O4 MAN M . 3.58 12.71 0.17
O5 MAN M . 0.74 14.13 1.96
O6 MAN M . 0.31 12.42 -0.25
C1 MAN M . 5.72 12.49 2.84
C2 MAN M . 6.12 12.97 4.31
C3 MAN M . 6.32 14.46 4.40
C4 MAN M . 7.30 14.90 3.36
C5 MAN M . 6.63 14.81 2.01
C6 MAN M . 7.55 15.13 0.85
O2 MAN M . 7.36 12.40 4.71
O3 MAN M . 6.75 14.85 5.70
O4 MAN M . 7.67 16.24 3.60
O5 MAN M . 6.05 13.45 1.75
O6 MAN M . 8.76 14.42 1.02
C1 MAN M . 0.64 22.04 6.35
C2 MAN M . -0.58 22.36 7.25
C3 MAN M . -1.44 23.50 6.64
C4 MAN M . -0.59 24.69 6.18
C5 MAN M . 0.55 24.21 5.26
C6 MAN M . 1.50 25.32 4.87
O2 MAN M . -0.19 22.82 8.55
O3 MAN M . -2.45 23.94 7.53
O4 MAN M . -1.39 25.62 5.47
O5 MAN M . 1.33 23.22 5.96
O6 MAN M . 2.73 24.73 4.48
N ABU N . -22.18 9.28 -2.00
CD ABU N . -21.88 10.28 -0.94
CB ABU N . -22.15 9.72 0.43
CG ABU N . -21.89 10.75 1.52
C ABU N . -22.11 10.25 2.92
O ABU N . -21.09 10.13 3.65
OXT ABU N . -23.27 9.99 3.29
C1 PIO O . 10.88 -63.06 11.50
O1 PIO O . 10.84 -61.63 11.39
P1 PIO O . 9.45 -60.82 11.66
C2 PIO O . 11.80 -63.42 12.68
O2 PIO O . 13.09 -62.84 12.47
C3 PIO O . 11.91 -64.93 12.81
O3 PIO O . 12.79 -65.27 13.88
C4 PIO O . 12.41 -65.54 11.51
O4 PIO O . 12.42 -66.98 11.64
P4 PIO O . 13.78 -67.79 12.00
C5 PIO O . 11.52 -65.15 10.34
O5 PIO O . 12.09 -65.69 9.13
P5 PIO O . 11.34 -66.82 8.23
C6 PIO O . 11.41 -63.64 10.20
O6 PIO O . 10.53 -63.30 9.13
O11 PIO O . 9.50 -59.46 11.11
O12 PIO O . 8.27 -61.66 11.36
O13 PIO O . 9.55 -60.75 13.25
C1A PIO O . 8.32 -59.68 16.57
O1A PIO O . 8.59 -60.63 17.26
C1B PIO O . 11.30 -56.90 16.81
O1B PIO O . 11.51 -57.25 17.95
C1C PIO O . 10.60 -59.97 13.87
C2A PIO O . 7.09 -58.84 16.72
C2B PIO O . 11.05 -55.49 16.38
C2C PIO O . 10.37 -59.94 15.35
O2C PIO O . 9.10 -59.23 15.59
C3A PIO O . 7.37 -57.51 17.40
C3B PIO O . 11.09 -54.48 17.52
C3C PIO O . 11.44 -59.15 16.06
O3C PIO O . 11.23 -57.74 15.79
O41 PIO O . 13.72 -68.03 13.50
O42 PIO O . 14.92 -66.90 11.59
O43 PIO O . 13.73 -69.08 11.21
C4A PIO O . 6.15 -56.59 17.44
C4B PIO O . 10.85 -53.05 17.06
O51 PIO O . 12.42 -67.80 7.81
O52 PIO O . 10.71 -66.08 7.06
O53 PIO O . 10.31 -67.45 9.15
C5A PIO O . 6.42 -55.24 18.07
C5B PIO O . 9.47 -52.82 16.44
C6A PIO O . 5.20 -54.33 18.13
C6B PIO O . 9.25 -51.39 15.97
C7A PIO O . 4.61 -54.01 16.77
C7B PIO O . 7.88 -51.15 15.35
C8A PIO O . 3.44 -53.04 16.86
C8B PIO O . 7.70 -49.74 14.84
C1 NAG P . 16.51 8.99 32.24
C2 NAG P . 17.48 10.03 32.82
C3 NAG P . 17.55 9.90 34.34
C4 NAG P . 16.15 9.95 34.96
C5 NAG P . 15.26 8.89 34.30
C6 NAG P . 13.84 8.92 34.81
C7 NAG P . 19.51 10.84 31.67
C8 NAG P . 18.88 12.21 31.65
N2 NAG P . 18.81 9.86 32.24
O3 NAG P . 18.34 10.96 34.87
O4 NAG P . 16.23 9.70 36.36
O5 NAG P . 15.22 9.12 32.89
O6 NAG P . 12.90 8.89 33.73
O7 NAG P . 20.63 10.65 31.19
N ABU Q . 22.90 21.86 -16.87
CD ABU Q . 21.69 21.21 -17.45
CB ABU Q . 21.34 21.82 -18.78
CG ABU Q . 20.15 21.12 -19.40
C ABU Q . 19.88 21.54 -20.84
O ABU Q . 19.24 20.76 -21.58
OXT ABU Q . 20.31 22.66 -21.19
C1 PIO R . 13.42 -58.35 -31.33
O1 PIO R . 13.09 -57.09 -30.71
P1 PIO R . 13.91 -55.74 -31.10
C2 PIO R . 12.20 -58.89 -32.04
O2 PIO R . 11.14 -59.09 -31.11
C3 PIO R . 12.53 -60.21 -32.73
O3 PIO R . 11.37 -60.73 -33.36
C4 PIO R . 13.08 -61.21 -31.73
O4 PIO R . 13.54 -62.38 -32.44
P4 PIO R . 12.91 -63.85 -32.20
C5 PIO R . 14.25 -60.64 -30.93
O5 PIO R . 14.61 -61.60 -29.91
P5 PIO R . 16.15 -61.90 -29.47
C6 PIO R . 13.91 -59.32 -30.27
O6 PIO R . 15.06 -58.79 -29.61
O11 PIO R . 13.63 -54.65 -30.14
O12 PIO R . 15.31 -56.04 -31.44
O13 PIO R . 13.16 -55.41 -32.47
C1A PIO R . 12.18 -54.21 -35.95
O1A PIO R . 11.77 -55.18 -36.52
C1B PIO R . 8.49 -52.65 -33.48
O1B PIO R . 7.50 -53.33 -33.41
C1C PIO R . 11.79 -54.96 -32.46
C2A PIO R . 12.94 -53.08 -36.59
C2B PIO R . 8.54 -51.17 -33.32
C2C PIO R . 11.25 -54.97 -33.87
O2C PIO R . 11.99 -53.97 -34.64
C3A PIO R . 12.26 -51.74 -36.46
C3B PIO R . 7.95 -50.70 -32.00
C3C PIO R . 9.80 -54.59 -33.91
O3C PIO R . 9.71 -53.15 -33.73
O41 PIO R . 13.33 -64.68 -33.39
O42 PIO R . 11.41 -63.65 -32.12
O43 PIO R . 13.50 -64.35 -30.90
C4A PIO R . 13.21 -50.57 -36.63
C4B PIO R . 7.93 -49.18 -31.86
O51 PIO R . 16.24 -63.40 -29.33
O52 PIO R . 16.35 -61.18 -28.15
O53 PIO R . 17.00 -61.35 -30.59
C5A PIO R . 12.72 -49.28 -35.98
C5B PIO R . 9.31 -48.54 -31.87
C6A PIO R . 13.78 -48.19 -35.89
C6B PIO R . 9.29 -47.04 -31.68
C7A PIO R . 13.38 -47.03 -34.99
C7B PIO R . 10.67 -46.39 -31.68
C8A PIO R . 12.13 -46.33 -35.45
C8B PIO R . 10.62 -44.90 -31.44
#